data_6KOC
#
_entry.id   6KOC
#
_cell.length_a   113.930
_cell.length_b   162.200
_cell.length_c   151.320
_cell.angle_alpha   90.000
_cell.angle_beta   109.760
_cell.angle_gamma   90.000
#
_symmetry.space_group_name_H-M   'P 1 21 1'
#
loop_
_entity.id
_entity.type
_entity.pdbx_description
1 polymer 'AA3-600 quinol oxidase subunit I'
2 polymer 'Quinol oxidase subunit 2'
3 polymer 'AA3-600 quinol oxidase subunit IIII'
4 polymer 'Quinol oxidase subunit 4,Quinol oxidase subunit 4'
5 non-polymer HEME-A
6 non-polymer 'COPPER (II) ION'
7 non-polymer 2-heptyl-3-iodanyl-1-oxidanyl-quinolin-4-one
#
loop_
_entity_poly.entity_id
_entity_poly.type
_entity_poly.pdbx_seq_one_letter_code
_entity_poly.pdbx_strand_id
1 'polypeptide(L)'
;MKFKWDEFFVTGDPLILGAQVSIALSTIAIIFVLTYFKKWKWLWSEWITTVDHKKLGIMYIISAVIMLFRGGVDGLMMRA
QLALPNNSFLDSNHYNEIFTTHGTIMIIFMAMPFLIGLINVVVPLQIGARDVAFPYLNNLSFWTFFVGAMLFNISFVIGG
SPNAGWTSYMPLASNDMSPGPGENYYLLGLQIAGIGTLMTGINFMVTILKMRTKGMTLMRMPMFTWTTLITMVIIVFAFP
VLTVALALLSFDRLFGAHFFTLEAGGMPMLWANLFWIWGHPEVYIVILPAFGIFSEIISSFARKQLFGYKAMVGSIIAIS
VLSFLVWTHHFFTMGNSASVNSFFSITTMAISIPTGVKIFNWLFTMYKGRISFTTPMLWALAFIPNFVIGGVTGVMLAMA
AADYQYHNTYFLVSHFHYVLIAGTVFACFAGFIFWYPKMFGHKLNERIGKWFFWIFMIGFNICFFPQYFLGLQGMPRRIY
TYGPNDGWTTLNFISTVGAFMMGVGFLILCYNIYYSFRYSTREISGDSWGVGRTLDWATSSAIPPHYNFAVLPEVKSQDA
FLHMKEEKTELYPESKFKKIHMPSNSGRPFFMSVAFGLAGFGLVFEWYWMGVVGLIGVLLCMVLRSFEYDNGYYISVDEI
KETERKISE
;
A,E
2 'polypeptide(L)'
;CSNASVLDPKGPVAEQQSDLILLSIGFMLFIVGVVFVLFTIILVKYRDRKGKDNGSYNPEIHGNTFLEVVWTVIPILIVI
ALSVPTVQTIYSLEKAPEATKDKEPLVVYATSVDWKWVFSYPEQDIETVNYLNIPVDRPILFKISSADSMASLWIPQLGG
QKYAMAGMLMDQYLQADKVGTYEGRNANFTGEHFADQEFDVNAVTEKDFNSWVKKTQNEAPKLTKEKYDELMLPENVDEL
TFSSTHLKYVDHGQDAEYAMEARKRLGYQAVSPHSKTDPFENVKKNEFKKSDDTEE
;
B,F
3 'polypeptide(L)'
;MEHAEHGNSNAPMEYQSETGRLNILGFWIFLGAEIVLFSTLFATFFVLKNRTAGGVLPDELFEVNLVMIMTFLLLISSFT
CGIAVHEMRRGSLKGVVIWTIITLLLGAGFVGCEINEFVHYVHEGAALSTSAFWSGFFVLLGTHGTHVTIGIFWITGILI
QLKKRGLTPQTSSKIFISSLYWHFLDVVWIFIFTGVYLMGLGGL
;
C,G
4 'polypeptide(L)'
;(UNK)(UNK)(UNK)(UNK)(UNK)(UNK)(UNK)(UNK)(UNK)(UNK)(UNK)(UNK)(UNK)(UNK)(UNK)(UNK)
(UNK)(UNK)(UNK)(UNK)(UNK)(UNK)(UNK)(UNK)(UNK)(UNK)(UNK)(UNK)(UNK)(UNK)(UNK)(UNK)
(UNK)(UNK)(UNK)(UNK)(UNK)(UNK)(UNK)(UNK)(UNK)(UNK)(UNK)(UNK)(UNK)(UNK)FGFAFIQAAL
QLLMFMHMTESENGTIQVGNTLFGFFGAIVIVLGSIWIFAAHYHHGDHMDGNPPGGAEHSEHSGHNE
;
D,H
#
# COMPACT_ATOMS: atom_id res chain seq x y z
N PRO A 14 16.66 -12.69 -16.37
CA PRO A 14 17.30 -13.31 -15.21
C PRO A 14 18.19 -14.49 -15.57
N LEU A 15 17.88 -15.16 -16.68
CA LEU A 15 18.68 -16.30 -17.10
C LEU A 15 20.01 -15.85 -17.67
N ILE A 16 20.03 -14.74 -18.41
CA ILE A 16 21.28 -14.26 -19.00
C ILE A 16 22.21 -13.72 -17.92
N LEU A 17 21.67 -12.98 -16.96
CA LEU A 17 22.47 -12.38 -15.90
C LEU A 17 23.04 -13.40 -14.92
N GLY A 18 22.71 -14.68 -15.08
CA GLY A 18 23.24 -15.71 -14.21
C GLY A 18 24.58 -16.24 -14.68
N ALA A 19 24.88 -16.05 -15.96
CA ALA A 19 26.13 -16.52 -16.53
C ALA A 19 27.28 -15.53 -16.33
N GLN A 20 27.00 -14.24 -16.49
CA GLN A 20 28.06 -13.24 -16.40
C GLN A 20 28.54 -13.06 -14.96
N VAL A 21 27.66 -13.28 -13.98
CA VAL A 21 28.09 -13.18 -12.59
C VAL A 21 29.11 -14.27 -12.27
N SER A 22 29.05 -15.39 -12.99
CA SER A 22 30.09 -16.40 -12.87
C SER A 22 31.33 -15.99 -13.66
N ILE A 23 31.14 -15.37 -14.83
CA ILE A 23 32.28 -14.87 -15.59
C ILE A 23 32.95 -13.70 -14.89
N ALA A 24 32.16 -12.86 -14.22
CA ALA A 24 32.74 -11.78 -13.44
C ALA A 24 33.56 -12.32 -12.27
N LEU A 25 33.08 -13.39 -11.63
CA LEU A 25 33.86 -14.03 -10.58
C LEU A 25 35.05 -14.79 -11.15
N SER A 26 34.96 -15.23 -12.41
CA SER A 26 36.07 -15.93 -13.02
C SER A 26 37.21 -14.98 -13.35
N THR A 27 36.89 -13.80 -13.92
CA THR A 27 37.92 -12.82 -14.24
C THR A 27 38.65 -12.37 -12.98
N ILE A 28 37.93 -12.22 -11.87
CA ILE A 28 38.58 -11.88 -10.60
C ILE A 28 39.44 -13.04 -10.12
N ALA A 29 38.98 -14.28 -10.35
CA ALA A 29 39.76 -15.44 -9.97
C ALA A 29 40.98 -15.63 -10.87
N ILE A 30 40.89 -15.19 -12.13
CA ILE A 30 42.02 -15.29 -13.04
C ILE A 30 43.14 -14.35 -12.61
N ILE A 31 42.78 -13.17 -12.10
CA ILE A 31 43.79 -12.19 -11.68
C ILE A 31 44.60 -12.73 -10.51
N PHE A 32 43.96 -13.49 -9.62
CA PHE A 32 44.66 -14.00 -8.45
C PHE A 32 45.71 -15.03 -8.83
N VAL A 33 45.39 -15.95 -9.74
CA VAL A 33 46.29 -17.05 -10.05
C VAL A 33 47.37 -16.60 -11.03
N LEU A 34 46.97 -16.05 -12.17
CA LEU A 34 47.94 -15.74 -13.23
C LEU A 34 48.77 -14.51 -12.91
N THR A 35 48.15 -13.47 -12.36
CA THR A 35 48.82 -12.19 -12.17
C THR A 35 49.36 -11.98 -10.76
N TYR A 36 48.62 -12.38 -9.73
CA TYR A 36 48.98 -12.07 -8.35
C TYR A 36 49.93 -13.10 -7.74
N PHE A 37 51.00 -13.42 -8.46
CA PHE A 37 52.07 -14.21 -7.85
C PHE A 37 52.85 -13.37 -6.83
N LYS A 38 53.10 -12.10 -7.16
CA LYS A 38 53.72 -11.14 -6.26
C LYS A 38 53.65 -9.74 -6.87
N LYS A 39 52.64 -8.96 -6.48
CA LYS A 39 52.38 -7.67 -7.11
C LYS A 39 52.69 -6.48 -6.22
N TRP A 40 53.10 -6.70 -4.97
CA TRP A 40 53.51 -5.58 -4.12
C TRP A 40 54.95 -5.21 -4.42
N LYS A 41 55.26 -4.95 -5.69
CA LYS A 41 56.60 -4.55 -6.10
C LYS A 41 56.54 -3.90 -7.47
N TRP A 42 55.56 -4.29 -8.27
CA TRP A 42 55.33 -3.71 -9.59
C TRP A 42 53.97 -3.07 -9.75
N LEU A 43 52.91 -3.73 -9.26
CA LEU A 43 51.57 -3.18 -9.39
C LEU A 43 51.34 -2.04 -8.38
N TRP A 44 51.67 -2.27 -7.11
CA TRP A 44 51.47 -1.26 -6.08
C TRP A 44 52.56 -0.19 -6.09
N SER A 45 53.70 -0.45 -6.73
CA SER A 45 54.82 0.50 -6.74
C SER A 45 54.76 1.41 -7.96
N GLU A 46 55.08 0.86 -9.13
CA GLU A 46 55.14 1.65 -10.36
C GLU A 46 53.76 1.88 -10.99
N TRP A 47 52.68 1.45 -10.35
CA TRP A 47 51.33 1.63 -10.90
C TRP A 47 50.37 1.91 -9.76
N ILE A 48 49.08 1.78 -10.04
CA ILE A 48 48.01 2.04 -9.08
C ILE A 48 48.12 3.45 -8.52
N THR A 49 49.07 3.65 -7.60
CA THR A 49 49.27 4.94 -6.95
C THR A 49 50.44 5.72 -7.56
N THR A 50 50.74 5.48 -8.83
CA THR A 50 51.83 6.17 -9.48
C THR A 50 51.50 7.65 -9.70
N VAL A 51 52.54 8.44 -9.90
CA VAL A 51 52.40 9.88 -10.02
C VAL A 51 52.69 10.40 -11.43
N ASP A 52 53.53 9.70 -12.20
CA ASP A 52 53.85 10.13 -13.56
C ASP A 52 52.58 10.23 -14.39
N HIS A 53 52.42 11.38 -15.06
CA HIS A 53 51.22 11.63 -15.84
C HIS A 53 51.10 10.67 -17.02
N LYS A 54 52.22 10.15 -17.51
CA LYS A 54 52.17 9.25 -18.66
C LYS A 54 51.45 7.95 -18.32
N LYS A 55 51.67 7.42 -17.12
CA LYS A 55 51.04 6.17 -16.72
C LYS A 55 49.58 6.35 -16.34
N LEU A 56 49.20 7.54 -15.89
CA LEU A 56 47.81 7.79 -15.51
C LEU A 56 46.91 7.83 -16.74
N GLY A 57 47.33 8.53 -17.78
CA GLY A 57 46.54 8.61 -19.00
C GLY A 57 46.36 7.26 -19.68
N ILE A 58 47.31 6.35 -19.48
CA ILE A 58 47.17 5.00 -20.03
C ILE A 58 46.02 4.26 -19.34
N MET A 59 45.95 4.35 -18.01
CA MET A 59 44.88 3.73 -17.26
C MET A 59 43.52 4.34 -17.57
N TYR A 60 43.49 5.56 -18.12
CA TYR A 60 42.22 6.18 -18.50
C TYR A 60 41.65 5.54 -19.76
N ILE A 61 42.45 5.45 -20.82
CA ILE A 61 41.93 4.97 -22.09
C ILE A 61 41.75 3.45 -22.09
N ILE A 62 42.57 2.72 -21.33
CA ILE A 62 42.40 1.28 -21.26
C ILE A 62 41.12 0.90 -20.55
N SER A 63 40.57 1.81 -19.74
CA SER A 63 39.24 1.58 -19.17
C SER A 63 38.15 1.87 -20.19
N ALA A 64 38.34 2.90 -21.03
CA ALA A 64 37.36 3.22 -22.05
C ALA A 64 37.26 2.11 -23.09
N VAL A 65 38.39 1.48 -23.42
CA VAL A 65 38.35 0.33 -24.33
C VAL A 65 37.64 -0.85 -23.66
N ILE A 66 37.81 -1.00 -22.35
CA ILE A 66 37.05 -2.01 -21.61
C ILE A 66 35.56 -1.68 -21.63
N MET A 67 35.22 -0.42 -21.38
CA MET A 67 33.83 0.01 -21.48
C MET A 67 33.32 -0.02 -22.90
N LEU A 68 34.22 -0.02 -23.89
CA LEU A 68 33.79 -0.14 -25.28
C LEU A 68 33.23 -1.52 -25.58
N PHE A 69 33.77 -2.56 -24.95
CA PHE A 69 33.22 -3.90 -25.14
C PHE A 69 31.97 -4.11 -24.31
N ARG A 70 31.93 -3.54 -23.10
CA ARG A 70 30.71 -3.58 -22.30
C ARG A 70 29.60 -2.80 -23.00
N GLY A 71 29.89 -1.58 -23.44
CA GLY A 71 28.96 -0.84 -24.26
C GLY A 71 28.79 -1.39 -25.66
N GLY A 72 29.69 -2.28 -26.10
CA GLY A 72 29.60 -2.87 -27.40
C GLY A 72 28.58 -3.98 -27.47
N VAL A 73 28.64 -4.90 -26.51
CA VAL A 73 27.63 -5.96 -26.45
C VAL A 73 26.26 -5.36 -26.17
N ASP A 74 26.21 -4.21 -25.48
CA ASP A 74 24.93 -3.54 -25.26
C ASP A 74 24.37 -2.98 -26.57
N GLY A 75 25.18 -2.19 -27.28
CA GLY A 75 24.69 -1.58 -28.51
C GLY A 75 24.35 -2.58 -29.58
N LEU A 76 24.99 -3.74 -29.58
CA LEU A 76 24.70 -4.75 -30.58
C LEU A 76 23.39 -5.48 -30.26
N MET A 77 23.24 -5.98 -29.04
CA MET A 77 22.02 -6.70 -28.69
C MET A 77 20.80 -5.80 -28.65
N MET A 78 21.00 -4.49 -28.48
CA MET A 78 19.87 -3.55 -28.60
C MET A 78 19.31 -3.55 -30.01
N ARG A 79 20.17 -3.27 -30.99
CA ARG A 79 19.71 -3.25 -32.38
C ARG A 79 19.42 -4.65 -32.89
N ALA A 80 20.09 -5.67 -32.33
CA ALA A 80 19.72 -7.04 -32.66
C ALA A 80 18.31 -7.36 -32.19
N GLN A 81 17.94 -6.84 -31.01
CA GLN A 81 16.54 -6.92 -30.58
C GLN A 81 15.65 -6.10 -31.50
N LEU A 82 16.13 -4.95 -31.96
CA LEU A 82 15.38 -4.08 -32.86
C LEU A 82 15.63 -4.41 -34.32
N ALA A 83 15.78 -5.69 -34.67
CA ALA A 83 15.98 -6.06 -36.07
C ALA A 83 14.67 -5.97 -36.84
N LEU A 84 13.58 -6.45 -36.26
CA LEU A 84 12.27 -6.44 -36.88
C LEU A 84 11.23 -6.45 -35.79
N PRO A 85 9.98 -6.07 -36.10
CA PRO A 85 8.92 -6.10 -35.07
C PRO A 85 8.68 -7.50 -34.53
N ASN A 86 7.85 -7.55 -33.48
CA ASN A 86 7.51 -8.76 -32.73
C ASN A 86 8.72 -9.65 -32.47
N ASN A 87 9.85 -9.05 -32.13
CA ASN A 87 11.06 -9.79 -31.80
C ASN A 87 11.14 -10.03 -30.30
N SER A 88 11.47 -11.26 -29.92
CA SER A 88 11.46 -11.65 -28.52
C SER A 88 12.86 -11.95 -27.99
N PHE A 89 13.78 -11.00 -28.17
CA PHE A 89 15.12 -11.11 -27.60
C PHE A 89 15.17 -10.54 -26.18
N LEU A 90 14.77 -9.28 -26.04
CA LEU A 90 14.77 -8.59 -24.75
C LEU A 90 13.35 -8.16 -24.41
N ASP A 91 12.97 -8.31 -23.14
CA ASP A 91 11.65 -7.93 -22.68
C ASP A 91 11.64 -6.44 -22.33
N SER A 92 10.64 -6.01 -21.57
CA SER A 92 10.49 -4.58 -21.25
C SER A 92 11.56 -4.13 -20.26
N ASN A 93 11.60 -4.77 -19.09
CA ASN A 93 12.53 -4.35 -18.04
C ASN A 93 13.99 -4.68 -18.36
N HIS A 94 14.28 -5.23 -19.54
CA HIS A 94 15.64 -5.52 -19.95
C HIS A 94 16.16 -4.48 -20.94
N TYR A 95 15.44 -4.28 -22.05
CA TYR A 95 15.79 -3.22 -23.00
C TYR A 95 15.82 -1.85 -22.33
N ASN A 96 15.04 -1.68 -21.25
CA ASN A 96 15.06 -0.41 -20.53
C ASN A 96 16.36 -0.24 -19.75
N GLU A 97 16.89 -1.32 -19.19
CA GLU A 97 18.13 -1.24 -18.43
C GLU A 97 19.35 -1.29 -19.34
N ILE A 98 19.25 -1.96 -20.48
CA ILE A 98 20.40 -2.10 -21.37
C ILE A 98 20.70 -0.77 -22.06
N PHE A 99 19.68 -0.13 -22.63
CA PHE A 99 19.91 1.12 -23.34
C PHE A 99 20.30 2.25 -22.39
N THR A 100 19.93 2.16 -21.11
CA THR A 100 20.37 3.14 -20.13
C THR A 100 21.84 2.93 -19.79
N THR A 101 22.25 1.69 -19.58
CA THR A 101 23.66 1.41 -19.30
C THR A 101 24.54 1.72 -20.49
N HIS A 102 24.04 1.51 -21.71
CA HIS A 102 24.84 1.78 -22.92
C HIS A 102 25.17 3.25 -23.03
N GLY A 103 24.18 4.12 -22.84
CA GLY A 103 24.42 5.55 -22.98
C GLY A 103 25.27 6.12 -21.85
N THR A 104 25.10 5.60 -20.63
CA THR A 104 25.86 6.10 -19.50
C THR A 104 27.29 5.60 -19.50
N ILE A 105 27.55 4.42 -20.04
CA ILE A 105 28.93 3.94 -20.17
C ILE A 105 29.70 4.82 -21.13
N MET A 106 29.08 5.24 -22.22
CA MET A 106 29.67 6.26 -23.09
C MET A 106 29.58 7.63 -22.42
N ILE A 107 30.23 8.61 -23.04
CA ILE A 107 30.24 10.00 -22.59
C ILE A 107 30.88 10.11 -21.21
N ILE A 108 30.32 9.42 -20.22
CA ILE A 108 30.79 9.54 -18.84
C ILE A 108 31.96 8.59 -18.57
N PHE A 109 31.79 7.30 -18.84
CA PHE A 109 32.80 6.30 -18.51
C PHE A 109 33.59 5.82 -19.72
N MET A 110 33.31 6.33 -20.91
CA MET A 110 34.09 5.98 -22.09
C MET A 110 34.69 7.22 -22.73
N ALA A 111 33.87 8.15 -23.21
CA ALA A 111 34.40 9.33 -23.91
C ALA A 111 35.14 10.26 -22.96
N MET A 112 34.67 10.38 -21.71
CA MET A 112 35.40 11.23 -20.76
C MET A 112 36.77 10.66 -20.41
N PRO A 113 36.91 9.37 -20.04
CA PRO A 113 38.26 8.86 -19.77
C PRO A 113 39.11 8.73 -21.03
N PHE A 114 38.50 8.52 -22.19
CA PHE A 114 39.26 8.40 -23.42
C PHE A 114 39.82 9.75 -23.85
N LEU A 115 39.04 10.82 -23.66
CA LEU A 115 39.51 12.16 -24.01
C LEU A 115 40.51 12.68 -22.98
N ILE A 116 40.17 12.59 -21.69
CA ILE A 116 41.10 13.01 -20.65
C ILE A 116 42.37 12.17 -20.70
N GLY A 117 42.24 10.88 -21.02
CA GLY A 117 43.41 10.04 -21.20
C GLY A 117 44.31 10.53 -22.31
N LEU A 118 43.71 10.90 -23.45
CA LEU A 118 44.48 11.52 -24.52
C LEU A 118 44.93 12.93 -24.14
N ILE A 119 44.33 13.53 -23.12
CA ILE A 119 44.77 14.81 -22.60
C ILE A 119 45.84 14.64 -21.53
N ASN A 120 45.66 13.68 -20.63
CA ASN A 120 46.61 13.41 -19.55
C ASN A 120 47.94 12.81 -20.06
N VAL A 121 48.17 12.76 -21.36
CA VAL A 121 49.37 12.15 -21.92
C VAL A 121 50.00 13.09 -22.95
N VAL A 122 49.18 13.59 -23.88
CA VAL A 122 49.71 14.38 -24.99
C VAL A 122 49.90 15.83 -24.58
N VAL A 123 48.99 16.38 -23.77
CA VAL A 123 49.08 17.80 -23.40
C VAL A 123 50.33 18.10 -22.59
N PRO A 124 50.67 17.36 -21.53
CA PRO A 124 51.89 17.72 -20.76
C PRO A 124 53.19 17.54 -21.53
N LEU A 125 53.19 16.79 -22.63
CA LEU A 125 54.39 16.66 -23.44
C LEU A 125 54.53 17.80 -24.45
N GLN A 126 53.42 18.22 -25.05
CA GLN A 126 53.44 19.30 -26.04
C GLN A 126 53.71 20.67 -25.41
N ILE A 127 53.70 20.77 -24.08
CA ILE A 127 54.01 22.02 -23.40
C ILE A 127 55.42 22.05 -22.84
N GLY A 128 56.13 20.92 -22.81
CA GLY A 128 57.49 20.88 -22.32
C GLY A 128 57.64 20.72 -20.82
N ALA A 129 56.55 20.73 -20.07
CA ALA A 129 56.62 20.64 -18.63
C ALA A 129 56.91 19.21 -18.18
N ARG A 130 57.30 19.08 -16.91
CA ARG A 130 57.54 17.77 -16.32
C ARG A 130 56.24 16.97 -16.20
N ASP A 131 55.50 17.21 -15.12
CA ASP A 131 54.21 16.56 -14.93
C ASP A 131 53.09 17.57 -15.08
N VAL A 132 52.06 17.48 -14.23
CA VAL A 132 50.96 18.43 -14.26
C VAL A 132 51.09 19.35 -13.06
N ALA A 133 50.05 20.17 -12.82
CA ALA A 133 50.09 21.12 -11.71
C ALA A 133 50.15 20.40 -10.37
N PHE A 134 49.20 19.48 -10.14
CA PHE A 134 49.13 18.71 -8.91
C PHE A 134 49.12 17.23 -9.27
N PRO A 135 50.29 16.66 -9.59
CA PRO A 135 50.34 15.24 -9.95
C PRO A 135 49.90 14.32 -8.82
N TYR A 136 49.72 14.84 -7.60
CA TYR A 136 49.19 14.06 -6.50
C TYR A 136 47.66 14.01 -6.54
N LEU A 137 47.02 15.16 -6.76
CA LEU A 137 45.57 15.17 -6.87
C LEU A 137 45.09 14.54 -8.18
N ASN A 138 45.93 14.57 -9.22
CA ASN A 138 45.58 13.91 -10.46
C ASN A 138 45.63 12.40 -10.33
N ASN A 139 46.35 11.88 -9.35
CA ASN A 139 46.37 10.45 -9.10
C ASN A 139 45.01 9.96 -8.65
N LEU A 140 44.44 10.57 -7.61
CA LEU A 140 43.10 10.20 -7.18
C LEU A 140 42.05 10.54 -8.23
N SER A 141 42.33 11.55 -9.07
CA SER A 141 41.39 11.94 -10.12
C SER A 141 41.09 10.79 -11.07
N PHE A 142 41.99 9.81 -11.18
CA PHE A 142 41.69 8.61 -11.96
C PHE A 142 40.87 7.63 -11.15
N TRP A 143 41.32 7.31 -9.93
CA TRP A 143 40.61 6.34 -9.11
C TRP A 143 39.25 6.88 -8.67
N THR A 144 39.12 8.20 -8.52
CA THR A 144 37.81 8.77 -8.23
C THR A 144 36.81 8.47 -9.35
N PHE A 145 37.30 8.37 -10.59
CA PHE A 145 36.45 7.92 -11.68
C PHE A 145 36.33 6.41 -11.69
N PHE A 146 37.42 5.70 -11.39
CA PHE A 146 37.42 4.25 -11.51
C PHE A 146 36.50 3.59 -10.49
N VAL A 147 36.49 4.10 -9.25
CA VAL A 147 35.55 3.57 -8.28
C VAL A 147 34.12 3.93 -8.66
N GLY A 148 33.93 5.03 -9.40
CA GLY A 148 32.62 5.34 -9.97
C GLY A 148 32.25 4.46 -11.14
N ALA A 149 33.24 3.92 -11.85
CA ALA A 149 32.96 2.98 -12.93
C ALA A 149 32.64 1.59 -12.40
N MET A 150 33.40 1.12 -11.41
CA MET A 150 33.09 -0.16 -10.79
C MET A 150 31.75 -0.10 -10.06
N LEU A 151 31.39 1.05 -9.50
CA LEU A 151 30.07 1.21 -8.90
C LEU A 151 28.98 1.02 -9.92
N PHE A 152 29.07 1.74 -11.05
CA PHE A 152 28.04 1.63 -12.08
C PHE A 152 28.07 0.29 -12.80
N ASN A 153 29.20 -0.42 -12.77
CA ASN A 153 29.28 -1.73 -13.41
C ASN A 153 28.81 -2.86 -12.51
N ILE A 154 28.91 -2.71 -11.19
CA ILE A 154 28.45 -3.75 -10.26
C ILE A 154 26.93 -3.81 -10.18
N SER A 155 26.23 -2.86 -10.78
CA SER A 155 24.78 -2.93 -10.90
C SER A 155 24.32 -4.06 -11.82
N PHE A 156 25.24 -4.89 -12.30
CA PHE A 156 24.93 -5.93 -13.28
C PHE A 156 24.09 -7.02 -12.66
N VAL A 157 24.67 -7.76 -11.70
CA VAL A 157 23.96 -8.83 -11.03
C VAL A 157 23.84 -8.59 -9.52
N ILE A 158 24.72 -7.79 -8.93
CA ILE A 158 24.65 -7.54 -7.49
C ILE A 158 23.37 -6.80 -7.14
N GLY A 159 23.01 -5.78 -7.93
CA GLY A 159 21.79 -5.04 -7.69
C GLY A 159 20.88 -4.98 -8.90
N GLY A 160 20.87 -3.84 -9.58
CA GLY A 160 20.07 -3.66 -10.77
C GLY A 160 20.42 -2.41 -11.53
N SER A 161 20.68 -2.54 -12.83
CA SER A 161 21.02 -1.38 -13.64
C SER A 161 19.81 -0.44 -13.74
N PRO A 162 20.05 0.86 -13.79
CA PRO A 162 18.94 1.81 -13.92
C PRO A 162 18.23 1.65 -15.25
N ASN A 163 16.96 2.01 -15.27
CA ASN A 163 16.11 1.88 -16.46
C ASN A 163 15.33 3.16 -16.71
N ALA A 164 15.99 4.31 -16.59
CA ALA A 164 15.35 5.60 -16.84
C ALA A 164 16.08 6.41 -17.91
N GLY A 165 17.06 5.82 -18.60
CA GLY A 165 17.84 6.54 -19.58
C GLY A 165 19.01 7.28 -18.97
N TRP A 166 19.92 7.72 -19.84
CA TRP A 166 21.07 8.50 -19.38
C TRP A 166 20.64 9.83 -18.81
N THR A 167 19.51 10.37 -19.27
CA THR A 167 18.95 11.57 -18.66
C THR A 167 18.34 11.25 -17.29
N SER A 168 17.43 10.28 -17.26
CA SER A 168 16.78 9.80 -16.04
C SER A 168 16.06 10.94 -15.33
N TYR A 169 14.94 11.34 -15.92
CA TYR A 169 14.09 12.37 -15.33
C TYR A 169 13.56 11.91 -13.97
N MET A 170 13.21 12.89 -13.14
CA MET A 170 12.79 12.57 -11.77
C MET A 170 11.42 11.90 -11.71
N PRO A 171 10.37 12.40 -12.38
CA PRO A 171 9.03 11.79 -12.21
C PRO A 171 8.98 10.30 -12.54
N LEU A 172 10.02 9.74 -13.13
CA LEU A 172 10.12 8.30 -13.37
C LEU A 172 11.44 7.79 -12.82
N ALA A 173 11.72 8.10 -11.56
CA ALA A 173 12.99 7.74 -10.93
C ALA A 173 12.90 7.37 -9.46
N SER A 174 11.91 7.87 -8.71
CA SER A 174 11.82 7.58 -7.29
C SER A 174 10.89 6.40 -7.03
N ASN A 175 9.65 6.69 -6.64
CA ASN A 175 8.66 5.65 -6.38
C ASN A 175 7.93 5.20 -7.64
N ASP A 176 7.74 6.10 -8.60
CA ASP A 176 7.14 5.71 -9.87
C ASP A 176 8.01 4.72 -10.63
N MET A 177 9.33 4.83 -10.47
CA MET A 177 10.26 3.88 -11.06
C MET A 177 10.08 2.50 -10.44
N SER A 178 10.50 2.37 -9.17
CA SER A 178 10.28 1.31 -8.18
C SER A 178 11.53 0.51 -7.82
N PRO A 179 12.43 0.16 -8.76
CA PRO A 179 13.66 -0.53 -8.33
C PRO A 179 14.50 0.33 -7.40
N GLY A 180 14.79 -0.21 -6.22
CA GLY A 180 15.59 0.47 -5.24
C GLY A 180 17.02 0.70 -5.68
N PRO A 181 17.80 -0.37 -5.83
CA PRO A 181 19.20 -0.21 -6.24
C PRO A 181 19.36 0.04 -7.73
N GLY A 182 18.52 0.91 -8.31
CA GLY A 182 18.61 1.22 -9.72
C GLY A 182 19.18 2.59 -10.01
N GLU A 183 18.40 3.64 -9.71
CA GLU A 183 18.85 5.00 -9.91
C GLU A 183 19.96 5.39 -8.94
N ASN A 184 20.08 4.69 -7.82
CA ASN A 184 21.13 5.01 -6.84
C ASN A 184 22.52 4.83 -7.44
N TYR A 185 22.70 3.79 -8.27
CA TYR A 185 23.98 3.62 -8.95
C TYR A 185 24.27 4.79 -9.88
N TYR A 186 23.26 5.25 -10.61
CA TYR A 186 23.45 6.42 -11.47
C TYR A 186 23.74 7.67 -10.65
N LEU A 187 23.22 7.76 -9.43
CA LEU A 187 23.44 8.94 -8.61
C LEU A 187 24.81 8.91 -7.95
N LEU A 188 25.12 7.83 -7.24
CA LEU A 188 26.40 7.72 -6.55
C LEU A 188 27.55 7.38 -7.48
N GLY A 189 27.26 6.78 -8.65
CA GLY A 189 28.34 6.46 -9.57
C GLY A 189 28.92 7.70 -10.25
N LEU A 190 28.04 8.59 -10.70
CA LEU A 190 28.52 9.82 -11.35
C LEU A 190 28.92 10.88 -10.34
N GLN A 191 28.37 10.85 -9.13
CA GLN A 191 28.72 11.84 -8.12
C GLN A 191 30.19 11.74 -7.75
N ILE A 192 30.70 10.52 -7.66
CA ILE A 192 32.12 10.34 -7.36
C ILE A 192 32.97 10.73 -8.56
N ALA A 193 32.62 10.22 -9.75
CA ALA A 193 33.36 10.56 -10.96
C ALA A 193 33.31 12.05 -11.26
N GLY A 194 32.28 12.74 -10.79
CA GLY A 194 32.22 14.18 -10.94
C GLY A 194 33.27 14.90 -10.13
N ILE A 195 33.66 14.33 -8.99
CA ILE A 195 34.74 14.92 -8.20
C ILE A 195 36.08 14.70 -8.88
N GLY A 196 36.31 13.49 -9.40
CA GLY A 196 37.56 13.23 -10.10
C GLY A 196 37.69 14.03 -11.38
N THR A 197 36.61 14.18 -12.12
CA THR A 197 36.66 14.95 -13.37
C THR A 197 36.79 16.44 -13.09
N LEU A 198 36.19 16.93 -12.00
CA LEU A 198 36.33 18.33 -11.65
C LEU A 198 37.78 18.67 -11.33
N MET A 199 38.48 17.78 -10.62
CA MET A 199 39.88 18.02 -10.33
C MET A 199 40.76 17.86 -11.58
N THR A 200 40.32 17.03 -12.53
CA THR A 200 41.06 16.93 -13.80
C THR A 200 41.02 18.24 -14.56
N GLY A 201 39.90 18.96 -14.48
CA GLY A 201 39.81 20.27 -15.10
C GLY A 201 40.51 21.36 -14.34
N ILE A 202 40.72 21.17 -13.03
CA ILE A 202 41.45 22.14 -12.23
C ILE A 202 42.95 21.93 -12.37
N ASN A 203 43.39 20.68 -12.47
CA ASN A 203 44.82 20.39 -12.63
C ASN A 203 45.35 20.96 -13.94
N PHE A 204 44.67 20.67 -15.05
CA PHE A 204 45.16 21.10 -16.35
C PHE A 204 44.92 22.57 -16.64
N MET A 205 43.99 23.21 -15.92
CA MET A 205 43.83 24.65 -16.08
C MET A 205 45.02 25.41 -15.51
N VAL A 206 45.70 24.85 -14.51
CA VAL A 206 46.87 25.48 -13.92
C VAL A 206 48.13 24.91 -14.57
N THR A 207 48.04 23.66 -15.05
CA THR A 207 49.20 23.05 -15.72
C THR A 207 49.54 23.80 -17.00
N ILE A 208 48.52 24.25 -17.74
CA ILE A 208 48.73 24.96 -19.00
C ILE A 208 48.91 26.45 -18.81
N LEU A 209 48.76 26.96 -17.59
CA LEU A 209 48.86 28.38 -17.33
C LEU A 209 50.13 28.80 -16.61
N LYS A 210 50.70 27.95 -15.76
CA LYS A 210 51.87 28.32 -14.97
C LYS A 210 53.02 27.33 -15.10
N MET A 211 52.93 26.34 -15.98
CA MET A 211 53.98 25.33 -16.10
C MET A 211 54.51 25.21 -17.53
N ARG A 212 54.22 26.19 -18.40
CA ARG A 212 54.74 26.15 -19.75
C ARG A 212 56.25 26.43 -19.75
N THR A 213 56.90 25.99 -20.83
CA THR A 213 58.33 26.20 -20.98
C THR A 213 58.62 27.61 -21.51
N LYS A 214 59.89 27.99 -21.42
CA LYS A 214 60.32 29.30 -21.93
C LYS A 214 60.17 29.34 -23.44
N GLY A 215 59.59 30.43 -23.95
CA GLY A 215 59.38 30.64 -25.36
C GLY A 215 58.00 30.24 -25.84
N MET A 216 57.32 29.32 -25.13
CA MET A 216 55.99 28.91 -25.50
C MET A 216 55.00 30.05 -25.25
N THR A 217 54.72 30.84 -26.28
CA THR A 217 53.79 31.95 -26.15
C THR A 217 52.36 31.43 -25.95
N LEU A 218 51.51 32.30 -25.41
CA LEU A 218 50.16 31.89 -25.07
C LEU A 218 49.30 31.72 -26.30
N MET A 219 49.45 32.61 -27.29
CA MET A 219 48.60 32.56 -28.47
C MET A 219 48.95 31.40 -29.40
N ARG A 220 50.13 30.81 -29.25
CA ARG A 220 50.59 29.74 -30.13
C ARG A 220 51.22 28.65 -29.26
N MET A 221 50.49 27.55 -29.08
CA MET A 221 51.02 26.49 -28.21
C MET A 221 50.56 25.06 -28.49
N PRO A 222 50.02 24.71 -29.68
CA PRO A 222 49.57 25.40 -30.90
C PRO A 222 48.05 25.64 -30.93
N MET A 223 47.25 24.57 -30.99
CA MET A 223 45.80 24.70 -31.04
C MET A 223 45.12 23.56 -30.28
N PHE A 224 45.66 22.35 -30.39
CA PHE A 224 45.11 21.23 -29.63
C PHE A 224 45.20 21.48 -28.13
N THR A 225 46.35 21.96 -27.67
CA THR A 225 46.49 22.33 -26.27
C THR A 225 45.58 23.50 -25.90
N TRP A 226 45.18 24.32 -26.88
CA TRP A 226 44.20 25.37 -26.64
C TRP A 226 42.81 24.78 -26.42
N THR A 227 42.45 23.76 -27.20
CA THR A 227 41.17 23.09 -26.99
C THR A 227 41.13 22.40 -25.63
N THR A 228 42.25 21.80 -25.21
CA THR A 228 42.33 21.23 -23.88
C THR A 228 42.14 22.30 -22.81
N LEU A 229 42.69 23.50 -23.05
CA LEU A 229 42.46 24.61 -22.13
C LEU A 229 40.98 24.94 -22.02
N ILE A 230 40.28 24.99 -23.17
CA ILE A 230 38.85 25.24 -23.14
C ILE A 230 38.10 24.05 -22.58
N THR A 231 38.61 22.84 -22.79
CA THR A 231 37.97 21.65 -22.23
C THR A 231 37.95 21.71 -20.71
N MET A 232 39.09 22.07 -20.10
CA MET A 232 39.18 22.09 -18.65
C MET A 232 38.62 23.38 -18.03
N VAL A 233 38.24 24.35 -18.85
CA VAL A 233 37.56 25.53 -18.32
C VAL A 233 36.08 25.26 -18.12
N ILE A 234 35.45 24.55 -19.06
CA ILE A 234 34.04 24.23 -18.93
C ILE A 234 33.82 23.22 -17.80
N ILE A 235 34.79 22.32 -17.58
CA ILE A 235 34.66 21.35 -16.49
C ILE A 235 34.57 22.05 -15.15
N VAL A 236 35.35 23.12 -14.97
CA VAL A 236 35.33 23.83 -13.69
C VAL A 236 33.97 24.48 -13.44
N PHE A 237 33.30 24.95 -14.49
CA PHE A 237 32.05 25.66 -14.34
C PHE A 237 30.82 24.85 -14.74
N ALA A 238 31.00 23.66 -15.30
CA ALA A 238 29.89 22.78 -15.67
C ALA A 238 30.19 21.37 -15.16
N PHE A 239 30.23 21.25 -13.83
CA PHE A 239 30.40 19.97 -13.12
C PHE A 239 30.02 20.14 -11.65
N PRO A 240 30.31 21.27 -11.00
CA PRO A 240 29.66 21.54 -9.71
C PRO A 240 28.15 21.52 -9.81
N VAL A 241 27.58 21.87 -10.97
CA VAL A 241 26.14 21.72 -11.16
C VAL A 241 25.75 20.25 -11.04
N LEU A 242 26.46 19.39 -11.76
CA LEU A 242 26.20 17.95 -11.68
C LEU A 242 26.49 17.43 -10.28
N THR A 243 27.41 18.06 -9.56
CA THR A 243 27.74 17.62 -8.20
C THR A 243 26.55 17.81 -7.26
N VAL A 244 25.79 18.89 -7.43
CA VAL A 244 24.61 19.09 -6.61
C VAL A 244 23.35 18.57 -7.28
N ALA A 245 23.29 18.56 -8.61
CA ALA A 245 22.12 18.03 -9.30
C ALA A 245 21.87 16.57 -8.92
N LEU A 246 22.94 15.78 -8.78
CA LEU A 246 22.79 14.44 -8.25
C LEU A 246 22.66 14.44 -6.74
N ALA A 247 23.35 15.36 -6.05
CA ALA A 247 23.24 15.43 -4.60
C ALA A 247 21.82 15.77 -4.18
N LEU A 248 21.17 16.68 -4.91
CA LEU A 248 19.76 16.93 -4.66
C LEU A 248 18.92 15.68 -4.95
N LEU A 249 19.19 15.04 -6.09
CA LEU A 249 18.47 13.81 -6.42
C LEU A 249 18.85 12.67 -5.47
N SER A 250 20.10 12.63 -5.02
CA SER A 250 20.49 11.62 -4.04
C SER A 250 19.77 11.85 -2.72
N PHE A 251 19.41 13.11 -2.42
CA PHE A 251 18.63 13.38 -1.21
C PHE A 251 17.17 12.96 -1.40
N ASP A 252 16.65 13.09 -2.62
CA ASP A 252 15.27 12.66 -2.88
C ASP A 252 15.14 11.16 -2.77
N ARG A 253 16.12 10.41 -3.31
CA ARG A 253 16.03 8.96 -3.30
C ARG A 253 16.27 8.39 -1.90
N LEU A 254 17.36 8.83 -1.26
CA LEU A 254 17.77 8.21 0.00
C LEU A 254 17.29 8.98 1.21
N PHE A 255 17.81 10.17 1.44
CA PHE A 255 17.53 10.93 2.66
C PHE A 255 16.13 11.51 2.70
N GLY A 256 15.24 11.20 1.75
CA GLY A 256 13.87 11.64 1.80
C GLY A 256 13.68 13.12 1.61
N ALA A 257 14.19 13.66 0.52
CA ALA A 257 13.99 15.05 0.15
C ALA A 257 12.91 15.16 -0.92
N HIS A 258 12.36 16.37 -1.04
CA HIS A 258 11.28 16.65 -1.98
C HIS A 258 11.64 17.80 -2.89
N PHE A 259 12.83 17.73 -3.50
CA PHE A 259 13.23 18.75 -4.46
C PHE A 259 12.41 18.67 -5.73
N PHE A 260 12.21 17.46 -6.25
CA PHE A 260 11.48 17.25 -7.49
C PHE A 260 10.47 16.12 -7.38
N THR A 261 10.13 15.70 -6.16
CA THR A 261 9.17 14.62 -5.97
C THR A 261 7.76 15.09 -6.32
N LEU A 262 6.99 14.19 -6.93
CA LEU A 262 5.64 14.54 -7.34
C LEU A 262 4.69 14.64 -6.15
N GLU A 263 4.97 13.90 -5.08
CA GLU A 263 4.07 13.82 -3.94
C GLU A 263 3.97 15.15 -3.21
N ALA A 264 5.07 15.58 -2.59
CA ALA A 264 5.03 16.81 -1.80
C ALA A 264 4.85 18.06 -2.64
N GLY A 265 4.70 17.95 -3.95
CA GLY A 265 4.47 19.10 -4.81
C GLY A 265 5.69 19.68 -5.48
N GLY A 266 6.88 19.15 -5.20
CA GLY A 266 8.08 19.69 -5.81
C GLY A 266 8.03 19.69 -7.32
N MET A 267 8.74 20.64 -7.92
CA MET A 267 8.78 20.81 -9.37
C MET A 267 9.41 19.60 -10.03
N PRO A 268 8.68 18.84 -10.85
CA PRO A 268 9.31 17.71 -11.54
C PRO A 268 10.30 18.13 -12.60
N MET A 269 10.12 19.30 -13.22
CA MET A 269 11.01 19.78 -14.27
C MET A 269 12.23 20.52 -13.74
N LEU A 270 12.29 20.78 -12.44
CA LEU A 270 13.44 21.51 -11.91
C LEU A 270 14.72 20.70 -12.02
N TRP A 271 14.62 19.37 -11.90
CA TRP A 271 15.81 18.55 -12.07
C TRP A 271 16.26 18.51 -13.53
N ALA A 272 15.36 18.82 -14.48
CA ALA A 272 15.75 18.77 -15.88
C ALA A 272 16.70 19.89 -16.25
N ASN A 273 16.42 21.12 -15.78
CA ASN A 273 17.27 22.24 -16.16
C ASN A 273 18.63 22.17 -15.47
N LEU A 274 18.68 21.64 -14.25
CA LEU A 274 19.96 21.49 -13.57
C LEU A 274 20.84 20.47 -14.29
N PHE A 275 20.23 19.40 -14.81
CA PHE A 275 21.00 18.40 -15.54
C PHE A 275 21.48 18.94 -16.88
N TRP A 276 20.69 19.80 -17.52
CA TRP A 276 21.06 20.34 -18.82
C TRP A 276 21.91 21.60 -18.73
N ILE A 277 21.81 22.34 -17.62
CA ILE A 277 22.80 23.39 -17.36
C ILE A 277 24.19 22.77 -17.31
N TRP A 278 24.30 21.55 -16.80
CA TRP A 278 25.52 20.78 -16.88
C TRP A 278 25.64 20.01 -18.20
N GLY A 279 24.51 19.60 -18.77
CA GLY A 279 24.50 18.73 -19.93
C GLY A 279 25.17 19.26 -21.18
N HIS A 280 24.62 20.34 -21.75
CA HIS A 280 25.12 20.86 -23.02
C HIS A 280 26.51 21.47 -22.90
N PRO A 281 26.84 22.19 -21.82
CA PRO A 281 28.24 22.61 -21.66
C PRO A 281 29.20 21.43 -21.55
N GLU A 282 28.81 20.36 -20.85
CA GLU A 282 29.63 19.15 -20.84
C GLU A 282 29.61 18.46 -22.20
N VAL A 283 28.54 18.66 -22.98
CA VAL A 283 28.47 18.07 -24.31
C VAL A 283 29.58 18.61 -25.20
N TYR A 284 30.01 19.84 -24.96
CA TYR A 284 31.15 20.39 -25.69
C TYR A 284 32.48 19.94 -25.10
N ILE A 285 32.50 19.57 -23.82
CA ILE A 285 33.70 18.98 -23.23
C ILE A 285 34.02 17.64 -23.88
N VAL A 286 33.04 16.99 -24.50
CA VAL A 286 33.28 15.76 -25.23
C VAL A 286 33.67 16.02 -26.68
N ILE A 287 33.43 17.22 -27.19
CA ILE A 287 33.80 17.56 -28.57
C ILE A 287 34.98 18.51 -28.65
N LEU A 288 35.35 19.18 -27.55
CA LEU A 288 36.48 20.11 -27.60
C LEU A 288 37.81 19.39 -27.80
N PRO A 289 38.18 18.38 -26.99
CA PRO A 289 39.42 17.65 -27.30
C PRO A 289 39.33 16.85 -28.58
N ALA A 290 38.13 16.41 -28.95
CA ALA A 290 37.96 15.75 -30.25
C ALA A 290 38.34 16.69 -31.39
N PHE A 291 38.01 17.96 -31.27
CA PHE A 291 38.45 18.94 -32.25
C PHE A 291 39.95 19.19 -32.18
N GLY A 292 40.50 19.18 -30.97
CA GLY A 292 41.93 19.44 -30.83
C GLY A 292 42.79 18.31 -31.37
N ILE A 293 42.46 17.07 -31.04
CA ILE A 293 43.21 15.92 -31.53
C ILE A 293 43.19 15.89 -33.06
N PHE A 294 42.04 16.22 -33.66
CA PHE A 294 41.95 16.28 -35.12
C PHE A 294 42.63 17.53 -35.69
N SER A 295 42.88 18.54 -34.87
CA SER A 295 43.54 19.75 -35.37
C SER A 295 45.00 19.51 -35.67
N GLU A 296 45.68 18.70 -34.84
CA GLU A 296 47.10 18.44 -35.06
C GLU A 296 47.32 17.43 -36.19
N ILE A 297 46.58 16.32 -36.17
CA ILE A 297 46.81 15.25 -37.13
C ILE A 297 46.57 15.73 -38.56
N ILE A 298 45.55 16.56 -38.75
CA ILE A 298 45.26 17.12 -40.07
C ILE A 298 46.25 18.20 -40.49
N SER A 299 47.06 18.69 -39.56
CA SER A 299 48.05 19.72 -39.85
C SER A 299 49.48 19.22 -39.66
N SER A 300 49.66 17.97 -39.27
CA SER A 300 50.98 17.38 -39.11
C SER A 300 51.43 16.58 -40.33
N PHE A 301 50.60 15.64 -40.79
CA PHE A 301 50.89 14.89 -42.00
C PHE A 301 50.64 15.70 -43.27
N ALA A 302 49.96 16.85 -43.16
CA ALA A 302 49.78 17.71 -44.32
C ALA A 302 50.96 18.66 -44.54
N ARG A 303 51.83 18.83 -43.53
CA ARG A 303 53.05 19.61 -43.66
C ARG A 303 52.75 21.05 -44.03
N LYS A 304 51.75 21.64 -43.38
CA LYS A 304 51.37 23.02 -43.61
C LYS A 304 51.14 23.70 -42.26
N GLN A 305 50.81 24.99 -42.29
CA GLN A 305 50.56 25.77 -41.09
C GLN A 305 49.06 25.99 -40.91
N LEU A 306 48.61 25.90 -39.66
CA LEU A 306 47.22 26.16 -39.33
C LEU A 306 46.85 27.60 -39.67
N PHE A 307 46.52 27.85 -40.92
CA PHE A 307 46.24 29.20 -41.40
C PHE A 307 44.96 29.71 -40.73
N GLY A 308 45.11 30.63 -39.78
CA GLY A 308 43.96 31.16 -39.06
C GLY A 308 44.08 30.97 -37.56
N TYR A 309 44.34 32.04 -36.84
CA TYR A 309 44.41 32.03 -35.38
C TYR A 309 43.62 33.14 -34.72
N LYS A 310 43.62 34.34 -35.31
CA LYS A 310 42.79 35.43 -34.79
C LYS A 310 41.30 35.17 -34.98
N ALA A 311 40.94 34.15 -35.75
CA ALA A 311 39.55 33.79 -35.96
C ALA A 311 39.26 32.32 -35.67
N MET A 312 40.26 31.55 -35.25
CA MET A 312 40.07 30.16 -34.85
C MET A 312 40.19 29.97 -33.34
N VAL A 313 41.24 30.50 -32.73
CA VAL A 313 41.31 30.53 -31.27
C VAL A 313 40.30 31.53 -30.71
N GLY A 314 40.07 32.63 -31.43
CA GLY A 314 38.99 33.52 -31.07
C GLY A 314 37.62 32.90 -31.19
N SER A 315 37.48 31.87 -32.04
CA SER A 315 36.23 31.12 -32.13
C SER A 315 36.11 30.04 -31.07
N ILE A 316 37.24 29.57 -30.52
CA ILE A 316 37.18 28.57 -29.47
C ILE A 316 36.75 29.16 -28.13
N ILE A 317 36.85 30.49 -27.98
CA ILE A 317 36.35 31.15 -26.78
C ILE A 317 34.85 31.47 -26.88
N ALA A 318 34.31 31.58 -28.09
CA ALA A 318 32.89 31.86 -28.26
C ALA A 318 32.04 30.73 -27.69
N ILE A 319 32.26 29.50 -28.17
CA ILE A 319 31.51 28.36 -27.67
C ILE A 319 31.83 28.04 -26.22
N SER A 320 32.86 28.64 -25.65
CA SER A 320 33.18 28.41 -24.24
C SER A 320 32.25 29.18 -23.31
N VAL A 321 31.80 30.36 -23.73
CA VAL A 321 30.91 31.18 -22.91
C VAL A 321 29.48 31.03 -23.42
N LEU A 322 29.33 30.82 -24.72
CA LEU A 322 28.02 30.65 -25.33
C LEU A 322 27.46 29.24 -25.17
N SER A 323 28.12 28.38 -24.39
CA SER A 323 27.57 27.06 -24.11
C SER A 323 26.57 27.06 -22.96
N PHE A 324 26.53 28.15 -22.18
CA PHE A 324 25.59 28.28 -21.07
C PHE A 324 24.42 29.20 -21.42
N LEU A 325 24.33 29.66 -22.66
CA LEU A 325 23.21 30.47 -23.13
C LEU A 325 22.41 29.73 -24.19
N VAL A 326 22.45 28.39 -24.17
CA VAL A 326 21.92 27.59 -25.26
C VAL A 326 21.38 26.27 -24.71
N TRP A 327 21.74 25.95 -23.46
CA TRP A 327 21.37 24.66 -22.87
C TRP A 327 19.86 24.45 -22.81
N THR A 328 19.07 25.50 -22.96
CA THR A 328 17.61 25.38 -22.90
C THR A 328 17.04 25.00 -24.27
N HIS A 329 17.85 24.23 -24.98
CA HIS A 329 17.52 23.78 -26.32
C HIS A 329 17.07 22.35 -26.39
N HIS A 330 17.27 21.65 -25.29
CA HIS A 330 16.78 20.29 -25.09
C HIS A 330 15.35 20.26 -24.57
N PHE A 331 14.81 21.39 -24.17
CA PHE A 331 13.42 21.47 -23.71
C PHE A 331 12.52 21.73 -24.90
N PHE A 332 12.14 23.00 -25.06
CA PHE A 332 11.28 23.42 -26.17
C PHE A 332 9.92 22.76 -26.16
N THR A 333 9.86 21.47 -25.83
CA THR A 333 8.67 20.63 -25.92
C THR A 333 7.76 20.69 -24.68
N MET A 334 8.14 21.39 -23.59
CA MET A 334 7.43 21.31 -22.30
C MET A 334 6.57 22.54 -21.96
N GLY A 335 6.14 23.32 -22.94
CA GLY A 335 5.40 24.54 -22.71
C GLY A 335 6.14 25.66 -22.02
N ASN A 336 7.11 26.31 -22.68
CA ASN A 336 7.85 27.41 -22.05
C ASN A 336 7.17 28.74 -22.42
N SER A 337 7.88 29.86 -22.23
CA SER A 337 7.31 31.19 -22.41
C SER A 337 7.44 31.70 -23.84
N ALA A 338 7.45 30.82 -24.84
CA ALA A 338 7.52 31.20 -26.24
C ALA A 338 8.75 32.05 -26.55
N SER A 339 8.80 33.27 -25.98
CA SER A 339 9.96 34.13 -26.19
C SER A 339 11.23 33.47 -25.69
N VAL A 340 11.16 32.74 -24.58
CA VAL A 340 12.34 32.04 -24.09
C VAL A 340 12.63 30.80 -24.93
N ASN A 341 11.64 30.31 -25.68
CA ASN A 341 11.88 29.23 -26.64
C ASN A 341 12.44 29.74 -27.95
N SER A 342 12.30 31.03 -28.23
CA SER A 342 12.95 31.65 -29.38
C SER A 342 14.28 32.29 -29.03
N PHE A 343 14.47 32.70 -27.78
CA PHE A 343 15.77 33.23 -27.36
C PHE A 343 16.86 32.19 -27.52
N PHE A 344 16.65 31.01 -26.94
CA PHE A 344 17.61 29.92 -27.07
C PHE A 344 17.54 29.24 -28.43
N SER A 345 16.52 29.54 -29.24
CA SER A 345 16.49 29.03 -30.61
C SER A 345 17.36 29.88 -31.53
N ILE A 346 17.29 31.20 -31.39
CA ILE A 346 18.21 32.08 -32.11
C ILE A 346 19.62 31.89 -31.61
N THR A 347 19.79 31.74 -30.30
CA THR A 347 21.13 31.59 -29.73
C THR A 347 21.78 30.29 -30.17
N THR A 348 20.99 29.22 -30.27
CA THR A 348 21.56 27.95 -30.73
C THR A 348 22.06 28.06 -32.16
N MET A 349 21.42 28.89 -32.98
CA MET A 349 21.96 29.18 -34.31
C MET A 349 23.26 29.95 -34.20
N ALA A 350 23.44 30.73 -33.14
CA ALA A 350 24.67 31.46 -32.88
C ALA A 350 25.76 30.59 -32.26
N ILE A 351 25.52 29.28 -32.14
CA ILE A 351 26.56 28.36 -31.69
C ILE A 351 27.09 27.50 -32.84
N SER A 352 26.29 27.25 -33.86
CA SER A 352 26.75 26.52 -35.03
C SER A 352 27.57 27.38 -35.97
N ILE A 353 27.78 28.66 -35.64
CA ILE A 353 28.62 29.55 -36.43
C ILE A 353 30.03 29.57 -35.85
N PRO A 354 30.24 29.73 -34.53
CA PRO A 354 31.59 29.57 -34.01
C PRO A 354 32.14 28.17 -34.18
N THR A 355 31.27 27.16 -34.23
CA THR A 355 31.71 25.81 -34.53
C THR A 355 31.87 25.60 -36.03
N GLY A 356 31.06 26.30 -36.84
CA GLY A 356 31.13 26.14 -38.28
C GLY A 356 32.42 26.64 -38.89
N VAL A 357 33.00 27.70 -38.32
CA VAL A 357 34.24 28.25 -38.87
C VAL A 357 35.41 27.30 -38.66
N LYS A 358 35.32 26.37 -37.72
CA LYS A 358 36.40 25.44 -37.44
C LYS A 358 36.47 24.29 -38.44
N ILE A 359 35.44 24.09 -39.27
CA ILE A 359 35.52 23.10 -40.33
C ILE A 359 36.21 23.69 -41.56
N PHE A 360 35.98 24.97 -41.84
CA PHE A 360 36.66 25.65 -42.93
C PHE A 360 38.13 25.94 -42.65
N ASN A 361 38.62 25.61 -41.45
CA ASN A 361 40.03 25.81 -41.12
C ASN A 361 40.88 24.57 -41.33
N TRP A 362 40.27 23.40 -41.50
CA TRP A 362 41.03 22.18 -41.76
C TRP A 362 41.22 21.89 -43.24
N LEU A 363 40.32 22.39 -44.10
CA LEU A 363 40.41 22.09 -45.52
C LEU A 363 41.39 23.00 -46.26
N PHE A 364 41.61 24.21 -45.75
CA PHE A 364 42.61 25.10 -46.34
C PHE A 364 43.98 24.95 -45.71
N THR A 365 44.09 24.21 -44.60
CA THR A 365 45.39 23.76 -44.10
C THR A 365 45.83 22.47 -44.79
N MET A 366 44.91 21.77 -45.44
CA MET A 366 45.23 20.57 -46.19
C MET A 366 45.51 20.82 -47.66
N TYR A 367 45.11 21.97 -48.17
CA TYR A 367 45.30 22.30 -49.57
C TYR A 367 46.64 23.01 -49.77
N LYS A 368 47.08 23.08 -51.04
CA LYS A 368 48.38 23.62 -51.42
C LYS A 368 49.51 22.75 -50.88
N GLY A 369 49.39 22.28 -49.64
CA GLY A 369 50.38 21.39 -49.08
C GLY A 369 50.15 19.93 -49.46
N ARG A 370 51.20 19.13 -49.28
CA ARG A 370 51.17 17.72 -49.62
C ARG A 370 50.38 16.94 -48.57
N ILE A 371 50.20 15.65 -48.84
CA ILE A 371 49.43 14.78 -47.97
C ILE A 371 49.82 13.34 -48.26
N SER A 372 49.66 12.48 -47.24
CA SER A 372 49.90 11.04 -47.38
C SER A 372 48.85 10.31 -46.56
N PHE A 373 48.02 9.52 -47.23
CA PHE A 373 46.88 8.86 -46.59
C PHE A 373 47.37 7.67 -45.78
N THR A 374 47.54 7.88 -44.47
CA THR A 374 47.86 6.81 -43.54
C THR A 374 46.62 6.47 -42.71
N THR A 375 46.82 5.60 -41.70
CA THR A 375 45.67 5.23 -40.86
C THR A 375 45.15 6.39 -40.02
N PRO A 376 45.99 7.15 -39.31
CA PRO A 376 45.45 8.32 -38.58
C PRO A 376 44.84 9.37 -39.51
N MET A 377 45.27 9.42 -40.77
CA MET A 377 44.67 10.37 -41.70
C MET A 377 43.25 9.96 -42.06
N LEU A 378 43.00 8.65 -42.20
CA LEU A 378 41.66 8.18 -42.58
C LEU A 378 40.64 8.53 -41.50
N TRP A 379 41.02 8.45 -40.22
CA TRP A 379 40.12 8.88 -39.16
C TRP A 379 39.84 10.37 -39.24
N ALA A 380 40.81 11.15 -39.70
CA ALA A 380 40.57 12.58 -39.94
C ALA A 380 39.88 12.82 -41.27
N LEU A 381 40.06 11.93 -42.25
CA LEU A 381 39.36 12.05 -43.52
C LEU A 381 37.86 11.82 -43.34
N ALA A 382 37.49 10.78 -42.60
CA ALA A 382 36.09 10.48 -42.38
C ALA A 382 35.44 11.37 -41.33
N PHE A 383 36.25 12.07 -40.52
CA PHE A 383 35.68 12.96 -39.50
C PHE A 383 35.06 14.20 -40.11
N ILE A 384 35.55 14.64 -41.26
CA ILE A 384 35.07 15.87 -41.88
C ILE A 384 33.61 15.72 -42.35
N PRO A 385 33.25 14.69 -43.14
CA PRO A 385 31.86 14.62 -43.64
C PRO A 385 30.88 14.14 -42.59
N ASN A 386 31.21 13.05 -41.90
CA ASN A 386 30.26 12.41 -40.99
C ASN A 386 29.81 13.36 -39.87
N PHE A 387 30.73 14.19 -39.38
CA PHE A 387 30.34 15.15 -38.34
C PHE A 387 29.45 16.24 -38.90
N VAL A 388 29.62 16.60 -40.18
CA VAL A 388 28.77 17.62 -40.79
C VAL A 388 27.39 17.06 -41.10
N ILE A 389 27.32 15.82 -41.59
CA ILE A 389 26.02 15.22 -41.88
C ILE A 389 25.16 15.16 -40.62
N GLY A 390 25.79 15.01 -39.45
CA GLY A 390 25.06 15.14 -38.21
C GLY A 390 24.86 16.59 -37.80
N GLY A 391 25.77 17.47 -38.22
CA GLY A 391 25.62 18.89 -37.94
C GLY A 391 24.61 19.59 -38.81
N VAL A 392 24.33 19.05 -40.00
CA VAL A 392 23.32 19.63 -40.89
C VAL A 392 21.95 19.13 -40.48
N THR A 393 21.90 18.40 -39.36
CA THR A 393 20.65 17.97 -38.76
C THR A 393 20.36 18.64 -37.43
N GLY A 394 21.39 18.89 -36.62
CA GLY A 394 21.19 19.60 -35.37
C GLY A 394 20.77 21.04 -35.59
N VAL A 395 21.15 21.63 -36.73
CA VAL A 395 20.63 22.95 -37.08
C VAL A 395 19.11 22.90 -37.17
N MET A 396 18.55 21.81 -37.69
CA MET A 396 17.11 21.64 -37.68
C MET A 396 16.59 21.48 -36.25
N LEU A 397 17.35 20.78 -35.39
CA LEU A 397 16.95 20.65 -34.00
C LEU A 397 16.94 21.99 -33.28
N ALA A 398 17.78 22.93 -33.71
CA ALA A 398 17.80 24.25 -33.10
C ALA A 398 16.53 25.03 -33.39
N MET A 399 15.88 24.74 -34.52
CA MET A 399 14.62 25.39 -34.89
C MET A 399 13.54 24.93 -33.93
N ALA A 400 13.25 25.74 -32.92
CA ALA A 400 12.26 25.36 -31.93
C ALA A 400 10.86 25.24 -32.53
N ALA A 401 10.58 25.97 -33.61
CA ALA A 401 9.29 25.87 -34.26
C ALA A 401 9.09 24.50 -34.91
N ALA A 402 10.18 23.88 -35.36
CA ALA A 402 10.11 22.56 -35.96
C ALA A 402 10.65 21.47 -35.05
N ASP A 403 11.20 21.82 -33.90
CA ASP A 403 11.68 20.81 -32.96
C ASP A 403 10.55 19.98 -32.38
N TYR A 404 9.32 20.51 -32.37
CA TYR A 404 8.20 19.77 -31.79
C TYR A 404 7.86 18.54 -32.63
N GLN A 405 8.17 18.57 -33.93
CA GLN A 405 7.81 17.46 -34.79
C GLN A 405 8.78 16.29 -34.64
N TYR A 406 10.09 16.58 -34.68
CA TYR A 406 11.11 15.55 -34.58
C TYR A 406 11.81 15.57 -33.22
N HIS A 407 11.07 15.87 -32.17
CA HIS A 407 11.60 15.69 -30.82
C HIS A 407 11.62 14.21 -30.50
N ASN A 408 12.76 13.72 -30.00
CA ASN A 408 13.01 12.29 -29.78
C ASN A 408 12.92 11.61 -31.14
N THR A 409 12.02 10.63 -31.33
CA THR A 409 11.80 9.88 -32.57
C THR A 409 13.04 9.71 -33.44
N TYR A 410 14.07 9.03 -32.92
CA TYR A 410 15.21 8.56 -33.70
C TYR A 410 15.93 9.63 -34.51
N PHE A 411 15.20 10.52 -35.19
CA PHE A 411 15.83 11.62 -35.89
C PHE A 411 16.72 12.42 -34.95
N LEU A 412 16.34 12.52 -33.68
CA LEU A 412 17.23 13.08 -32.66
C LEU A 412 18.42 12.14 -32.42
N VAL A 413 18.15 10.84 -32.31
CA VAL A 413 19.22 9.86 -32.11
C VAL A 413 20.12 9.80 -33.32
N SER A 414 19.54 9.87 -34.52
CA SER A 414 20.35 9.80 -35.74
C SER A 414 21.22 11.04 -35.91
N HIS A 415 20.75 12.20 -35.44
CA HIS A 415 21.55 13.41 -35.53
C HIS A 415 22.80 13.30 -34.66
N PHE A 416 22.63 13.00 -33.38
CA PHE A 416 23.74 13.09 -32.44
C PHE A 416 24.72 11.94 -32.61
N HIS A 417 24.23 10.75 -32.96
CA HIS A 417 25.15 9.63 -33.22
C HIS A 417 26.08 9.94 -34.38
N TYR A 418 25.62 10.72 -35.36
CA TYR A 418 26.50 11.21 -36.41
C TYR A 418 27.45 12.27 -35.88
N VAL A 419 27.09 12.96 -34.80
CA VAL A 419 27.90 14.06 -34.26
C VAL A 419 28.99 13.55 -33.32
N LEU A 420 28.63 12.67 -32.39
CA LEU A 420 29.58 12.28 -31.36
C LEU A 420 30.49 11.13 -31.80
N ILE A 421 29.93 10.11 -32.44
CA ILE A 421 30.76 8.98 -32.87
C ILE A 421 31.76 9.44 -33.93
N ALA A 422 31.33 10.27 -34.86
CA ALA A 422 32.27 10.84 -35.82
C ALA A 422 33.20 11.85 -35.18
N GLY A 423 32.71 12.59 -34.18
CA GLY A 423 33.51 13.59 -33.51
C GLY A 423 34.48 13.02 -32.50
N THR A 424 33.95 12.40 -31.44
CA THR A 424 34.77 11.95 -30.32
C THR A 424 35.30 10.53 -30.52
N VAL A 425 34.42 9.59 -30.89
CA VAL A 425 34.83 8.19 -31.01
C VAL A 425 35.90 8.03 -32.08
N PHE A 426 35.76 8.78 -33.18
CA PHE A 426 36.82 8.78 -34.19
C PHE A 426 38.09 9.45 -33.65
N ALA A 427 37.93 10.55 -32.91
CA ALA A 427 39.08 11.16 -32.25
C ALA A 427 39.65 10.24 -31.18
N CYS A 428 38.80 9.46 -30.52
CA CYS A 428 39.29 8.44 -29.61
C CYS A 428 40.05 7.36 -30.35
N PHE A 429 39.69 7.11 -31.61
CA PHE A 429 40.46 6.18 -32.44
C PHE A 429 41.65 6.88 -33.11
N ALA A 430 41.52 8.17 -33.43
CA ALA A 430 42.63 8.91 -34.02
C ALA A 430 43.78 9.04 -33.05
N GLY A 431 43.51 9.59 -31.86
CA GLY A 431 44.54 9.68 -30.83
C GLY A 431 45.03 8.34 -30.35
N PHE A 432 44.26 7.28 -30.57
CA PHE A 432 44.68 5.93 -30.19
C PHE A 432 45.88 5.48 -31.02
N ILE A 433 45.82 5.69 -32.33
CA ILE A 433 46.87 5.19 -33.23
C ILE A 433 47.95 6.24 -33.44
N PHE A 434 47.58 7.50 -33.61
CA PHE A 434 48.57 8.54 -33.93
C PHE A 434 49.56 8.74 -32.79
N TRP A 435 49.14 8.51 -31.55
CA TRP A 435 50.02 8.62 -30.39
C TRP A 435 50.22 7.28 -29.70
N TYR A 436 50.23 6.20 -30.48
CA TYR A 436 50.48 4.86 -29.94
C TYR A 436 51.98 4.60 -29.74
N PRO A 437 52.86 5.02 -30.65
CA PRO A 437 54.31 4.89 -30.36
C PRO A 437 54.73 5.58 -29.07
N LYS A 438 53.97 6.56 -28.59
CA LYS A 438 54.24 7.16 -27.29
C LYS A 438 54.09 6.13 -26.16
N MET A 439 53.16 5.20 -26.32
CA MET A 439 52.83 4.29 -25.23
C MET A 439 53.79 3.11 -25.15
N PHE A 440 54.19 2.55 -26.28
CA PHE A 440 55.11 1.43 -26.30
C PHE A 440 55.85 1.43 -27.64
N GLY A 441 56.68 0.40 -27.84
CA GLY A 441 57.48 0.33 -29.05
C GLY A 441 56.65 0.05 -30.29
N HIS A 442 57.17 0.51 -31.43
CA HIS A 442 56.52 0.36 -32.72
C HIS A 442 55.11 0.95 -32.72
N LYS A 443 54.27 0.52 -33.65
CA LYS A 443 52.91 1.02 -33.75
C LYS A 443 52.03 -0.08 -34.33
N LEU A 444 50.83 0.30 -34.77
CA LEU A 444 49.88 -0.64 -35.33
C LEU A 444 50.19 -0.91 -36.80
N ASN A 445 49.86 -2.11 -37.24
CA ASN A 445 50.02 -2.46 -38.65
C ASN A 445 49.07 -1.64 -39.50
N GLU A 446 49.61 -0.98 -40.53
CA GLU A 446 48.84 0.01 -41.28
C GLU A 446 47.86 -0.65 -42.24
N ARG A 447 48.30 -1.64 -43.00
CA ARG A 447 47.48 -2.19 -44.07
C ARG A 447 46.23 -2.87 -43.52
N ILE A 448 46.40 -3.75 -42.53
CA ILE A 448 45.23 -4.38 -41.92
C ILE A 448 44.49 -3.41 -41.00
N GLY A 449 45.13 -2.31 -40.61
CA GLY A 449 44.41 -1.27 -39.90
C GLY A 449 43.43 -0.53 -40.79
N LYS A 450 43.68 -0.51 -42.11
CA LYS A 450 42.71 0.05 -43.04
C LYS A 450 41.44 -0.79 -43.09
N TRP A 451 41.55 -2.11 -42.90
CA TRP A 451 40.37 -2.96 -42.88
C TRP A 451 39.42 -2.57 -41.75
N PHE A 452 39.97 -2.19 -40.59
CA PHE A 452 39.11 -1.76 -39.49
C PHE A 452 38.45 -0.43 -39.79
N PHE A 453 39.13 0.46 -40.51
CA PHE A 453 38.56 1.78 -40.79
C PHE A 453 37.37 1.67 -41.75
N TRP A 454 37.54 0.95 -42.86
CA TRP A 454 36.50 0.92 -43.88
C TRP A 454 35.23 0.26 -43.38
N ILE A 455 35.37 -0.90 -42.71
CA ILE A 455 34.19 -1.61 -42.22
C ILE A 455 33.46 -0.80 -41.15
N PHE A 456 34.22 -0.19 -40.24
CA PHE A 456 33.61 0.66 -39.20
C PHE A 456 33.03 1.94 -39.78
N MET A 457 33.48 2.37 -40.95
CA MET A 457 32.97 3.59 -41.56
C MET A 457 31.68 3.35 -42.34
N ILE A 458 31.66 2.29 -43.16
CA ILE A 458 30.48 2.04 -43.99
C ILE A 458 29.31 1.55 -43.14
N GLY A 459 29.58 0.78 -42.08
CA GLY A 459 28.51 0.37 -41.19
C GLY A 459 27.96 1.48 -40.32
N PHE A 460 28.71 2.58 -40.19
CA PHE A 460 28.25 3.70 -39.38
C PHE A 460 27.16 4.51 -40.09
N ASN A 461 27.19 4.54 -41.43
CA ASN A 461 26.20 5.33 -42.17
C ASN A 461 24.90 4.54 -42.38
N ILE A 462 25.00 3.26 -42.71
CA ILE A 462 23.82 2.45 -42.97
C ILE A 462 23.17 2.04 -41.65
N CYS A 463 23.66 2.59 -40.55
CA CYS A 463 23.10 2.35 -39.23
C CYS A 463 22.26 3.52 -38.73
N PHE A 464 22.65 4.75 -39.04
CA PHE A 464 21.96 5.93 -38.54
C PHE A 464 21.36 6.81 -39.63
N PHE A 465 21.71 6.61 -40.90
CA PHE A 465 21.06 7.37 -41.95
C PHE A 465 19.68 6.81 -42.25
N PRO A 466 19.48 5.49 -42.24
CA PRO A 466 18.09 4.98 -42.23
C PRO A 466 17.32 5.39 -40.99
N GLN A 467 18.01 5.72 -39.89
CA GLN A 467 17.33 6.28 -38.73
C GLN A 467 16.79 7.66 -39.00
N TYR A 468 17.45 8.42 -39.90
CA TYR A 468 16.86 9.67 -40.36
C TYR A 468 15.53 9.42 -41.06
N PHE A 469 15.43 8.32 -41.80
CA PHE A 469 14.16 7.94 -42.39
C PHE A 469 13.27 7.21 -41.38
N LEU A 470 13.87 6.42 -40.48
CA LEU A 470 13.10 5.79 -39.42
C LEU A 470 12.39 6.83 -38.56
N GLY A 471 13.10 7.90 -38.19
CA GLY A 471 12.55 8.91 -37.32
C GLY A 471 11.55 9.83 -38.00
N LEU A 472 11.83 10.20 -39.24
CA LEU A 472 10.93 11.09 -39.96
C LEU A 472 9.64 10.37 -40.36
N GLN A 473 9.71 9.07 -40.61
CA GLN A 473 8.51 8.33 -40.99
C GLN A 473 7.58 8.12 -39.79
N GLY A 474 8.14 7.83 -38.62
CA GLY A 474 7.33 7.73 -37.42
C GLY A 474 7.72 6.62 -36.47
N MET A 475 9.00 6.50 -36.15
CA MET A 475 9.48 5.53 -35.18
C MET A 475 10.08 6.25 -33.97
N PRO A 476 9.36 6.32 -32.86
CA PRO A 476 9.90 7.01 -31.67
C PRO A 476 11.09 6.26 -31.09
N ARG A 477 11.76 6.92 -30.15
CA ARG A 477 12.90 6.33 -29.46
C ARG A 477 12.45 5.61 -28.20
N ARG A 478 13.34 4.79 -27.65
CA ARG A 478 13.09 4.03 -26.43
C ARG A 478 11.86 3.14 -26.57
N ILE A 479 11.87 2.31 -27.62
CA ILE A 479 10.76 1.42 -27.94
C ILE A 479 11.33 0.07 -28.34
N TYR A 480 10.74 -1.01 -27.80
CA TYR A 480 11.25 -2.36 -28.05
C TYR A 480 10.53 -3.07 -29.19
N THR A 481 9.44 -2.53 -29.71
CA THR A 481 8.78 -3.12 -30.87
C THR A 481 8.07 -2.05 -31.67
N TYR A 482 8.30 -2.05 -32.99
CA TYR A 482 7.76 -1.02 -33.86
C TYR A 482 6.37 -1.38 -34.38
N GLY A 483 6.23 -2.55 -34.98
CA GLY A 483 4.97 -2.98 -35.56
C GLY A 483 4.90 -2.68 -37.05
N PRO A 484 4.15 -3.50 -37.79
CA PRO A 484 4.02 -3.28 -39.23
C PRO A 484 3.33 -1.97 -39.57
N ASN A 485 4.10 -0.88 -39.61
CA ASN A 485 3.57 0.45 -39.88
C ASN A 485 4.09 0.91 -41.24
N ASP A 486 3.24 0.82 -42.26
CA ASP A 486 3.53 1.31 -43.61
C ASP A 486 4.79 0.68 -44.19
N GLY A 487 5.07 -0.57 -43.84
CA GLY A 487 6.24 -1.26 -44.37
C GLY A 487 7.56 -0.66 -43.96
N TRP A 488 7.61 0.00 -42.80
CA TRP A 488 8.84 0.62 -42.30
C TRP A 488 9.66 -0.34 -41.45
N THR A 489 9.68 -1.61 -41.82
CA THR A 489 10.47 -2.62 -41.12
C THR A 489 11.90 -2.70 -41.63
N THR A 490 12.08 -2.63 -42.95
CA THR A 490 13.42 -2.77 -43.52
C THR A 490 14.34 -1.64 -43.10
N LEU A 491 13.79 -0.42 -42.96
CA LEU A 491 14.60 0.70 -42.50
C LEU A 491 15.11 0.46 -41.09
N ASN A 492 14.34 -0.25 -40.26
CA ASN A 492 14.82 -0.64 -38.94
C ASN A 492 15.79 -1.81 -38.99
N PHE A 493 15.63 -2.70 -39.96
CA PHE A 493 16.56 -3.83 -40.11
C PHE A 493 17.87 -3.38 -40.74
N ILE A 494 17.80 -2.47 -41.72
CA ILE A 494 19.02 -1.91 -42.31
C ILE A 494 19.85 -1.21 -41.25
N SER A 495 19.18 -0.47 -40.36
CA SER A 495 19.88 0.16 -39.24
C SER A 495 20.54 -0.87 -38.34
N THR A 496 19.95 -2.06 -38.23
CA THR A 496 20.54 -3.13 -37.43
C THR A 496 21.71 -3.78 -38.16
N VAL A 497 21.59 -3.98 -39.48
CA VAL A 497 22.68 -4.55 -40.26
C VAL A 497 23.91 -3.66 -40.16
N GLY A 498 23.72 -2.35 -40.35
CA GLY A 498 24.82 -1.42 -40.13
C GLY A 498 25.26 -1.36 -38.68
N ALA A 499 24.35 -1.61 -37.75
CA ALA A 499 24.72 -1.65 -36.34
C ALA A 499 25.63 -2.83 -36.05
N PHE A 500 25.26 -4.02 -36.55
CA PHE A 500 26.10 -5.20 -36.36
C PHE A 500 27.34 -5.16 -37.24
N MET A 501 27.33 -4.33 -38.29
CA MET A 501 28.53 -4.20 -39.14
C MET A 501 29.63 -3.46 -38.40
N MET A 502 29.26 -2.46 -37.58
CA MET A 502 30.25 -1.78 -36.77
C MET A 502 30.81 -2.70 -35.69
N GLY A 503 30.01 -3.65 -35.21
CA GLY A 503 30.53 -4.65 -34.29
C GLY A 503 31.64 -5.47 -34.91
N VAL A 504 31.46 -5.89 -36.16
CA VAL A 504 32.53 -6.53 -36.91
C VAL A 504 33.62 -5.49 -37.13
N GLY A 505 34.73 -5.64 -36.42
CA GLY A 505 35.79 -4.65 -36.46
C GLY A 505 36.44 -4.50 -35.10
N PHE A 506 35.62 -4.51 -34.04
CA PHE A 506 36.19 -4.49 -32.70
C PHE A 506 37.03 -5.73 -32.44
N LEU A 507 36.68 -6.85 -33.08
CA LEU A 507 37.56 -8.01 -33.08
C LEU A 507 38.85 -7.70 -33.81
N ILE A 508 38.76 -6.98 -34.93
CA ILE A 508 39.97 -6.56 -35.65
C ILE A 508 40.75 -5.56 -34.81
N LEU A 509 40.06 -4.63 -34.14
CA LEU A 509 40.74 -3.67 -33.29
C LEU A 509 41.52 -4.37 -32.19
N CYS A 510 40.94 -5.40 -31.59
CA CYS A 510 41.66 -6.17 -30.56
C CYS A 510 42.72 -7.08 -31.16
N TYR A 511 42.51 -7.55 -32.39
CA TYR A 511 43.53 -8.34 -33.07
C TYR A 511 44.77 -7.50 -33.38
N ASN A 512 44.58 -6.22 -33.67
CA ASN A 512 45.73 -5.34 -33.93
C ASN A 512 46.55 -5.11 -32.66
N ILE A 513 45.90 -5.07 -31.50
CA ILE A 513 46.62 -4.89 -30.25
C ILE A 513 47.35 -6.16 -29.83
N TYR A 514 46.98 -7.31 -30.39
CA TYR A 514 47.65 -8.56 -30.04
C TYR A 514 49.12 -8.56 -30.44
N TYR A 515 49.52 -7.70 -31.39
CA TYR A 515 50.91 -7.59 -31.81
C TYR A 515 51.71 -6.91 -30.70
N SER A 516 52.05 -7.69 -29.67
CA SER A 516 52.79 -7.20 -28.53
C SER A 516 53.57 -8.33 -27.85
N GLY A 530 56.89 9.04 -39.64
CA GLY A 530 56.03 10.07 -39.08
C GLY A 530 56.49 11.48 -39.38
N VAL A 531 55.53 12.38 -39.60
CA VAL A 531 55.84 13.77 -39.92
C VAL A 531 55.38 14.66 -38.77
N GLY A 532 56.06 14.53 -37.62
CA GLY A 532 55.69 15.33 -36.47
C GLY A 532 56.00 16.80 -36.65
N ARG A 533 55.19 17.65 -36.02
CA ARG A 533 55.39 19.09 -36.08
C ARG A 533 55.33 19.78 -34.71
N THR A 534 55.15 19.03 -33.63
CA THR A 534 55.17 19.59 -32.28
C THR A 534 56.10 18.75 -31.42
N LEU A 535 55.92 18.82 -30.10
CA LEU A 535 56.78 18.10 -29.17
C LEU A 535 56.34 16.66 -29.00
N ASP A 536 55.73 16.08 -30.03
CA ASP A 536 55.31 14.69 -30.02
C ASP A 536 56.53 13.77 -30.10
N TRP A 537 57.17 13.73 -31.26
CA TRP A 537 58.36 12.91 -31.47
C TRP A 537 59.65 13.64 -31.10
N ALA A 538 59.54 14.82 -30.49
CA ALA A 538 60.71 15.56 -30.02
C ALA A 538 61.35 14.93 -28.79
N THR A 539 60.82 13.82 -28.29
CA THR A 539 61.38 13.15 -27.13
C THR A 539 62.73 12.53 -27.48
N SER A 540 63.45 12.09 -26.43
CA SER A 540 64.78 11.51 -26.65
C SER A 540 64.72 10.24 -27.49
N SER A 541 63.64 9.49 -27.38
CA SER A 541 63.45 8.25 -28.14
C SER A 541 61.99 7.83 -27.98
N ALA A 542 61.67 6.63 -28.45
CA ALA A 542 60.36 6.07 -28.20
C ALA A 542 60.20 5.81 -26.69
N ILE A 543 58.96 5.57 -26.28
CA ILE A 543 58.51 5.53 -24.89
C ILE A 543 59.34 6.51 -24.04
N PRO A 544 58.93 7.77 -23.98
CA PRO A 544 59.76 8.78 -23.33
C PRO A 544 59.95 8.46 -21.85
N PRO A 545 61.06 8.91 -21.26
CA PRO A 545 61.37 8.53 -19.87
C PRO A 545 60.48 9.22 -18.84
N HIS A 546 60.79 9.00 -17.56
CA HIS A 546 59.96 9.54 -16.49
C HIS A 546 60.07 11.06 -16.41
N TYR A 547 61.29 11.59 -16.46
CA TYR A 547 61.51 13.02 -16.33
C TYR A 547 61.05 13.81 -17.55
N ASN A 548 60.80 13.13 -18.68
CA ASN A 548 60.36 13.69 -19.97
C ASN A 548 61.05 14.99 -20.34
N PHE A 549 61.94 14.91 -21.33
CA PHE A 549 62.76 16.04 -21.82
C PHE A 549 63.80 16.42 -20.77
N ALA A 550 65.08 16.18 -21.09
CA ALA A 550 66.14 16.53 -20.15
C ALA A 550 66.26 18.05 -19.98
N VAL A 551 66.17 18.79 -21.07
CA VAL A 551 66.18 20.24 -21.04
C VAL A 551 64.89 20.76 -21.65
N LEU A 552 64.47 21.93 -21.20
CA LEU A 552 63.24 22.52 -21.70
C LEU A 552 63.51 23.22 -23.03
N PRO A 553 62.70 22.98 -24.06
CA PRO A 553 62.94 23.61 -25.36
C PRO A 553 62.70 25.12 -25.32
N GLU A 554 63.50 25.85 -26.10
CA GLU A 554 63.31 27.29 -26.21
C GLU A 554 62.12 27.64 -27.08
N VAL A 555 61.81 26.81 -28.07
CA VAL A 555 60.68 27.00 -28.98
C VAL A 555 60.77 28.36 -29.64
N LYS A 556 60.15 29.37 -29.01
CA LYS A 556 60.12 30.74 -29.52
C LYS A 556 59.53 30.80 -30.93
N SER A 557 58.56 29.92 -31.22
CA SER A 557 57.91 29.89 -32.53
C SER A 557 56.57 29.19 -32.38
N GLN A 558 55.82 29.14 -33.47
CA GLN A 558 54.49 28.54 -33.45
C GLN A 558 54.57 27.01 -33.49
N ASP A 559 55.42 26.46 -34.34
CA ASP A 559 55.64 25.02 -34.43
C ASP A 559 57.09 24.73 -34.09
N ALA A 560 57.31 23.92 -33.06
CA ALA A 560 58.66 23.73 -32.55
C ALA A 560 59.44 22.69 -33.36
N PHE A 561 58.81 21.56 -33.69
CA PHE A 561 59.56 20.44 -34.25
C PHE A 561 60.11 20.76 -35.63
N LEU A 562 59.32 21.42 -36.49
CA LEU A 562 59.80 21.74 -37.82
C LEU A 562 60.90 22.79 -37.78
N HIS A 563 60.76 23.79 -36.90
CA HIS A 563 61.82 24.78 -36.73
C HIS A 563 63.02 24.23 -35.98
N MET A 564 62.91 23.04 -35.41
CA MET A 564 64.02 22.37 -34.74
C MET A 564 64.46 21.12 -35.49
N LYS A 565 64.34 21.13 -36.82
CA LYS A 565 64.80 20.01 -37.63
C LYS A 565 65.57 20.53 -38.84
N GLU A 566 64.86 21.09 -39.82
CA GLU A 566 65.54 21.66 -40.98
C GLU A 566 66.30 22.93 -40.60
N GLU A 567 65.64 23.83 -39.86
CA GLU A 567 66.28 25.05 -39.37
C GLU A 567 67.13 24.69 -38.15
N LYS A 568 68.45 24.76 -38.30
CA LYS A 568 69.40 24.41 -37.24
C LYS A 568 69.17 22.96 -36.84
N THR A 569 69.41 22.63 -35.58
CA THR A 569 69.17 21.28 -35.08
C THR A 569 68.54 21.34 -33.70
N GLU A 570 69.32 21.79 -32.71
CA GLU A 570 68.89 21.93 -31.33
C GLU A 570 68.46 20.60 -30.72
N LEU A 571 69.29 20.05 -29.83
CA LEU A 571 69.03 18.75 -29.23
C LEU A 571 69.11 18.82 -27.72
N TYR A 572 69.44 17.70 -27.08
CA TYR A 572 69.65 17.67 -25.63
C TYR A 572 71.14 17.45 -25.36
N PRO A 573 71.94 18.51 -25.35
CA PRO A 573 73.39 18.33 -25.20
C PRO A 573 73.76 17.95 -23.77
N GLU A 574 74.75 17.07 -23.66
CA GLU A 574 75.23 16.65 -22.34
C GLU A 574 75.92 17.83 -21.65
N SER A 575 76.20 17.65 -20.36
CA SER A 575 76.78 18.63 -19.45
C SER A 575 75.84 19.81 -19.19
N LYS A 576 74.66 19.84 -19.80
CA LYS A 576 73.66 20.86 -19.54
C LYS A 576 72.48 20.32 -18.75
N PHE A 577 72.58 19.11 -18.22
CA PHE A 577 71.51 18.51 -17.44
C PHE A 577 71.50 19.09 -16.02
N LYS A 578 70.52 18.67 -15.22
CA LYS A 578 70.40 19.13 -13.85
C LYS A 578 69.70 18.07 -12.99
N LYS A 579 69.06 18.51 -11.90
CA LYS A 579 68.50 17.60 -10.92
C LYS A 579 67.17 17.03 -11.41
N ILE A 580 66.49 16.31 -10.53
CA ILE A 580 65.22 15.65 -10.83
C ILE A 580 64.08 16.43 -10.19
N HIS A 581 62.86 15.94 -10.33
CA HIS A 581 61.66 16.57 -9.79
C HIS A 581 61.28 16.03 -8.42
N MET A 582 61.33 14.72 -8.25
CA MET A 582 61.00 14.01 -7.03
C MET A 582 59.58 14.29 -6.55
N PRO A 583 58.55 13.92 -7.31
CA PRO A 583 57.20 13.86 -6.73
C PRO A 583 56.76 12.41 -6.58
N SER A 584 57.32 11.73 -5.58
CA SER A 584 57.17 10.28 -5.49
C SER A 584 55.73 9.91 -5.15
N ASN A 585 55.48 8.60 -5.07
CA ASN A 585 54.14 8.07 -4.93
C ASN A 585 53.67 8.09 -3.48
N SER A 586 52.35 8.17 -3.31
CA SER A 586 51.70 8.08 -2.01
C SER A 586 50.49 7.19 -2.16
N GLY A 587 50.32 6.23 -1.24
CA GLY A 587 49.25 5.27 -1.32
C GLY A 587 47.88 5.74 -0.91
N ARG A 588 47.72 7.04 -0.65
CA ARG A 588 46.44 7.58 -0.17
C ARG A 588 45.40 7.72 -1.28
N PRO A 589 45.74 8.23 -2.48
CA PRO A 589 44.72 8.34 -3.53
C PRO A 589 43.94 7.06 -3.80
N PHE A 590 44.58 5.89 -3.72
CA PHE A 590 43.85 4.65 -3.89
C PHE A 590 42.93 4.39 -2.71
N PHE A 591 43.44 4.57 -1.48
CA PHE A 591 42.60 4.39 -0.30
C PHE A 591 41.54 5.47 -0.19
N MET A 592 41.80 6.66 -0.75
CA MET A 592 40.81 7.73 -0.70
C MET A 592 39.62 7.44 -1.59
N SER A 593 39.86 6.91 -2.80
CA SER A 593 38.76 6.59 -3.70
C SER A 593 38.03 5.34 -3.28
N VAL A 594 38.71 4.42 -2.59
CA VAL A 594 38.02 3.25 -2.03
C VAL A 594 36.98 3.67 -1.01
N ALA A 595 37.31 4.68 -0.20
CA ALA A 595 36.33 5.20 0.76
C ALA A 595 35.12 5.78 0.04
N PHE A 596 35.34 6.48 -1.08
CA PHE A 596 34.22 6.96 -1.88
C PHE A 596 33.45 5.80 -2.51
N GLY A 597 34.17 4.80 -3.02
CA GLY A 597 33.50 3.63 -3.58
C GLY A 597 32.80 2.79 -2.54
N LEU A 598 33.36 2.70 -1.33
CA LEU A 598 32.71 1.96 -0.26
C LEU A 598 31.47 2.68 0.22
N ALA A 599 31.56 3.99 0.42
CA ALA A 599 30.39 4.76 0.85
C ALA A 599 29.33 4.80 -0.24
N GLY A 600 29.76 4.87 -1.50
CA GLY A 600 28.79 4.87 -2.59
C GLY A 600 28.05 3.56 -2.71
N PHE A 601 28.78 2.44 -2.70
CA PHE A 601 28.14 1.14 -2.80
C PHE A 601 27.25 0.85 -1.60
N GLY A 602 27.63 1.33 -0.41
CA GLY A 602 26.81 1.10 0.76
C GLY A 602 25.48 1.81 0.71
N LEU A 603 25.46 3.04 0.16
CA LEU A 603 24.22 3.79 0.05
C LEU A 603 23.33 3.29 -1.08
N VAL A 604 23.90 2.64 -2.09
CA VAL A 604 23.12 2.19 -3.24
C VAL A 604 22.46 0.85 -2.95
N PHE A 605 23.28 -0.20 -2.81
CA PHE A 605 22.77 -1.55 -2.57
C PHE A 605 22.01 -1.60 -1.25
N GLU A 606 20.68 -1.54 -1.34
CA GLU A 606 19.80 -1.47 -0.16
C GLU A 606 20.18 -0.22 0.63
N TRP A 607 19.97 -0.23 1.94
CA TRP A 607 20.23 0.92 2.81
C TRP A 607 19.50 2.16 2.30
N TYR A 608 18.17 2.09 2.38
CA TYR A 608 17.31 3.12 1.82
C TYR A 608 17.41 4.42 2.61
N TRP A 609 17.03 4.37 3.89
CA TRP A 609 16.93 5.60 4.68
C TRP A 609 18.31 6.18 4.98
N MET A 610 19.18 5.39 5.61
CA MET A 610 20.53 5.82 5.94
C MET A 610 21.50 4.67 5.68
N GLY A 611 22.78 4.99 5.69
CA GLY A 611 23.80 3.99 5.40
C GLY A 611 24.71 3.70 6.58
N VAL A 612 24.81 2.43 6.94
CA VAL A 612 25.70 2.03 8.04
C VAL A 612 27.15 2.18 7.61
N VAL A 613 27.50 1.65 6.43
CA VAL A 613 28.86 1.78 5.91
C VAL A 613 29.04 3.02 5.07
N GLY A 614 27.95 3.71 4.69
CA GLY A 614 28.09 4.95 3.95
C GLY A 614 28.70 6.07 4.76
N LEU A 615 28.47 6.08 6.07
CA LEU A 615 29.07 7.10 6.93
C LEU A 615 30.54 6.81 7.18
N ILE A 616 30.97 5.55 7.07
CA ILE A 616 32.38 5.22 7.27
C ILE A 616 33.21 5.76 6.12
N GLY A 617 32.69 5.71 4.90
CA GLY A 617 33.41 6.25 3.77
C GLY A 617 33.70 7.73 3.91
N VAL A 618 32.73 8.49 4.41
CA VAL A 618 32.97 9.90 4.70
C VAL A 618 33.95 10.04 5.85
N LEU A 619 33.88 9.12 6.82
CA LEU A 619 34.83 9.14 7.93
C LEU A 619 36.25 8.87 7.46
N LEU A 620 36.42 7.89 6.57
CA LEU A 620 37.75 7.59 6.05
C LEU A 620 38.26 8.69 5.14
N CYS A 621 37.36 9.37 4.41
CA CYS A 621 37.80 10.44 3.51
C CYS A 621 38.29 11.64 4.30
N MET A 622 37.54 12.06 5.32
CA MET A 622 37.95 13.22 6.11
C MET A 622 39.22 12.95 6.91
N VAL A 623 39.44 11.70 7.32
CA VAL A 623 40.70 11.34 7.96
C VAL A 623 41.85 11.46 6.97
N LEU A 624 41.62 11.04 5.73
CA LEU A 624 42.66 11.18 4.71
C LEU A 624 42.81 12.63 4.27
N ARG A 625 41.74 13.42 4.35
CA ARG A 625 41.86 14.86 4.08
C ARG A 625 42.66 15.58 5.14
N SER A 626 42.73 15.03 6.37
CA SER A 626 43.67 15.54 7.35
C SER A 626 45.09 15.10 7.01
N PHE A 627 45.25 13.87 6.50
CA PHE A 627 46.54 13.43 6.00
C PHE A 627 46.98 14.22 4.77
N GLU A 628 46.04 14.88 4.10
CA GLU A 628 46.39 15.70 2.94
C GLU A 628 47.35 16.81 3.34
N TYR A 629 47.05 17.53 4.42
CA TYR A 629 47.91 18.59 4.92
C TYR A 629 48.63 18.18 6.19
N ASP A 630 48.95 16.89 6.32
CA ASP A 630 49.79 16.38 7.40
C ASP A 630 50.99 15.61 6.88
N ASN A 631 51.20 15.61 5.56
CA ASN A 631 52.31 14.91 4.94
C ASN A 631 53.22 15.95 4.28
N GLY A 632 54.45 16.04 4.77
CA GLY A 632 55.42 16.98 4.23
C GLY A 632 56.25 16.34 3.15
N TYR A 633 56.32 17.00 2.00
CA TYR A 633 57.08 16.48 0.86
C TYR A 633 57.70 17.60 0.03
N GLN B 16 0.85 19.85 -39.71
CA GLN B 16 1.80 19.86 -40.80
C GLN B 16 2.17 21.27 -41.23
N GLN B 17 1.94 22.24 -40.33
CA GLN B 17 2.28 23.62 -40.65
C GLN B 17 3.79 23.82 -40.72
N SER B 18 4.53 23.18 -39.80
CA SER B 18 5.99 23.26 -39.82
C SER B 18 6.62 22.28 -40.78
N ASP B 19 5.82 21.48 -41.50
CA ASP B 19 6.38 20.53 -42.45
C ASP B 19 6.99 21.24 -43.65
N LEU B 20 6.43 22.39 -44.05
CA LEU B 20 7.04 23.18 -45.11
C LEU B 20 8.44 23.64 -44.72
N ILE B 21 8.66 23.87 -43.41
CA ILE B 21 10.01 24.17 -42.94
C ILE B 21 10.92 22.96 -43.14
N LEU B 22 10.42 21.76 -42.86
CA LEU B 22 11.25 20.56 -42.96
C LEU B 22 11.68 20.32 -44.40
N LEU B 23 10.75 20.43 -45.34
CA LEU B 23 11.08 20.20 -46.74
C LEU B 23 11.95 21.30 -47.30
N SER B 24 11.63 22.56 -46.99
CA SER B 24 12.42 23.68 -47.48
C SER B 24 13.81 23.70 -46.84
N ILE B 25 13.91 23.29 -45.57
CA ILE B 25 15.22 23.26 -44.94
C ILE B 25 16.00 22.05 -45.40
N GLY B 26 15.32 20.96 -45.78
CA GLY B 26 16.01 19.77 -46.24
C GLY B 26 16.91 20.04 -47.43
N PHE B 27 16.44 20.86 -48.37
CA PHE B 27 17.27 21.22 -49.51
C PHE B 27 18.33 22.25 -49.12
N MET B 28 18.09 23.04 -48.08
CA MET B 28 19.08 24.03 -47.66
C MET B 28 20.33 23.36 -47.11
N LEU B 29 20.17 22.23 -46.42
CA LEU B 29 21.32 21.48 -45.92
C LEU B 29 21.81 20.43 -46.91
N PHE B 30 20.98 20.03 -47.87
CA PHE B 30 21.46 19.17 -48.94
C PHE B 30 22.49 19.87 -49.79
N ILE B 31 22.36 21.19 -49.95
CA ILE B 31 23.39 21.97 -50.64
C ILE B 31 24.68 21.98 -49.83
N VAL B 32 24.58 22.17 -48.52
CA VAL B 32 25.77 22.19 -47.67
C VAL B 32 26.50 20.85 -47.70
N GLY B 33 25.76 19.75 -47.81
CA GLY B 33 26.41 18.45 -47.92
C GLY B 33 27.17 18.27 -49.21
N VAL B 34 26.65 18.83 -50.31
CA VAL B 34 27.34 18.74 -51.59
C VAL B 34 28.41 19.82 -51.72
N VAL B 35 28.28 20.94 -51.01
CA VAL B 35 29.31 21.98 -51.04
C VAL B 35 30.64 21.43 -50.55
N PHE B 36 30.63 20.64 -49.48
CA PHE B 36 31.85 20.03 -48.98
C PHE B 36 32.30 18.84 -49.84
N VAL B 37 31.45 18.35 -50.73
CA VAL B 37 31.90 17.37 -51.71
C VAL B 37 32.78 18.04 -52.76
N LEU B 38 32.44 19.27 -53.14
CA LEU B 38 33.26 20.03 -54.08
C LEU B 38 34.53 20.56 -53.44
N PHE B 39 34.56 20.71 -52.12
CA PHE B 39 35.72 21.21 -51.41
C PHE B 39 36.73 20.13 -51.05
N THR B 40 36.48 18.87 -51.43
CA THR B 40 37.39 17.78 -51.11
C THR B 40 37.69 16.93 -52.34
N ILE B 41 36.64 16.44 -53.01
CA ILE B 41 36.83 15.51 -54.12
C ILE B 41 37.42 16.21 -55.34
N ILE B 42 37.17 17.52 -55.50
CA ILE B 42 37.68 18.23 -56.67
C ILE B 42 39.21 18.25 -56.64
N LEU B 43 39.80 18.48 -55.46
CA LEU B 43 41.25 18.45 -55.35
C LEU B 43 41.65 17.20 -54.57
N VAL B 44 42.57 17.34 -53.61
CA VAL B 44 43.07 16.22 -52.82
C VAL B 44 43.70 15.16 -53.73
N LYS B 45 42.89 14.56 -54.59
CA LYS B 45 43.42 13.56 -55.53
C LYS B 45 44.47 14.17 -56.44
N TYR B 46 44.24 15.40 -56.92
CA TYR B 46 45.21 16.07 -57.77
C TYR B 46 46.47 16.46 -57.00
N ARG B 47 46.37 16.62 -55.68
CA ARG B 47 47.49 17.09 -54.86
C ARG B 47 47.98 15.95 -53.97
N ASP B 48 48.57 14.94 -54.60
CA ASP B 48 49.21 13.83 -53.91
C ASP B 48 50.67 13.73 -54.35
N ARG B 49 51.46 13.03 -53.55
CA ARG B 49 52.87 12.84 -53.88
C ARG B 49 53.04 11.93 -55.09
N LYS B 50 52.13 10.98 -55.28
CA LYS B 50 52.18 10.07 -56.42
C LYS B 50 51.22 10.52 -57.52
N THR B 65 43.79 35.15 -43.94
CA THR B 65 43.57 36.38 -43.19
C THR B 65 42.47 37.21 -43.83
N PHE B 66 42.48 37.26 -45.16
CA PHE B 66 41.47 38.00 -45.91
C PHE B 66 40.26 37.14 -46.26
N LEU B 67 40.43 35.82 -46.34
CA LEU B 67 39.32 34.94 -46.68
C LEU B 67 38.43 34.64 -45.48
N GLU B 68 38.99 34.63 -44.27
CA GLU B 68 38.18 34.34 -43.09
C GLU B 68 37.28 35.52 -42.74
N VAL B 69 37.80 36.74 -42.81
CA VAL B 69 37.00 37.90 -42.45
C VAL B 69 35.89 38.14 -43.47
N VAL B 70 36.12 37.78 -44.73
CA VAL B 70 35.09 37.91 -45.75
C VAL B 70 34.07 36.78 -45.69
N TRP B 71 34.39 35.70 -44.98
CA TRP B 71 33.45 34.59 -44.81
C TRP B 71 32.37 34.87 -43.77
N THR B 72 32.57 35.86 -42.89
CA THR B 72 31.63 36.17 -41.83
C THR B 72 30.39 36.93 -42.31
N VAL B 73 30.10 36.90 -43.61
CA VAL B 73 28.92 37.58 -44.14
C VAL B 73 27.83 36.56 -44.47
N ILE B 74 28.24 35.33 -44.79
CA ILE B 74 27.31 34.28 -45.19
C ILE B 74 26.74 33.45 -44.03
N PRO B 75 27.42 33.23 -42.90
CA PRO B 75 26.89 32.24 -41.95
C PRO B 75 25.68 32.74 -41.19
N ILE B 76 25.60 34.05 -40.89
CA ILE B 76 24.37 34.59 -40.33
C ILE B 76 23.26 34.57 -41.37
N LEU B 77 23.59 34.81 -42.64
CA LEU B 77 22.60 34.77 -43.71
C LEU B 77 21.93 33.41 -43.80
N ILE B 78 22.64 32.35 -43.42
CA ILE B 78 22.01 31.03 -43.41
C ILE B 78 21.11 30.88 -42.19
N VAL B 79 21.46 31.48 -41.06
CA VAL B 79 20.68 31.31 -39.85
C VAL B 79 19.68 32.44 -39.67
N ILE B 80 20.02 33.65 -40.16
CA ILE B 80 19.07 34.75 -40.06
C ILE B 80 17.93 34.60 -41.06
N ALA B 81 18.14 33.84 -42.14
CA ALA B 81 17.03 33.45 -42.99
C ALA B 81 16.14 32.41 -42.31
N LEU B 82 16.60 31.84 -41.20
CA LEU B 82 15.79 30.96 -40.37
C LEU B 82 15.53 31.52 -38.98
N SER B 83 16.34 32.47 -38.51
CA SER B 83 16.11 33.11 -37.22
C SER B 83 14.99 34.14 -37.27
N VAL B 84 14.23 34.18 -38.36
CA VAL B 84 13.08 35.07 -38.48
C VAL B 84 11.83 34.23 -38.73
N PRO B 85 11.79 33.34 -39.73
CA PRO B 85 10.56 32.53 -39.90
C PRO B 85 10.33 31.54 -38.78
N THR B 86 11.39 31.07 -38.11
CA THR B 86 11.19 30.21 -36.95
C THR B 86 10.62 31.01 -35.77
N VAL B 87 11.13 32.23 -35.57
CA VAL B 87 10.59 33.08 -34.51
C VAL B 87 9.20 33.57 -34.88
N GLN B 88 8.95 33.81 -36.18
CA GLN B 88 7.60 34.14 -36.63
C GLN B 88 6.67 32.94 -36.56
N THR B 89 7.19 31.75 -36.24
CA THR B 89 6.38 30.55 -36.04
C THR B 89 6.23 30.16 -34.59
N ILE B 90 7.24 30.42 -33.75
CA ILE B 90 7.12 30.17 -32.31
C ILE B 90 5.97 30.98 -31.73
N TYR B 91 5.90 32.26 -32.08
CA TYR B 91 4.78 33.09 -31.67
C TYR B 91 3.48 32.75 -32.42
N SER B 92 3.57 31.96 -33.50
CA SER B 92 2.37 31.61 -34.25
C SER B 92 1.61 30.47 -33.60
N LEU B 93 2.33 29.51 -33.01
CA LEU B 93 1.69 28.38 -32.34
C LEU B 93 1.09 28.75 -30.98
N GLU B 94 1.38 29.94 -30.47
CA GLU B 94 0.81 30.40 -29.20
C GLU B 94 -0.68 30.69 -29.36
N LYS B 95 -1.01 31.79 -30.04
CA LYS B 95 -2.39 32.17 -30.31
C LYS B 95 -3.04 31.19 -31.30
N ALA B 96 -4.34 31.39 -31.50
CA ALA B 96 -5.24 30.57 -32.33
C ALA B 96 -4.55 30.09 -33.60
N PRO B 97 -4.18 28.80 -33.67
CA PRO B 97 -3.39 28.33 -34.80
C PRO B 97 -4.24 27.88 -35.98
N GLU B 98 -3.72 26.87 -36.66
CA GLU B 98 -4.18 26.35 -37.94
C GLU B 98 -5.56 25.71 -37.83
N ALA B 99 -6.60 26.54 -37.66
CA ALA B 99 -7.96 26.03 -37.55
C ALA B 99 -9.05 27.08 -37.69
N THR B 100 -9.55 27.56 -36.55
CA THR B 100 -10.83 28.25 -36.47
C THR B 100 -10.82 29.70 -36.93
N LYS B 101 -9.66 30.36 -36.94
CA LYS B 101 -9.56 31.82 -36.81
C LYS B 101 -10.15 32.16 -35.44
N ASP B 102 -11.30 32.84 -35.29
CA ASP B 102 -11.68 33.28 -33.96
C ASP B 102 -13.01 32.76 -33.44
N LYS B 103 -13.48 31.59 -33.85
CA LYS B 103 -14.65 31.08 -33.12
C LYS B 103 -14.53 29.61 -32.76
N GLU B 104 -15.64 29.00 -32.35
CA GLU B 104 -15.78 27.59 -32.00
C GLU B 104 -14.75 27.12 -30.99
N PRO B 105 -14.81 27.58 -29.74
CA PRO B 105 -13.81 27.15 -28.76
C PRO B 105 -14.16 25.84 -28.08
N LEU B 106 -13.59 24.74 -28.56
CA LEU B 106 -13.80 23.43 -27.96
C LEU B 106 -12.61 23.10 -27.07
N VAL B 107 -12.91 22.66 -25.84
CA VAL B 107 -11.89 22.32 -24.85
C VAL B 107 -11.92 20.81 -24.64
N VAL B 108 -10.73 20.21 -24.54
CA VAL B 108 -10.59 18.78 -24.29
C VAL B 108 -9.47 18.61 -23.28
N TYR B 109 -9.82 18.26 -22.03
CA TYR B 109 -8.83 18.02 -21.01
C TYR B 109 -8.11 16.71 -21.30
N ALA B 110 -6.80 16.76 -21.43
CA ALA B 110 -6.00 15.58 -21.74
C ALA B 110 -5.14 15.23 -20.53
N THR B 111 -5.37 14.04 -19.97
CA THR B 111 -4.58 13.54 -18.85
C THR B 111 -3.91 12.25 -19.28
N SER B 112 -2.72 11.99 -18.75
CA SER B 112 -1.93 10.85 -19.19
C SER B 112 -1.61 10.03 -17.96
N VAL B 113 -2.17 8.83 -17.84
CA VAL B 113 -1.65 7.97 -16.78
C VAL B 113 -0.55 7.09 -17.36
N ASP B 114 -0.01 6.19 -16.53
CA ASP B 114 1.04 5.30 -17.01
C ASP B 114 0.44 4.37 -18.04
N TRP B 115 1.16 4.20 -19.15
CA TRP B 115 0.74 3.36 -20.27
C TRP B 115 -0.55 3.90 -20.91
N LYS B 116 -1.50 4.37 -20.10
CA LYS B 116 -2.84 4.70 -20.58
C LYS B 116 -3.05 6.21 -20.71
N TRP B 117 -3.86 6.59 -21.71
CA TRP B 117 -4.18 7.97 -22.03
C TRP B 117 -5.62 8.31 -21.65
N VAL B 118 -5.83 9.51 -21.09
CA VAL B 118 -7.14 9.96 -20.60
C VAL B 118 -7.52 11.26 -21.30
N PHE B 119 -8.77 11.35 -21.77
CA PHE B 119 -9.28 12.55 -22.42
C PHE B 119 -10.71 12.81 -21.97
N SER B 120 -10.96 13.94 -21.33
CA SER B 120 -12.28 14.29 -20.82
C SER B 120 -12.78 15.56 -21.50
N TYR B 121 -14.06 15.54 -21.88
CA TYR B 121 -14.68 16.68 -22.54
C TYR B 121 -15.45 17.50 -21.52
N PRO B 122 -15.05 18.75 -21.24
CA PRO B 122 -15.84 19.58 -20.32
C PRO B 122 -17.09 20.18 -20.95
N GLU B 123 -17.24 20.11 -22.26
CA GLU B 123 -18.43 20.65 -22.91
C GLU B 123 -19.68 19.88 -22.49
N GLN B 124 -19.64 18.56 -22.64
CA GLN B 124 -20.72 17.70 -22.17
C GLN B 124 -20.11 16.56 -21.37
N ASP B 125 -20.81 16.14 -20.32
CA ASP B 125 -20.32 15.14 -19.39
C ASP B 125 -20.00 13.83 -20.12
N ILE B 126 -18.84 13.80 -20.78
CA ILE B 126 -18.38 12.66 -21.58
C ILE B 126 -16.89 12.49 -21.27
N GLU B 127 -16.43 11.25 -21.24
CA GLU B 127 -15.05 11.05 -20.86
C GLU B 127 -14.50 9.79 -21.52
N THR B 128 -13.44 9.93 -22.33
CA THR B 128 -12.90 8.79 -23.07
C THR B 128 -11.42 8.57 -22.75
N VAL B 129 -11.01 7.30 -22.82
CA VAL B 129 -9.66 6.90 -22.44
C VAL B 129 -9.09 6.02 -23.55
N ASN B 130 -7.85 6.29 -23.95
CA ASN B 130 -7.12 5.54 -24.98
C ASN B 130 -7.82 5.50 -26.33
N TYR B 131 -8.72 6.46 -26.59
CA TYR B 131 -9.40 6.62 -27.86
C TYR B 131 -9.96 8.03 -27.89
N LEU B 132 -9.99 8.62 -29.09
CA LEU B 132 -10.46 10.00 -29.19
C LEU B 132 -10.98 10.26 -30.60
N ASN B 133 -12.11 10.95 -30.67
CA ASN B 133 -12.76 11.31 -31.93
C ASN B 133 -12.93 12.83 -31.95
N ILE B 134 -12.60 13.45 -33.09
CA ILE B 134 -12.61 14.91 -33.19
C ILE B 134 -13.18 15.35 -34.53
N PRO B 135 -13.83 16.51 -34.52
CA PRO B 135 -14.39 17.08 -35.77
C PRO B 135 -13.37 17.83 -36.60
N VAL B 136 -13.41 17.61 -37.91
CA VAL B 136 -12.47 18.26 -38.81
C VAL B 136 -12.75 19.76 -38.88
N ASP B 137 -11.68 20.54 -39.05
CA ASP B 137 -11.77 21.99 -39.23
C ASP B 137 -12.52 22.63 -38.07
N ARG B 138 -12.28 22.13 -36.86
CA ARG B 138 -12.79 22.71 -35.65
C ARG B 138 -11.62 22.73 -34.67
N PRO B 139 -11.32 23.85 -34.03
CA PRO B 139 -10.19 23.91 -33.11
C PRO B 139 -10.48 23.13 -31.84
N ILE B 140 -9.45 22.46 -31.33
CA ILE B 140 -9.55 21.70 -30.10
C ILE B 140 -8.43 22.17 -29.17
N LEU B 141 -8.82 22.85 -28.09
CA LEU B 141 -7.87 23.41 -27.11
C LEU B 141 -7.55 22.32 -26.10
N PHE B 142 -6.52 21.53 -26.41
CA PHE B 142 -6.10 20.46 -25.51
C PHE B 142 -5.49 21.04 -24.23
N LYS B 143 -6.05 20.68 -23.08
CA LYS B 143 -5.45 20.95 -21.77
C LYS B 143 -4.67 19.69 -21.37
N ILE B 144 -3.34 19.81 -21.32
CA ILE B 144 -2.47 18.65 -21.19
C ILE B 144 -1.93 18.54 -19.77
N SER B 145 -2.04 17.35 -19.19
CA SER B 145 -1.43 17.05 -17.91
C SER B 145 -1.30 15.53 -17.83
N SER B 146 -0.54 15.08 -16.84
CA SER B 146 -0.35 13.64 -16.66
C SER B 146 -0.25 13.36 -15.16
N ALA B 147 -0.69 12.16 -14.77
CA ALA B 147 -0.81 11.84 -13.35
C ALA B 147 0.43 11.16 -12.79
N ASP B 148 0.87 10.08 -13.40
CA ASP B 148 1.83 9.22 -12.73
C ASP B 148 3.24 9.51 -13.21
N SER B 149 3.39 9.77 -14.52
CA SER B 149 4.70 10.13 -15.05
C SER B 149 4.52 11.26 -16.05
N MET B 150 5.58 12.06 -16.16
CA MET B 150 5.62 13.10 -17.18
C MET B 150 5.59 12.48 -18.56
N ALA B 151 4.80 13.08 -19.45
CA ALA B 151 4.63 12.54 -20.80
C ALA B 151 4.13 13.65 -21.71
N SER B 152 3.94 13.33 -22.98
CA SER B 152 3.45 14.30 -23.95
C SER B 152 2.72 13.59 -25.07
N LEU B 153 1.58 14.16 -25.46
CA LEU B 153 0.73 13.63 -26.51
C LEU B 153 1.29 14.02 -27.85
N TRP B 154 1.99 13.09 -28.50
CA TRP B 154 2.67 13.41 -29.76
C TRP B 154 1.65 13.60 -30.88
N ILE B 155 0.93 12.54 -31.24
CA ILE B 155 0.01 12.51 -32.37
C ILE B 155 0.74 13.05 -33.59
N PRO B 156 1.55 12.22 -34.26
CA PRO B 156 2.46 12.73 -35.31
C PRO B 156 1.77 13.45 -36.46
N GLN B 157 0.52 13.13 -36.77
CA GLN B 157 -0.13 13.77 -37.92
C GLN B 157 -0.51 15.21 -37.61
N LEU B 158 -0.80 15.52 -36.34
CA LEU B 158 -1.20 16.86 -35.95
C LEU B 158 -0.01 17.81 -35.87
N GLY B 159 1.17 17.31 -35.57
CA GLY B 159 2.37 18.14 -35.59
C GLY B 159 2.95 18.41 -34.22
N GLY B 160 2.78 19.64 -33.74
CA GLY B 160 3.41 20.03 -32.51
C GLY B 160 2.84 19.28 -31.32
N GLN B 161 3.75 18.81 -30.47
CA GLN B 161 3.42 18.09 -29.23
C GLN B 161 4.15 18.75 -28.08
N LYS B 162 3.43 18.91 -26.96
CA LYS B 162 3.95 19.61 -25.80
C LYS B 162 3.75 18.75 -24.55
N TYR B 163 4.71 18.82 -23.61
CA TYR B 163 4.72 17.92 -22.45
C TYR B 163 3.51 18.09 -21.53
N ALA B 164 3.06 16.95 -21.00
CA ALA B 164 2.07 16.89 -19.94
C ALA B 164 2.83 16.76 -18.63
N MET B 165 2.86 17.84 -17.85
CA MET B 165 3.65 17.93 -16.64
C MET B 165 2.76 17.66 -15.42
N ALA B 166 3.14 16.68 -14.62
CA ALA B 166 2.37 16.36 -13.43
C ALA B 166 2.50 17.49 -12.41
N GLY B 167 1.40 18.21 -12.18
CA GLY B 167 1.42 19.33 -11.27
C GLY B 167 0.86 20.59 -11.90
N MET B 168 0.67 20.58 -13.21
CA MET B 168 0.12 21.72 -13.91
C MET B 168 -0.46 21.28 -15.24
N LEU B 169 -1.39 22.10 -15.75
CA LEU B 169 -2.04 21.86 -17.02
C LEU B 169 -1.44 22.81 -18.07
N MET B 170 -1.02 22.25 -19.20
CA MET B 170 -0.47 23.02 -20.29
C MET B 170 -1.47 23.07 -21.44
N ASP B 171 -1.77 24.29 -21.89
CA ASP B 171 -2.73 24.50 -22.95
C ASP B 171 -2.03 24.35 -24.29
N GLN B 172 -2.68 23.63 -25.20
CA GLN B 172 -2.14 23.45 -26.54
C GLN B 172 -3.32 23.38 -27.49
N TYR B 173 -3.15 24.03 -28.64
CA TYR B 173 -4.18 24.08 -29.66
C TYR B 173 -3.81 23.15 -30.81
N LEU B 174 -4.81 22.43 -31.31
CA LEU B 174 -4.66 21.56 -32.46
C LEU B 174 -5.88 21.67 -33.35
N GLN B 175 -5.78 20.96 -34.47
CA GLN B 175 -6.85 20.78 -35.43
C GLN B 175 -6.54 19.50 -36.17
N ALA B 176 -7.55 19.01 -36.85
CA ALA B 176 -7.42 17.86 -37.73
C ALA B 176 -7.52 18.43 -39.13
N ASP B 177 -6.46 18.24 -39.92
CA ASP B 177 -6.45 18.82 -41.26
C ASP B 177 -7.61 18.28 -42.07
N LYS B 178 -7.67 16.96 -42.22
CA LYS B 178 -8.69 16.31 -43.02
C LYS B 178 -9.19 15.06 -42.30
N VAL B 179 -10.32 14.54 -42.80
CA VAL B 179 -10.91 13.33 -42.23
C VAL B 179 -9.97 12.15 -42.46
N GLY B 180 -9.75 11.36 -41.41
CA GLY B 180 -8.92 10.19 -41.56
C GLY B 180 -8.64 9.54 -40.22
N THR B 181 -7.71 8.59 -40.25
CA THR B 181 -7.25 7.89 -39.06
C THR B 181 -5.89 8.46 -38.69
N TYR B 182 -5.85 9.25 -37.63
CA TYR B 182 -4.62 9.88 -37.18
C TYR B 182 -3.97 8.99 -36.13
N GLU B 183 -2.81 8.44 -36.46
CA GLU B 183 -2.05 7.75 -35.42
C GLU B 183 -1.62 8.75 -34.36
N GLY B 184 -1.66 8.31 -33.12
CA GLY B 184 -1.29 9.14 -32.00
C GLY B 184 -0.44 8.33 -31.05
N ARG B 185 0.45 9.03 -30.35
CA ARG B 185 1.36 8.34 -29.46
C ARG B 185 1.80 9.24 -28.32
N ASN B 186 2.69 8.69 -27.49
CA ASN B 186 3.29 9.39 -26.38
C ASN B 186 4.79 9.48 -26.62
N ALA B 187 5.42 10.49 -26.03
CA ALA B 187 6.87 10.63 -26.17
C ALA B 187 7.63 9.48 -25.54
N ASN B 188 6.99 8.71 -24.66
CA ASN B 188 7.55 7.46 -24.13
C ASN B 188 8.86 7.72 -23.39
N PHE B 189 8.80 8.55 -22.36
CA PHE B 189 9.89 8.62 -21.40
C PHE B 189 9.85 7.30 -20.65
N THR B 190 10.77 6.39 -21.01
CA THR B 190 10.55 4.97 -20.79
C THR B 190 10.23 4.63 -19.34
N GLY B 191 9.33 3.67 -19.16
CA GLY B 191 8.90 3.19 -17.87
C GLY B 191 8.16 1.87 -18.04
N GLU B 192 8.95 0.82 -18.30
CA GLU B 192 8.43 -0.52 -18.57
C GLU B 192 7.31 -0.50 -19.59
N HIS B 193 6.05 -0.46 -19.13
CA HIS B 193 4.91 -0.48 -20.03
C HIS B 193 4.63 0.95 -20.49
N PHE B 194 5.38 1.35 -21.52
CA PHE B 194 5.21 2.63 -22.22
C PHE B 194 5.16 2.49 -23.72
N ALA B 195 5.69 1.42 -24.30
CA ALA B 195 5.74 1.30 -25.76
C ALA B 195 4.34 1.18 -26.35
N ASP B 196 3.45 0.47 -25.67
CA ASP B 196 2.08 0.28 -26.18
C ASP B 196 1.15 1.39 -25.67
N GLN B 197 1.63 2.63 -25.73
CA GLN B 197 0.79 3.79 -25.44
C GLN B 197 0.13 4.34 -26.69
N GLU B 198 0.18 3.59 -27.78
CA GLU B 198 -0.36 4.03 -29.06
C GLU B 198 -1.89 4.00 -29.00
N PHE B 199 -2.51 5.18 -28.97
CA PHE B 199 -3.96 5.28 -29.00
C PHE B 199 -4.34 5.86 -30.36
N ASP B 200 -5.07 5.08 -31.14
CA ASP B 200 -5.47 5.50 -32.47
C ASP B 200 -6.62 6.49 -32.30
N VAL B 201 -6.52 7.63 -32.98
CA VAL B 201 -7.58 8.63 -32.91
C VAL B 201 -8.15 8.76 -34.32
N ASN B 202 -9.46 8.90 -34.39
CA ASN B 202 -10.16 9.02 -35.66
C ASN B 202 -10.82 10.39 -35.66
N ALA B 203 -10.80 11.04 -36.81
CA ALA B 203 -11.38 12.37 -36.98
C ALA B 203 -12.39 12.28 -38.11
N VAL B 204 -13.64 12.59 -37.82
CA VAL B 204 -14.72 12.48 -38.78
C VAL B 204 -15.47 13.81 -38.85
N THR B 205 -16.48 13.84 -39.72
CA THR B 205 -17.20 15.06 -40.01
C THR B 205 -17.98 15.55 -38.79
N GLU B 206 -18.34 16.84 -38.83
CA GLU B 206 -19.11 17.43 -37.74
C GLU B 206 -20.50 16.83 -37.64
N LYS B 207 -21.10 16.51 -38.79
CA LYS B 207 -22.45 15.91 -38.81
C LYS B 207 -22.47 14.59 -38.06
N ASP B 208 -21.46 13.73 -38.29
CA ASP B 208 -21.39 12.49 -37.54
C ASP B 208 -20.98 12.72 -36.09
N PHE B 209 -20.20 13.77 -35.83
CA PHE B 209 -19.77 14.03 -34.45
C PHE B 209 -20.95 14.40 -33.56
N ASN B 210 -21.84 15.28 -34.03
CA ASN B 210 -22.95 15.70 -33.18
C ASN B 210 -23.87 14.54 -32.85
N SER B 211 -23.93 13.53 -33.71
CA SER B 211 -24.60 12.30 -33.30
C SER B 211 -23.73 11.51 -32.33
N TRP B 212 -22.41 11.52 -32.54
CA TRP B 212 -21.45 10.82 -31.70
C TRP B 212 -20.91 11.61 -30.52
N VAL B 213 -21.16 12.94 -30.40
CA VAL B 213 -20.60 13.63 -29.23
C VAL B 213 -20.97 12.85 -27.97
N LYS B 214 -22.17 12.26 -27.96
CA LYS B 214 -22.46 11.06 -27.20
C LYS B 214 -22.56 9.89 -28.17
N LYS B 215 -21.94 8.76 -27.84
CA LYS B 215 -22.59 7.54 -28.27
C LYS B 215 -23.89 7.40 -27.48
N THR B 216 -23.82 7.46 -26.15
CA THR B 216 -25.00 7.36 -25.31
C THR B 216 -24.77 8.06 -23.96
N GLN B 217 -24.28 9.31 -23.98
CA GLN B 217 -24.18 10.09 -22.73
C GLN B 217 -25.59 10.10 -22.17
N PRO B 221 -22.17 3.90 -20.12
CA PRO B 221 -21.90 3.88 -18.69
C PRO B 221 -21.88 5.28 -18.07
N LYS B 222 -21.23 5.41 -16.92
CA LYS B 222 -21.14 6.69 -16.22
C LYS B 222 -19.82 6.74 -15.46
N LEU B 223 -19.62 7.83 -14.73
CA LEU B 223 -18.43 8.01 -13.90
C LEU B 223 -18.65 7.21 -12.62
N THR B 224 -18.12 5.99 -12.59
CA THR B 224 -18.34 5.07 -11.47
C THR B 224 -17.52 5.42 -10.23
N LYS B 225 -16.90 6.59 -10.20
CA LYS B 225 -16.17 7.08 -9.02
C LYS B 225 -14.97 6.20 -8.67
N GLU B 226 -15.19 4.90 -8.53
CA GLU B 226 -14.13 3.97 -8.17
C GLU B 226 -13.33 3.48 -9.37
N LYS B 227 -13.96 3.38 -10.55
CA LYS B 227 -13.24 2.92 -11.73
C LYS B 227 -12.18 3.93 -12.17
N TYR B 228 -12.35 5.20 -11.82
CA TYR B 228 -11.30 6.18 -12.09
C TYR B 228 -10.04 5.82 -11.32
N ASP B 229 -10.17 5.50 -10.04
CA ASP B 229 -9.04 5.01 -9.26
C ASP B 229 -8.53 3.67 -9.78
N GLU B 230 -9.34 2.93 -10.52
CA GLU B 230 -8.93 1.68 -11.12
C GLU B 230 -8.16 1.88 -12.42
N LEU B 231 -7.85 3.12 -12.79
CA LEU B 231 -7.12 3.40 -14.03
C LEU B 231 -5.65 3.68 -13.80
N MET B 232 -5.27 4.25 -12.66
CA MET B 232 -3.89 4.64 -12.42
C MET B 232 -2.93 3.47 -12.31
N LEU B 233 -3.40 2.23 -12.37
CA LEU B 233 -2.48 1.11 -12.36
C LEU B 233 -1.98 0.84 -13.78
N PRO B 234 -0.66 0.71 -13.97
CA PRO B 234 -0.14 0.55 -15.34
C PRO B 234 -0.24 -0.88 -15.87
N GLU B 235 -1.24 -1.14 -16.71
CA GLU B 235 -1.40 -2.46 -17.31
C GLU B 235 -1.78 -2.35 -18.79
N ASN B 236 -2.84 -3.06 -19.18
CA ASN B 236 -3.38 -3.01 -20.52
C ASN B 236 -4.90 -2.92 -20.44
N VAL B 237 -5.50 -2.17 -21.37
CA VAL B 237 -6.92 -1.86 -21.33
C VAL B 237 -7.47 -1.82 -22.76
N ASP B 238 -8.78 -1.83 -22.86
CA ASP B 238 -9.48 -1.86 -24.14
C ASP B 238 -10.08 -0.47 -24.40
N GLU B 239 -11.36 -0.35 -24.78
CA GLU B 239 -11.92 0.94 -25.18
C GLU B 239 -12.36 1.75 -23.97
N LEU B 240 -13.30 1.21 -23.17
CA LEU B 240 -13.88 1.90 -22.03
C LEU B 240 -14.54 3.21 -22.44
N THR B 241 -15.84 3.16 -22.76
CA THR B 241 -16.54 4.33 -23.30
C THR B 241 -16.63 5.46 -22.27
N PHE B 242 -17.33 5.22 -21.15
CA PHE B 242 -17.51 6.19 -20.07
C PHE B 242 -18.25 7.45 -20.53
N SER B 243 -19.52 7.58 -20.18
CA SER B 243 -20.36 8.71 -20.62
C SER B 243 -20.61 9.73 -19.51
N SER B 244 -19.56 10.19 -18.83
CA SER B 244 -19.62 11.19 -17.77
C SER B 244 -18.21 11.71 -17.57
N THR B 245 -18.05 13.02 -17.31
CA THR B 245 -16.74 13.67 -17.12
C THR B 245 -16.21 13.58 -15.68
N HIS B 246 -14.86 13.47 -15.56
CA HIS B 246 -14.18 13.29 -14.28
C HIS B 246 -13.56 14.55 -13.71
N LEU B 247 -13.74 15.72 -14.33
CA LEU B 247 -13.04 16.87 -13.80
C LEU B 247 -13.55 17.29 -12.43
N LYS B 248 -14.55 16.59 -11.89
CA LYS B 248 -15.06 16.81 -10.55
C LYS B 248 -14.14 16.24 -9.47
N TYR B 249 -12.99 15.71 -9.83
CA TYR B 249 -12.04 15.12 -8.89
C TYR B 249 -10.74 15.91 -8.92
N VAL B 250 -10.57 16.80 -7.94
CA VAL B 250 -9.37 17.61 -7.70
C VAL B 250 -8.73 18.13 -8.99
N ASP B 251 -9.54 18.36 -10.04
CA ASP B 251 -9.08 18.92 -11.31
C ASP B 251 -8.07 18.02 -12.01
N HIS B 252 -7.23 17.33 -11.24
CA HIS B 252 -6.17 16.45 -11.70
C HIS B 252 -5.05 17.21 -12.40
N GLY B 253 -5.40 18.18 -13.25
CA GLY B 253 -4.38 19.08 -13.77
C GLY B 253 -3.67 19.85 -12.67
N GLN B 254 -4.37 20.16 -11.59
CA GLN B 254 -3.78 20.68 -10.38
C GLN B 254 -3.73 19.58 -9.33
N ASP B 255 -2.84 19.74 -8.35
CA ASP B 255 -2.64 18.76 -7.28
C ASP B 255 -2.34 17.37 -7.87
N ALA B 256 -1.12 17.25 -8.38
CA ALA B 256 -0.64 16.00 -8.97
C ALA B 256 -0.29 14.95 -7.94
N GLU B 257 -0.61 15.18 -6.67
CA GLU B 257 -0.38 14.22 -5.60
C GLU B 257 -1.33 13.02 -5.69
N TYR B 258 -2.05 12.86 -6.80
CA TYR B 258 -3.01 11.77 -6.95
C TYR B 258 -2.31 10.49 -7.38
N ALA B 259 -1.04 10.34 -7.01
CA ALA B 259 -0.30 9.10 -7.24
C ALA B 259 -0.20 8.24 -5.99
N MET B 260 -0.17 8.85 -4.81
CA MET B 260 -0.24 8.08 -3.57
C MET B 260 -1.65 7.59 -3.29
N GLU B 261 -2.65 8.46 -3.48
CA GLU B 261 -4.04 8.05 -3.32
C GLU B 261 -4.48 7.06 -4.39
N ALA B 262 -3.64 6.81 -5.40
CA ALA B 262 -4.02 5.91 -6.48
C ALA B 262 -3.42 4.52 -6.28
N ARG B 263 -2.12 4.38 -6.52
CA ARG B 263 -1.49 3.06 -6.48
C ARG B 263 -1.46 2.49 -5.07
N LYS B 264 -1.36 3.34 -4.05
CA LYS B 264 -1.19 2.87 -2.69
C LYS B 264 -2.52 2.57 -1.99
N ARG B 265 -3.59 3.28 -2.35
CA ARG B 265 -4.88 3.01 -1.73
C ARG B 265 -5.40 1.62 -2.10
N LEU B 266 -4.99 1.09 -3.24
CA LEU B 266 -5.30 -0.27 -3.62
C LEU B 266 -4.20 -1.26 -3.25
N GLY B 267 -3.19 -0.80 -2.49
CA GLY B 267 -2.12 -1.65 -2.05
C GLY B 267 -1.28 -2.17 -3.21
N TYR B 268 -0.40 -1.33 -3.76
CA TYR B 268 0.42 -1.73 -4.89
C TYR B 268 1.62 -0.81 -5.01
N GLN B 269 2.82 -1.39 -4.95
CA GLN B 269 4.04 -0.70 -5.33
C GLN B 269 4.99 -1.73 -5.91
N ALA B 270 5.46 -1.48 -7.13
CA ALA B 270 6.22 -2.46 -7.87
C ALA B 270 7.67 -2.53 -7.36
N VAL B 271 8.38 -3.56 -7.82
CA VAL B 271 9.81 -3.71 -7.59
C VAL B 271 10.44 -4.19 -8.88
N SER B 272 11.70 -4.61 -8.83
CA SER B 272 12.35 -5.11 -10.03
C SER B 272 12.45 -6.63 -10.05
N PRO B 273 12.89 -7.30 -8.96
CA PRO B 273 12.93 -8.76 -8.99
C PRO B 273 11.86 -9.43 -8.12
N HIS B 274 10.98 -10.21 -8.76
CA HIS B 274 10.05 -11.10 -8.09
C HIS B 274 8.98 -10.37 -7.29
N SER B 275 7.92 -11.09 -6.91
CA SER B 275 6.87 -10.60 -6.02
C SER B 275 6.21 -9.33 -6.57
N LYS B 276 5.99 -9.29 -7.89
CA LYS B 276 5.29 -8.18 -8.50
C LYS B 276 3.82 -8.53 -8.69
N THR B 277 3.39 -8.58 -9.96
CA THR B 277 2.00 -8.89 -10.32
C THR B 277 1.02 -8.00 -9.56
N ASP B 278 1.40 -6.74 -9.35
CA ASP B 278 0.72 -5.82 -8.45
C ASP B 278 0.58 -6.49 -7.08
N PRO B 279 1.52 -6.22 -6.14
CA PRO B 279 1.60 -7.00 -4.89
C PRO B 279 0.26 -7.34 -4.26
N PHE B 280 -0.40 -8.35 -4.83
CA PHE B 280 -1.67 -8.89 -4.35
C PHE B 280 -2.76 -7.83 -4.37
N GLU B 281 -3.94 -8.17 -3.81
CA GLU B 281 -5.12 -7.31 -3.81
C GLU B 281 -5.58 -7.05 -5.23
N ASN B 282 -6.63 -7.76 -5.65
CA ASN B 282 -7.08 -7.78 -7.04
C ASN B 282 -7.98 -6.58 -7.35
N VAL B 283 -9.03 -6.83 -8.14
CA VAL B 283 -9.99 -5.81 -8.60
C VAL B 283 -9.32 -4.92 -9.64
N LYS B 284 -9.73 -5.08 -10.90
CA LYS B 284 -9.19 -4.33 -12.03
C LYS B 284 -9.95 -4.71 -13.30
N LYS B 285 -9.46 -4.25 -14.46
CA LYS B 285 -10.04 -4.65 -15.74
C LYS B 285 -8.89 -4.72 -16.74
N ASN B 286 -8.40 -5.94 -16.98
CA ASN B 286 -7.18 -6.16 -17.75
C ASN B 286 -7.54 -6.64 -19.16
N GLU B 287 -6.60 -7.33 -19.81
CA GLU B 287 -6.79 -7.84 -21.15
C GLU B 287 -7.35 -9.27 -21.08
N PHE B 288 -7.64 -9.85 -22.25
CA PHE B 288 -8.16 -11.20 -22.36
C PHE B 288 -9.47 -11.38 -21.59
N GLY C 20 57.50 29.93 -3.68
CA GLY C 20 56.36 30.06 -4.58
C GLY C 20 55.60 28.76 -4.77
N ARG C 21 54.29 28.80 -4.56
CA ARG C 21 53.43 27.63 -4.70
C ARG C 21 52.22 27.97 -5.55
N LEU C 22 51.98 27.15 -6.58
CA LEU C 22 50.82 27.32 -7.45
C LEU C 22 49.53 26.81 -6.83
N ASN C 23 49.59 26.18 -5.65
CA ASN C 23 48.39 25.76 -4.95
C ASN C 23 47.52 26.93 -4.56
N ILE C 24 48.07 28.14 -4.47
CA ILE C 24 47.27 29.32 -4.17
C ILE C 24 46.33 29.64 -5.32
N LEU C 25 46.72 29.31 -6.56
CA LEU C 25 45.89 29.55 -7.73
C LEU C 25 45.07 28.32 -8.12
N GLY C 26 45.63 27.12 -7.98
CA GLY C 26 44.87 25.92 -8.31
C GLY C 26 43.68 25.70 -7.39
N PHE C 27 43.87 25.93 -6.09
CA PHE C 27 42.77 25.88 -5.14
C PHE C 27 42.00 27.19 -5.11
N TRP C 28 42.27 28.09 -6.06
CA TRP C 28 41.52 29.32 -6.24
C TRP C 28 40.44 29.20 -7.31
N ILE C 29 40.77 28.58 -8.45
CA ILE C 29 39.74 28.29 -9.44
C ILE C 29 38.73 27.28 -8.92
N PHE C 30 39.11 26.50 -7.90
CA PHE C 30 38.13 25.68 -7.21
C PHE C 30 37.11 26.53 -6.46
N LEU C 31 37.53 27.67 -5.92
CA LEU C 31 36.60 28.60 -5.31
C LEU C 31 35.65 29.21 -6.34
N GLY C 32 36.13 29.40 -7.57
CA GLY C 32 35.25 29.84 -8.64
C GLY C 32 34.29 28.77 -9.11
N ALA C 33 34.64 27.49 -8.91
CA ALA C 33 33.71 26.42 -9.23
C ALA C 33 32.57 26.36 -8.23
N GLU C 34 32.85 26.69 -6.96
CA GLU C 34 31.79 26.72 -5.95
C GLU C 34 30.81 27.86 -6.18
N ILE C 35 31.20 28.88 -6.94
CA ILE C 35 30.24 29.91 -7.33
C ILE C 35 29.11 29.30 -8.14
N VAL C 36 29.45 28.39 -9.05
CA VAL C 36 28.43 27.68 -9.81
C VAL C 36 27.75 26.63 -8.95
N LEU C 37 28.44 26.14 -7.93
CA LEU C 37 27.84 25.18 -7.00
C LEU C 37 26.69 25.82 -6.25
N PHE C 38 26.92 26.98 -5.63
CA PHE C 38 25.88 27.65 -4.88
C PHE C 38 24.87 28.33 -5.78
N SER C 39 25.25 28.70 -7.01
CA SER C 39 24.29 29.27 -7.94
C SER C 39 23.27 28.23 -8.36
N THR C 40 23.69 26.97 -8.50
CA THR C 40 22.74 25.91 -8.80
C THR C 40 21.75 25.72 -7.65
N LEU C 41 22.23 25.78 -6.42
CA LEU C 41 21.34 25.70 -5.27
C LEU C 41 20.48 26.95 -5.14
N PHE C 42 21.01 28.11 -5.53
CA PHE C 42 20.21 29.33 -5.52
C PHE C 42 19.14 29.28 -6.61
N ALA C 43 19.48 28.71 -7.77
CA ALA C 43 18.46 28.53 -8.81
C ALA C 43 17.42 27.52 -8.37
N THR C 44 17.84 26.48 -7.66
CA THR C 44 16.88 25.52 -7.12
C THR C 44 15.97 26.16 -6.09
N PHE C 45 16.55 26.95 -5.18
CA PHE C 45 15.77 27.56 -4.12
C PHE C 45 14.81 28.62 -4.66
N PHE C 46 15.27 29.45 -5.60
CA PHE C 46 14.44 30.53 -6.11
C PHE C 46 13.26 30.04 -6.94
N VAL C 47 13.35 28.83 -7.51
CA VAL C 47 12.20 28.28 -8.23
C VAL C 47 11.26 27.58 -7.26
N LEU C 48 11.79 26.94 -6.22
CA LEU C 48 10.97 26.31 -5.19
C LEU C 48 10.52 27.30 -4.12
N LYS C 49 10.48 28.59 -4.43
CA LYS C 49 10.11 29.59 -3.44
C LYS C 49 8.60 29.69 -3.25
N ASN C 50 7.83 29.63 -4.35
CA ASN C 50 6.39 29.83 -4.31
C ASN C 50 5.61 28.53 -4.18
N ARG C 51 6.17 27.52 -3.51
CA ARG C 51 5.52 26.23 -3.34
C ARG C 51 4.88 26.18 -1.95
N THR C 52 5.06 25.11 -1.16
CA THR C 52 4.35 24.92 0.10
C THR C 52 2.83 25.06 -0.08
N ALA C 53 2.31 24.44 -1.14
CA ALA C 53 0.87 24.43 -1.35
C ALA C 53 0.16 23.66 -0.23
N GLY C 54 0.83 22.66 0.34
CA GLY C 54 0.30 21.95 1.48
C GLY C 54 1.36 21.74 2.56
N GLY C 55 1.45 22.68 3.50
CA GLY C 55 2.45 22.58 4.55
C GLY C 55 2.52 23.79 5.45
N VAL C 56 3.74 24.19 5.81
CA VAL C 56 3.98 25.28 6.76
C VAL C 56 4.59 26.47 6.02
N LEU C 57 4.06 27.66 6.30
CA LEU C 57 4.60 28.88 5.71
C LEU C 57 5.86 29.32 6.47
N PRO C 58 6.85 29.85 5.78
CA PRO C 58 8.13 30.18 6.44
C PRO C 58 8.02 31.43 7.30
N ASP C 59 8.29 31.27 8.60
CA ASP C 59 8.37 32.40 9.54
C ASP C 59 9.54 32.10 10.48
N GLU C 60 10.67 32.74 10.22
CA GLU C 60 11.91 32.52 10.96
C GLU C 60 12.27 33.74 11.79
N LEU C 61 13.14 33.51 12.77
CA LEU C 61 13.55 34.59 13.67
C LEU C 61 14.40 35.60 12.92
N PHE C 62 14.10 36.88 13.13
CA PHE C 62 14.81 37.94 12.42
C PHE C 62 16.14 38.28 13.10
N GLU C 63 16.11 38.45 14.42
CA GLU C 63 17.34 38.83 15.14
C GLU C 63 18.42 37.75 15.02
N VAL C 64 18.02 36.49 14.89
CA VAL C 64 19.01 35.42 14.73
C VAL C 64 19.75 35.58 13.41
N ASN C 65 19.03 35.99 12.35
CA ASN C 65 19.65 36.19 11.05
C ASN C 65 20.74 37.26 11.11
N LEU C 66 20.43 38.39 11.76
CA LEU C 66 21.44 39.44 11.90
C LEU C 66 22.58 38.99 12.82
N VAL C 67 22.26 38.29 13.91
CA VAL C 67 23.30 37.78 14.79
C VAL C 67 24.19 36.80 14.05
N MET C 68 23.60 35.96 13.19
CA MET C 68 24.40 35.06 12.38
C MET C 68 25.27 35.83 11.40
N ILE C 69 24.69 36.83 10.72
CA ILE C 69 25.43 37.58 9.72
C ILE C 69 26.44 38.51 10.37
N MET C 70 26.07 39.17 11.47
CA MET C 70 26.99 40.08 12.14
C MET C 70 28.15 39.33 12.78
N THR C 71 27.92 38.08 13.21
CA THR C 71 29.01 37.27 13.72
C THR C 71 29.98 36.87 12.61
N PHE C 72 29.45 36.59 11.41
CA PHE C 72 30.30 36.22 10.30
C PHE C 72 30.91 37.45 9.62
N LEU C 73 30.21 38.58 9.66
CA LEU C 73 30.79 39.81 9.12
C LEU C 73 31.91 40.32 10.01
N LEU C 74 31.85 40.04 11.32
CA LEU C 74 32.98 40.28 12.20
C LEU C 74 34.01 39.16 12.13
N LEU C 75 33.60 37.99 11.64
CA LEU C 75 34.56 36.89 11.43
C LEU C 75 35.59 37.27 10.37
N ILE C 76 35.13 37.85 9.26
CA ILE C 76 36.06 38.31 8.23
C ILE C 76 36.78 39.57 8.66
N SER C 77 36.18 40.35 9.56
CA SER C 77 36.85 41.55 10.06
C SER C 77 38.11 41.19 10.85
N SER C 78 38.07 40.07 11.56
CA SER C 78 39.23 39.53 12.25
C SER C 78 40.07 38.62 11.37
N PHE C 79 39.85 38.64 10.06
CA PHE C 79 40.58 37.76 9.16
C PHE C 79 41.09 38.51 7.92
N THR C 80 40.41 39.60 7.55
CA THR C 80 40.93 40.46 6.48
C THR C 80 42.25 41.10 6.90
N CYS C 81 42.35 41.49 8.17
CA CYS C 81 43.59 41.96 8.75
C CYS C 81 44.34 40.86 9.50
N GLY C 82 43.87 39.61 9.41
CA GLY C 82 44.48 38.49 10.07
C GLY C 82 45.63 37.83 9.35
N ILE C 83 46.01 38.34 8.18
CA ILE C 83 47.15 37.81 7.44
C ILE C 83 47.87 38.98 6.78
N ALA C 84 47.18 40.12 6.66
CA ALA C 84 47.79 41.31 6.09
C ALA C 84 48.69 42.01 7.10
N VAL C 85 48.18 42.30 8.29
CA VAL C 85 48.96 42.93 9.34
C VAL C 85 49.55 41.83 10.22
N HIS C 86 49.47 40.58 9.75
CA HIS C 86 49.97 39.43 10.48
C HIS C 86 51.31 38.97 9.91
N GLU C 87 51.27 38.36 8.74
CA GLU C 87 52.45 37.85 8.06
C GLU C 87 53.02 38.83 7.05
N MET C 88 52.15 39.56 6.34
CA MET C 88 52.61 40.49 5.32
C MET C 88 53.24 41.73 5.94
N ARG C 89 52.47 42.45 6.76
CA ARG C 89 53.00 43.60 7.50
C ARG C 89 53.69 43.11 8.77
N ARG C 90 54.96 43.47 8.92
CA ARG C 90 55.77 43.04 10.07
C ARG C 90 55.83 41.51 10.07
N GLY C 91 55.91 40.91 11.26
CA GLY C 91 55.97 39.47 11.37
C GLY C 91 55.55 38.98 12.73
N SER C 92 54.24 38.83 12.93
CA SER C 92 53.69 38.39 14.21
C SER C 92 53.54 36.87 14.18
N LEU C 93 54.69 36.20 14.29
CA LEU C 93 54.71 34.74 14.32
C LEU C 93 54.08 34.20 15.59
N LYS C 94 54.16 34.95 16.68
CA LYS C 94 53.54 34.54 17.93
C LYS C 94 52.03 34.76 17.91
N GLY C 95 51.56 35.70 17.10
CA GLY C 95 50.13 35.98 16.96
C GLY C 95 49.35 34.97 16.16
N VAL C 96 50.01 33.98 15.58
CA VAL C 96 49.28 32.95 14.83
C VAL C 96 48.46 32.08 15.78
N VAL C 97 48.88 31.96 17.03
CA VAL C 97 48.11 31.24 18.05
C VAL C 97 47.10 32.19 18.68
N ILE C 98 47.01 33.41 18.18
CA ILE C 98 46.11 34.43 18.70
C ILE C 98 45.06 34.83 17.66
N TRP C 99 45.50 35.23 16.47
CA TRP C 99 44.56 35.69 15.48
C TRP C 99 43.86 34.54 14.77
N THR C 100 44.57 33.43 14.54
CA THR C 100 43.95 32.26 13.91
C THR C 100 43.12 31.44 14.89
N ILE C 101 43.37 31.57 16.19
CA ILE C 101 42.58 30.84 17.18
C ILE C 101 41.30 31.60 17.50
N ILE C 102 41.39 32.93 17.65
CA ILE C 102 40.19 33.72 17.91
C ILE C 102 39.23 33.64 16.73
N THR C 103 39.76 33.72 15.50
CA THR C 103 38.91 33.56 14.33
C THR C 103 38.40 32.14 14.17
N LEU C 104 39.00 31.18 14.87
CA LEU C 104 38.53 29.80 14.83
C LEU C 104 37.32 29.58 15.73
N LEU C 105 37.24 30.31 16.84
CA LEU C 105 36.08 30.17 17.72
C LEU C 105 34.83 30.79 17.10
N LEU C 106 34.99 31.83 16.27
CA LEU C 106 33.84 32.42 15.61
C LEU C 106 33.21 31.48 14.60
N GLY C 107 34.00 30.54 14.05
CA GLY C 107 33.43 29.54 13.17
C GLY C 107 32.46 28.62 13.88
N ALA C 108 32.74 28.29 15.14
CA ALA C 108 31.82 27.49 15.93
C ALA C 108 30.56 28.27 16.30
N GLY C 109 30.64 29.61 16.32
CA GLY C 109 29.46 30.39 16.59
C GLY C 109 28.40 30.26 15.51
N PHE C 110 28.82 30.20 14.24
CA PHE C 110 27.88 29.99 13.16
C PHE C 110 27.41 28.54 13.10
N VAL C 111 28.27 27.59 13.47
CA VAL C 111 27.87 26.19 13.50
C VAL C 111 26.90 25.93 14.65
N GLY C 112 27.26 26.40 15.85
CA GLY C 112 26.41 26.17 17.00
C GLY C 112 25.06 26.87 16.90
N CYS C 113 25.03 28.05 16.29
CA CYS C 113 23.76 28.77 16.14
C CYS C 113 22.88 28.15 15.06
N GLU C 114 23.49 27.60 14.00
CA GLU C 114 22.71 26.99 12.93
C GLU C 114 22.22 25.60 13.33
N ILE C 115 22.94 24.90 14.20
CA ILE C 115 22.48 23.60 14.69
C ILE C 115 21.24 23.78 15.56
N ASN C 116 21.32 24.67 16.56
CA ASN C 116 20.14 24.97 17.36
C ASN C 116 19.04 25.62 16.54
N GLU C 117 19.38 26.25 15.42
CA GLU C 117 18.35 26.75 14.52
C GLU C 117 17.64 25.62 13.81
N PHE C 118 18.37 24.56 13.44
CA PHE C 118 17.77 23.40 12.80
C PHE C 118 17.04 22.53 13.82
N VAL C 119 17.59 22.39 15.02
CA VAL C 119 16.94 21.61 16.06
C VAL C 119 15.63 22.29 16.48
N HIS C 120 15.63 23.62 16.57
CA HIS C 120 14.40 24.34 16.86
C HIS C 120 13.41 24.26 15.71
N TYR C 121 13.89 24.02 14.48
CA TYR C 121 13.01 23.86 13.34
C TYR C 121 12.32 22.50 13.29
N VAL C 122 12.68 21.59 14.20
CA VAL C 122 11.96 20.33 14.31
C VAL C 122 10.50 20.58 14.67
N HIS C 123 10.24 21.63 15.46
CA HIS C 123 8.88 22.03 15.78
C HIS C 123 8.20 22.60 14.53
N GLU C 124 7.50 21.73 13.79
CA GLU C 124 6.83 22.10 12.53
C GLU C 124 7.82 22.59 11.48
N GLY C 125 8.05 21.77 10.45
CA GLY C 125 8.98 22.10 9.40
C GLY C 125 10.34 21.46 9.56
N ALA C 126 10.36 20.20 9.99
CA ALA C 126 11.60 19.49 10.26
C ALA C 126 12.15 18.83 9.01
N ALA C 127 13.46 18.96 8.82
CA ALA C 127 14.20 18.25 7.77
C ALA C 127 13.63 18.63 6.40
N LEU C 128 13.74 17.72 5.43
CA LEU C 128 13.32 17.97 4.05
C LEU C 128 12.05 17.22 3.68
N SER C 129 11.33 16.68 4.66
CA SER C 129 10.15 15.87 4.38
C SER C 129 8.85 16.62 4.57
N THR C 130 8.86 17.78 5.20
CA THR C 130 7.61 18.51 5.44
C THR C 130 7.09 19.14 4.15
N SER C 131 7.95 19.88 3.45
CA SER C 131 7.55 20.58 2.24
C SER C 131 8.72 20.61 1.28
N ALA C 132 8.43 20.99 0.03
CA ALA C 132 9.49 21.10 -0.98
C ALA C 132 10.38 22.30 -0.73
N PHE C 133 9.82 23.39 -0.18
CA PHE C 133 10.61 24.59 0.09
C PHE C 133 11.66 24.34 1.17
N TRP C 134 11.28 23.65 2.25
CA TRP C 134 12.23 23.38 3.31
C TRP C 134 13.34 22.42 2.88
N SER C 135 13.13 21.69 1.78
CA SER C 135 14.20 20.85 1.26
C SER C 135 15.37 21.70 0.73
N GLY C 136 15.05 22.76 -0.02
CA GLY C 136 16.10 23.63 -0.49
C GLY C 136 16.76 24.44 0.61
N PHE C 137 15.96 24.96 1.55
CA PHE C 137 16.50 25.76 2.64
C PHE C 137 17.47 24.96 3.50
N PHE C 138 17.14 23.71 3.79
CA PHE C 138 18.01 22.86 4.59
C PHE C 138 19.20 22.32 3.81
N VAL C 139 19.24 22.54 2.49
CA VAL C 139 20.37 22.12 1.66
C VAL C 139 21.16 23.32 1.15
N LEU C 140 20.46 24.39 0.75
CA LEU C 140 21.16 25.64 0.47
C LEU C 140 21.92 26.13 1.69
N LEU C 141 21.44 25.78 2.88
CA LEU C 141 22.18 25.99 4.13
C LEU C 141 22.80 24.70 4.66
N GLY C 142 22.66 23.60 3.92
CA GLY C 142 23.20 22.32 4.34
C GLY C 142 24.68 22.19 4.06
N THR C 143 25.03 22.02 2.78
CA THR C 143 26.44 22.04 2.40
C THR C 143 27.07 23.38 2.73
N HIS C 144 26.27 24.45 2.76
CA HIS C 144 26.67 25.70 3.38
C HIS C 144 27.19 25.47 4.79
N GLY C 145 26.40 24.79 5.63
CA GLY C 145 26.87 24.45 6.96
C GLY C 145 28.00 23.43 6.96
N THR C 146 28.11 22.62 5.92
CA THR C 146 29.19 21.65 5.83
C THR C 146 30.51 22.31 5.44
N HIS C 147 30.45 23.28 4.52
CA HIS C 147 31.67 23.97 4.09
C HIS C 147 32.30 24.75 5.24
N VAL C 148 31.47 25.38 6.08
CA VAL C 148 32.00 26.11 7.22
C VAL C 148 32.42 25.17 8.35
N THR C 149 31.91 23.94 8.36
CA THR C 149 32.30 22.98 9.39
C THR C 149 33.64 22.35 9.06
N ILE C 150 33.84 21.94 7.81
CA ILE C 150 35.11 21.36 7.40
C ILE C 150 36.22 22.41 7.39
N GLY C 151 35.86 23.69 7.22
CA GLY C 151 36.87 24.74 7.30
C GLY C 151 37.47 24.88 8.68
N ILE C 152 36.68 24.65 9.72
CA ILE C 152 37.20 24.68 11.09
C ILE C 152 38.25 23.58 11.26
N PHE C 153 37.95 22.38 10.77
CA PHE C 153 38.93 21.30 10.82
C PHE C 153 40.09 21.54 9.87
N TRP C 154 39.95 22.46 8.91
CA TRP C 154 41.05 22.82 8.03
C TRP C 154 41.89 23.94 8.61
N ILE C 155 41.26 24.89 9.31
CA ILE C 155 41.99 25.96 9.97
C ILE C 155 42.76 25.42 11.17
N THR C 156 42.18 24.47 11.88
CA THR C 156 42.90 23.83 12.97
C THR C 156 43.86 22.75 12.48
N GLY C 157 43.70 22.29 11.23
CA GLY C 157 44.64 21.35 10.67
C GLY C 157 45.99 21.97 10.37
N ILE C 158 46.01 23.28 10.06
CA ILE C 158 47.28 23.96 9.84
C ILE C 158 47.90 24.43 11.14
N LEU C 159 47.12 24.57 12.21
CA LEU C 159 47.64 24.99 13.50
C LEU C 159 48.54 23.95 14.15
N ILE C 160 48.67 22.76 13.54
CA ILE C 160 49.52 21.71 14.05
C ILE C 160 50.92 21.86 13.44
N GLN C 161 51.23 23.06 12.97
CA GLN C 161 52.51 23.33 12.34
C GLN C 161 53.49 24.07 13.25
N LEU C 162 52.99 24.78 14.26
CA LEU C 162 53.88 25.50 15.17
C LEU C 162 54.42 24.58 16.25
N LYS C 163 54.94 23.42 15.84
CA LYS C 163 55.53 22.46 16.78
C LYS C 163 56.87 21.98 16.26
N LYS C 164 56.87 20.90 15.48
CA LYS C 164 58.08 20.40 14.84
C LYS C 164 58.32 21.02 13.47
N ARG C 165 57.45 21.92 13.03
CA ARG C 165 57.63 22.61 11.76
C ARG C 165 57.83 24.11 12.00
N GLY C 166 56.74 24.85 12.11
CA GLY C 166 56.79 26.28 12.34
C GLY C 166 57.44 27.01 11.18
N LEU C 167 56.85 26.90 10.00
CA LEU C 167 57.42 27.53 8.82
C LEU C 167 57.15 29.03 8.82
N THR C 168 57.90 29.73 7.99
CA THR C 168 57.83 31.18 7.84
C THR C 168 56.82 31.55 6.76
N PRO C 169 56.37 32.81 6.73
CA PRO C 169 55.51 33.25 5.63
C PRO C 169 56.21 33.11 4.29
N GLN C 170 55.41 33.16 3.22
CA GLN C 170 55.86 32.89 1.85
C GLN C 170 56.46 31.49 1.70
N THR C 171 56.11 30.57 2.60
CA THR C 171 56.59 29.20 2.53
C THR C 171 55.52 28.25 3.03
N SER C 172 54.90 28.57 4.17
CA SER C 172 53.78 27.80 4.70
C SER C 172 52.50 28.34 4.07
N SER C 173 52.25 27.92 2.83
CA SER C 173 51.08 28.39 2.10
C SER C 173 49.78 27.82 2.63
N LYS C 174 49.85 26.86 3.57
CA LYS C 174 48.63 26.24 4.10
C LYS C 174 47.73 27.25 4.78
N ILE C 175 48.30 28.31 5.34
CA ILE C 175 47.48 29.31 6.03
C ILE C 175 46.70 30.16 5.03
N PHE C 176 47.37 30.60 3.96
CA PHE C 176 46.72 31.51 3.02
C PHE C 176 45.70 30.79 2.16
N ILE C 177 46.02 29.58 1.70
CA ILE C 177 45.11 28.85 0.83
C ILE C 177 43.87 28.41 1.60
N SER C 178 43.99 28.19 2.90
CA SER C 178 42.84 27.89 3.73
C SER C 178 42.14 29.14 4.23
N SER C 179 42.84 30.28 4.25
CA SER C 179 42.20 31.54 4.66
C SER C 179 41.28 32.05 3.55
N LEU C 180 41.71 31.97 2.30
CA LEU C 180 40.90 32.48 1.21
C LEU C 180 39.70 31.59 0.92
N TYR C 181 39.85 30.28 1.08
CA TYR C 181 38.68 29.41 1.03
C TYR C 181 37.72 29.75 2.15
N TRP C 182 38.24 30.07 3.33
CA TRP C 182 37.40 30.51 4.44
C TRP C 182 36.77 31.87 4.15
N HIS C 183 37.43 32.69 3.33
CA HIS C 183 36.85 33.97 2.92
C HIS C 183 35.76 33.80 1.87
N PHE C 184 35.86 32.80 1.00
CA PHE C 184 34.84 32.58 -0.01
C PHE C 184 33.48 32.26 0.59
N LEU C 185 33.44 31.76 1.82
CA LEU C 185 32.16 31.45 2.46
C LEU C 185 31.31 32.70 2.59
N ASP C 186 31.85 33.74 3.24
CA ASP C 186 31.10 34.97 3.46
C ASP C 186 30.58 35.60 2.18
N VAL C 187 31.07 35.18 1.00
CA VAL C 187 30.53 35.67 -0.25
C VAL C 187 29.08 35.24 -0.42
N VAL C 188 28.84 33.92 -0.40
CA VAL C 188 27.47 33.43 -0.51
C VAL C 188 26.72 33.52 0.81
N TRP C 189 27.44 33.57 1.93
CA TRP C 189 26.79 33.76 3.23
C TRP C 189 25.94 35.01 3.23
N ILE C 190 26.44 36.10 2.65
CA ILE C 190 25.66 37.32 2.53
C ILE C 190 24.65 37.21 1.40
N PHE C 191 25.04 36.55 0.30
CA PHE C 191 24.08 36.29 -0.77
C PHE C 191 22.95 35.38 -0.31
N ILE C 192 23.20 34.56 0.71
CA ILE C 192 22.13 33.81 1.34
C ILE C 192 21.28 34.74 2.21
N PHE C 193 21.93 35.70 2.88
CA PHE C 193 21.19 36.66 3.70
C PHE C 193 20.16 37.42 2.87
N THR C 194 20.52 37.79 1.64
CA THR C 194 19.58 38.43 0.74
C THR C 194 18.78 37.42 -0.08
N GLY C 195 19.28 36.20 -0.24
CA GLY C 195 18.59 35.20 -1.03
C GLY C 195 17.38 34.61 -0.34
N VAL C 196 17.59 34.03 0.83
CA VAL C 196 16.50 33.35 1.54
C VAL C 196 15.71 34.32 2.43
N TYR C 197 16.36 35.36 2.95
CA TYR C 197 15.66 36.31 3.82
C TYR C 197 15.29 37.57 3.04
N UNK D 1 45.74 47.57 9.78
CA UNK D 1 45.48 48.99 9.86
C UNK D 1 44.65 49.46 8.67
N UNK D 2 45.05 49.06 7.48
CA UNK D 2 44.36 49.47 6.25
C UNK D 2 43.13 48.60 6.01
N UNK D 3 43.15 47.38 6.53
CA UNK D 3 42.05 46.44 6.33
C UNK D 3 40.89 46.72 7.29
N UNK D 4 41.16 47.49 8.33
CA UNK D 4 40.14 47.82 9.33
C UNK D 4 39.11 48.81 8.76
N UNK D 5 39.52 49.55 7.75
CA UNK D 5 38.65 50.54 7.11
C UNK D 5 37.55 49.84 6.30
N UNK D 6 37.91 48.75 5.65
CA UNK D 6 36.97 48.01 4.81
C UNK D 6 36.04 47.15 5.65
N UNK D 7 36.56 46.64 6.77
CA UNK D 7 35.79 45.79 7.65
C UNK D 7 34.69 46.56 8.36
N UNK D 8 34.98 47.81 8.72
CA UNK D 8 34.02 48.67 9.40
C UNK D 8 32.94 49.13 8.43
N UNK D 9 33.32 49.32 7.18
CA UNK D 9 32.38 49.77 6.15
C UNK D 9 31.45 48.63 5.72
N UNK D 10 31.91 47.40 5.88
CA UNK D 10 31.14 46.22 5.50
C UNK D 10 29.96 46.00 6.44
N UNK D 11 30.16 46.33 7.72
CA UNK D 11 29.13 46.14 8.74
C UNK D 11 27.93 47.05 8.50
N UNK D 12 28.17 48.20 7.88
CA UNK D 12 27.09 49.15 7.61
C UNK D 12 26.17 48.65 6.49
N UNK D 13 26.72 47.84 5.59
CA UNK D 13 25.96 47.31 4.46
C UNK D 13 24.92 46.30 4.93
N UNK D 14 25.27 45.52 5.95
CA UNK D 14 24.36 44.52 6.51
C UNK D 14 23.27 45.21 7.32
N UNK D 15 23.65 46.28 8.02
CA UNK D 15 22.68 47.04 8.82
C UNK D 15 21.72 47.78 7.91
N UNK D 16 22.22 48.27 6.78
CA UNK D 16 21.39 48.95 5.80
C UNK D 16 20.55 47.94 5.01
N UNK D 17 21.01 46.70 4.98
CA UNK D 17 20.30 45.64 4.28
C UNK D 17 19.01 45.27 5.03
N UNK D 18 19.07 45.34 6.35
CA UNK D 18 17.90 45.06 7.18
C UNK D 18 16.91 46.21 7.09
N UNK D 19 17.43 47.42 6.84
CA UNK D 19 16.59 48.61 6.73
C UNK D 19 15.80 48.62 5.42
N UNK D 20 16.27 47.85 4.44
CA UNK D 20 15.60 47.75 3.15
C UNK D 20 14.32 46.91 3.25
N UNK D 21 14.33 45.95 4.17
CA UNK D 21 13.17 45.09 4.39
C UNK D 21 12.38 45.54 5.61
N UNK D 22 13.04 45.63 6.76
CA UNK D 22 12.40 46.07 8.00
C UNK D 22 12.44 47.59 8.11
N PHE D 47 17.30 44.51 -7.82
CA PHE D 47 18.06 45.64 -8.33
C PHE D 47 18.57 46.54 -7.21
N GLY D 48 17.65 47.31 -6.61
CA GLY D 48 18.06 48.19 -5.52
C GLY D 48 18.56 47.45 -4.30
N PHE D 49 18.12 46.20 -4.12
CA PHE D 49 18.57 45.37 -3.02
C PHE D 49 19.38 44.17 -3.49
N ALA D 50 19.62 44.05 -4.79
CA ALA D 50 20.41 42.97 -5.34
C ALA D 50 21.85 43.39 -5.64
N PHE D 51 22.14 44.68 -5.62
CA PHE D 51 23.47 45.20 -5.88
C PHE D 51 24.27 45.44 -4.60
N ILE D 52 23.59 45.80 -3.50
CA ILE D 52 24.29 46.00 -2.22
C ILE D 52 24.91 44.69 -1.76
N GLN D 53 24.36 43.55 -2.19
CA GLN D 53 24.88 42.26 -1.77
C GLN D 53 26.19 41.95 -2.49
N ALA D 54 26.24 42.21 -3.80
CA ALA D 54 27.49 42.01 -4.54
C ALA D 54 28.54 43.04 -4.17
N ALA D 55 28.11 44.28 -3.88
CA ALA D 55 29.06 45.32 -3.46
C ALA D 55 29.67 45.00 -2.10
N LEU D 56 28.94 44.29 -1.24
CA LEU D 56 29.49 43.90 0.05
C LEU D 56 30.66 42.94 -0.12
N GLN D 57 30.59 42.06 -1.12
CA GLN D 57 31.65 41.10 -1.36
C GLN D 57 32.77 41.64 -2.23
N LEU D 58 32.51 42.71 -3.01
CA LEU D 58 33.57 43.34 -3.77
C LEU D 58 34.64 43.92 -2.84
N LEU D 59 34.22 44.69 -1.83
CA LEU D 59 35.16 45.22 -0.86
C LEU D 59 35.77 44.12 -0.01
N MET D 60 35.05 43.01 0.20
CA MET D 60 35.55 41.94 1.03
C MET D 60 36.68 41.18 0.34
N PHE D 61 36.59 41.01 -0.97
CA PHE D 61 37.52 40.17 -1.72
C PHE D 61 38.56 40.96 -2.48
N MET D 62 38.48 42.29 -2.49
CA MET D 62 39.43 43.11 -3.24
C MET D 62 40.76 43.29 -2.52
N HIS D 63 40.88 42.84 -1.27
CA HIS D 63 42.10 43.01 -0.50
C HIS D 63 42.99 41.77 -0.52
N MET D 64 42.80 40.88 -1.50
CA MET D 64 43.58 39.63 -1.48
C MET D 64 43.61 38.90 -2.83
N THR D 65 43.43 39.59 -3.96
CA THR D 65 43.49 38.95 -5.27
C THR D 65 44.76 39.35 -6.02
N GLU D 66 44.82 40.57 -6.54
CA GLU D 66 46.01 41.02 -7.24
C GLU D 66 47.20 41.13 -6.29
N SER D 67 48.40 40.85 -6.80
CA SER D 67 48.61 40.50 -8.20
C SER D 67 49.42 39.20 -8.33
N GLU D 68 50.53 39.28 -9.05
CA GLU D 68 51.36 38.12 -9.37
C GLU D 68 50.52 37.06 -10.06
N ASN D 69 49.83 36.22 -9.29
CA ASN D 69 48.88 35.27 -9.84
C ASN D 69 47.54 35.91 -10.17
N GLY D 70 47.46 37.23 -10.12
CA GLY D 70 46.22 37.94 -10.41
C GLY D 70 45.77 37.83 -11.85
N THR D 71 44.87 38.72 -12.27
CA THR D 71 44.26 38.69 -13.59
C THR D 71 43.56 37.36 -13.85
N ILE D 72 44.29 36.26 -13.78
CA ILE D 72 43.66 34.94 -13.86
C ILE D 72 42.84 34.67 -12.60
N GLN D 73 43.39 35.02 -11.43
CA GLN D 73 42.67 34.82 -10.18
C GLN D 73 41.38 35.64 -10.13
N VAL D 74 41.50 36.96 -10.23
CA VAL D 74 40.32 37.82 -10.20
C VAL D 74 39.47 37.65 -11.45
N GLY D 75 40.03 37.12 -12.53
CA GLY D 75 39.24 36.87 -13.72
C GLY D 75 38.46 35.58 -13.69
N ASN D 76 38.96 34.57 -12.97
CA ASN D 76 38.25 33.30 -12.86
C ASN D 76 36.89 33.48 -12.20
N THR D 77 36.83 34.28 -11.13
CA THR D 77 35.56 34.55 -10.46
C THR D 77 34.69 35.53 -11.23
N LEU D 78 35.22 36.21 -12.24
CA LEU D 78 34.40 37.18 -12.99
C LEU D 78 33.34 36.48 -13.83
N PHE D 79 33.77 35.56 -14.71
CA PHE D 79 32.80 34.79 -15.48
C PHE D 79 32.11 33.71 -14.65
N GLY D 80 32.58 33.45 -13.43
CA GLY D 80 31.84 32.56 -12.55
C GLY D 80 30.54 33.17 -12.06
N PHE D 81 30.58 34.45 -11.69
CA PHE D 81 29.35 35.16 -11.35
C PHE D 81 28.46 35.34 -12.57
N PHE D 82 29.05 35.34 -13.78
CA PHE D 82 28.25 35.36 -14.99
C PHE D 82 27.35 34.13 -15.06
N GLY D 83 27.92 32.95 -14.81
CA GLY D 83 27.11 31.76 -14.73
C GLY D 83 26.08 31.82 -13.62
N ALA D 84 26.42 32.47 -12.50
CA ALA D 84 25.46 32.63 -11.43
C ALA D 84 24.27 33.47 -11.88
N ILE D 85 24.52 34.51 -12.68
CA ILE D 85 23.41 35.28 -13.24
C ILE D 85 22.70 34.47 -14.31
N VAL D 86 23.44 33.69 -15.09
CA VAL D 86 22.83 32.91 -16.15
C VAL D 86 22.00 31.78 -15.58
N ILE D 87 22.48 31.13 -14.52
CA ILE D 87 21.76 30.00 -13.95
C ILE D 87 20.55 30.49 -13.17
N VAL D 88 20.73 31.49 -12.29
CA VAL D 88 19.63 31.98 -11.47
C VAL D 88 18.59 32.67 -12.33
N LEU D 89 18.98 33.77 -12.99
CA LEU D 89 18.04 34.51 -13.82
C LEU D 89 17.53 33.67 -14.99
N GLY D 90 18.26 32.63 -15.38
CA GLY D 90 17.80 31.76 -16.46
C GLY D 90 16.75 30.78 -15.99
N SER D 91 16.90 30.27 -14.77
CA SER D 91 15.89 29.38 -14.22
C SER D 91 14.59 30.13 -13.94
N ILE D 92 14.70 31.33 -13.37
CA ILE D 92 13.52 32.16 -13.16
C ILE D 92 12.92 32.63 -14.47
N TRP D 93 13.71 32.66 -15.54
CA TRP D 93 13.22 33.10 -16.85
C TRP D 93 12.24 32.12 -17.48
N ILE D 94 11.92 31.02 -16.82
CA ILE D 94 10.93 30.07 -17.34
C ILE D 94 9.79 29.91 -16.33
N GLY E 20 -52.97 -37.20 4.84
CA GLY E 20 -52.25 -36.26 5.67
C GLY E 20 -50.75 -36.25 5.44
N ARG E 21 -50.19 -35.06 5.20
CA ARG E 21 -48.77 -34.88 4.95
C ARG E 21 -48.25 -33.75 5.82
N LEU E 22 -47.18 -34.02 6.58
CA LEU E 22 -46.59 -32.99 7.42
C LEU E 22 -45.73 -32.01 6.63
N ASN E 23 -45.46 -32.29 5.36
CA ASN E 23 -44.76 -31.33 4.52
C ASN E 23 -45.59 -30.06 4.31
N ILE E 24 -46.92 -30.16 4.42
CA ILE E 24 -47.76 -28.98 4.34
C ILE E 24 -47.56 -28.09 5.56
N LEU E 25 -47.29 -28.70 6.72
CA LEU E 25 -47.06 -27.98 7.97
C LEU E 25 -45.58 -27.77 8.27
N GLY E 26 -44.75 -28.78 7.99
CA GLY E 26 -43.33 -28.62 8.26
C GLY E 26 -42.68 -27.56 7.38
N PHE E 27 -43.02 -27.55 6.09
CA PHE E 27 -42.56 -26.50 5.20
C PHE E 27 -43.43 -25.25 5.28
N TRP E 28 -44.32 -25.17 6.28
CA TRP E 28 -45.09 -23.98 6.58
C TRP E 28 -44.47 -23.14 7.67
N ILE E 29 -44.00 -23.78 8.75
CA ILE E 29 -43.24 -23.06 9.76
C ILE E 29 -41.91 -22.57 9.20
N PHE E 30 -41.43 -23.21 8.13
CA PHE E 30 -40.29 -22.68 7.40
C PHE E 30 -40.63 -21.36 6.71
N LEU E 31 -41.87 -21.24 6.22
CA LEU E 31 -42.32 -19.96 5.68
C LEU E 31 -42.40 -18.89 6.76
N GLY E 32 -42.75 -19.29 7.99
CA GLY E 32 -42.70 -18.36 9.10
C GLY E 32 -41.29 -18.01 9.54
N ALA E 33 -40.31 -18.88 9.27
CA ALA E 33 -38.92 -18.56 9.54
C ALA E 33 -38.39 -17.50 8.58
N GLU E 34 -38.85 -17.52 7.32
CA GLU E 34 -38.43 -16.51 6.36
C GLU E 34 -38.96 -15.14 6.70
N ILE E 35 -40.01 -15.04 7.50
CA ILE E 35 -40.47 -13.73 7.98
C ILE E 35 -39.38 -13.05 8.79
N VAL E 36 -38.70 -13.82 9.65
CA VAL E 36 -37.58 -13.26 10.40
C VAL E 36 -36.35 -13.09 9.51
N LEU E 37 -36.25 -13.88 8.44
CA LEU E 37 -35.12 -13.75 7.52
C LEU E 37 -35.15 -12.40 6.82
N PHE E 38 -36.28 -12.04 6.23
CA PHE E 38 -36.39 -10.77 5.52
C PHE E 38 -36.51 -9.58 6.46
N SER E 39 -36.98 -9.80 7.70
CA SER E 39 -37.03 -8.71 8.66
C SER E 39 -35.64 -8.25 9.07
N THR E 40 -34.68 -9.17 9.14
CA THR E 40 -33.31 -8.78 9.41
C THR E 40 -32.74 -7.92 8.29
N LEU E 41 -33.06 -8.27 7.03
CA LEU E 41 -32.61 -7.47 5.90
C LEU E 41 -33.29 -6.11 5.86
N PHE E 42 -34.55 -6.04 6.32
CA PHE E 42 -35.22 -4.75 6.40
C PHE E 42 -34.61 -3.86 7.47
N ALA E 43 -34.17 -4.46 8.58
CA ALA E 43 -33.50 -3.68 9.62
C ALA E 43 -32.18 -3.12 9.11
N THR E 44 -31.46 -3.88 8.29
CA THR E 44 -30.23 -3.37 7.69
C THR E 44 -30.53 -2.21 6.75
N PHE E 45 -31.54 -2.34 5.91
CA PHE E 45 -31.85 -1.30 4.94
C PHE E 45 -32.36 -0.03 5.61
N PHE E 46 -33.22 -0.18 6.63
CA PHE E 46 -33.80 1.00 7.26
C PHE E 46 -32.78 1.78 8.08
N VAL E 47 -31.70 1.14 8.53
CA VAL E 47 -30.64 1.89 9.21
C VAL E 47 -29.67 2.47 8.19
N LEU E 48 -29.40 1.75 7.10
CA LEU E 48 -28.57 2.23 6.01
C LEU E 48 -29.35 3.07 5.00
N LYS E 49 -30.50 3.60 5.39
CA LYS E 49 -31.32 4.37 4.45
C LYS E 49 -30.79 5.79 4.29
N ASN E 50 -30.41 6.43 5.39
CA ASN E 50 -30.00 7.83 5.41
C ASN E 50 -28.49 8.00 5.26
N ARG E 51 -27.83 7.11 4.55
CA ARG E 51 -26.38 7.17 4.35
C ARG E 51 -26.09 7.80 2.99
N THR E 52 -25.19 7.24 2.17
CA THR E 52 -24.75 7.86 0.91
C THR E 52 -24.29 9.29 1.13
N ALA E 53 -23.52 9.52 2.20
CA ALA E 53 -22.94 10.83 2.44
C ALA E 53 -21.93 11.19 1.35
N GLY E 54 -21.26 10.19 0.78
CA GLY E 54 -20.36 10.40 -0.34
C GLY E 54 -20.56 9.35 -1.42
N GLY E 55 -21.42 9.65 -2.39
CA GLY E 55 -21.71 8.70 -3.45
C GLY E 55 -22.83 9.16 -4.36
N VAL E 56 -23.71 8.24 -4.74
CA VAL E 56 -24.80 8.50 -5.67
C VAL E 56 -26.11 8.46 -4.91
N LEU E 57 -26.98 9.45 -5.16
CA LEU E 57 -28.29 9.50 -4.53
C LEU E 57 -29.25 8.54 -5.24
N PRO E 58 -30.15 7.88 -4.49
CA PRO E 58 -31.02 6.88 -5.11
C PRO E 58 -32.11 7.54 -5.95
N ASP E 59 -32.12 7.21 -7.25
CA ASP E 59 -33.16 7.65 -8.17
C ASP E 59 -33.48 6.49 -9.10
N GLU E 60 -34.58 5.80 -8.82
CA GLU E 60 -34.98 4.61 -9.55
C GLU E 60 -36.22 4.89 -10.39
N LEU E 61 -36.45 4.02 -11.38
CA LEU E 61 -37.55 4.19 -12.31
C LEU E 61 -38.88 3.96 -11.59
N PHE E 62 -39.84 4.86 -11.81
CA PHE E 62 -41.12 4.79 -11.14
C PHE E 62 -42.05 3.80 -11.85
N GLU E 63 -42.17 3.92 -13.18
CA GLU E 63 -43.07 3.04 -13.92
C GLU E 63 -42.63 1.59 -13.84
N VAL E 64 -41.32 1.34 -13.74
CA VAL E 64 -40.84 -0.03 -13.62
C VAL E 64 -41.28 -0.64 -12.31
N ASN E 65 -41.30 0.14 -11.23
CA ASN E 65 -41.73 -0.37 -9.94
C ASN E 65 -43.18 -0.85 -9.99
N LEU E 66 -44.06 -0.04 -10.59
CA LEU E 66 -45.45 -0.47 -10.73
C LEU E 66 -45.57 -1.63 -11.71
N VAL E 67 -44.82 -1.59 -12.82
CA VAL E 67 -44.84 -2.70 -13.76
C VAL E 67 -44.32 -3.97 -13.10
N MET E 68 -43.29 -3.84 -12.24
CA MET E 68 -42.80 -5.00 -11.50
C MET E 68 -43.87 -5.51 -10.53
N ILE E 69 -44.51 -4.60 -9.80
CA ILE E 69 -45.50 -5.01 -8.81
C ILE E 69 -46.77 -5.50 -9.50
N MET E 70 -47.21 -4.81 -10.56
CA MET E 70 -48.41 -5.23 -11.26
C MET E 70 -48.20 -6.56 -11.99
N THR E 71 -46.97 -6.84 -12.41
CA THR E 71 -46.68 -8.15 -12.99
C THR E 71 -46.76 -9.24 -11.93
N PHE E 72 -46.31 -8.95 -10.71
CA PHE E 72 -46.36 -9.93 -9.65
C PHE E 72 -47.73 -9.97 -8.97
N LEU E 73 -48.45 -8.84 -8.95
CA LEU E 73 -49.81 -8.87 -8.40
C LEU E 73 -50.75 -9.63 -9.32
N LEU E 74 -50.49 -9.64 -10.63
CA LEU E 74 -51.19 -10.53 -11.53
C LEU E 74 -50.61 -11.93 -11.51
N LEU E 75 -49.38 -12.09 -11.02
CA LEU E 75 -48.79 -13.41 -10.88
C LEU E 75 -49.55 -14.24 -9.85
N ILE E 76 -49.88 -13.63 -8.70
CA ILE E 76 -50.68 -14.35 -7.71
C ILE E 76 -52.13 -14.42 -8.15
N SER E 77 -52.58 -13.47 -8.97
CA SER E 77 -53.96 -13.53 -9.47
C SER E 77 -54.19 -14.76 -10.34
N SER E 78 -53.18 -15.18 -11.08
CA SER E 78 -53.24 -16.43 -11.84
C SER E 78 -52.82 -17.63 -11.01
N PHE E 79 -52.70 -17.46 -9.69
CA PHE E 79 -52.31 -18.55 -8.80
C PHE E 79 -53.13 -18.63 -7.52
N THR E 80 -53.71 -17.53 -7.04
CA THR E 80 -54.64 -17.61 -5.91
C THR E 80 -55.86 -18.44 -6.27
N CYS E 81 -56.33 -18.30 -7.51
CA CYS E 81 -57.36 -19.18 -8.05
C CYS E 81 -56.77 -20.32 -8.87
N GLY E 82 -55.45 -20.42 -8.93
CA GLY E 82 -54.77 -21.47 -9.66
C GLY E 82 -54.50 -22.73 -8.87
N ILE E 83 -54.90 -22.77 -7.61
CA ILE E 83 -54.74 -23.96 -6.78
C ILE E 83 -55.92 -24.10 -5.83
N ALA E 84 -56.64 -23.00 -5.60
CA ALA E 84 -57.81 -23.05 -4.74
C ALA E 84 -59.01 -23.61 -5.47
N VAL E 85 -59.35 -23.03 -6.63
CA VAL E 85 -60.45 -23.50 -7.45
C VAL E 85 -59.92 -24.50 -8.47
N HIS E 86 -58.70 -24.98 -8.24
CA HIS E 86 -58.07 -25.90 -9.18
C HIS E 86 -58.13 -27.34 -8.67
N GLU E 87 -57.36 -27.65 -7.62
CA GLU E 87 -57.33 -29.00 -7.10
C GLU E 87 -58.31 -29.20 -5.93
N MET E 88 -58.47 -28.19 -5.07
CA MET E 88 -59.38 -28.34 -3.94
C MET E 88 -60.83 -28.32 -4.41
N ARG E 89 -61.23 -27.25 -5.11
CA ARG E 89 -62.55 -27.20 -5.72
C ARG E 89 -62.51 -27.98 -7.02
N ARG E 90 -63.37 -28.99 -7.13
CA ARG E 90 -63.41 -29.90 -8.28
C ARG E 90 -62.04 -30.57 -8.43
N GLY E 91 -61.64 -30.91 -9.65
CA GLY E 91 -60.37 -31.54 -9.87
C GLY E 91 -59.85 -31.44 -11.29
N SER E 92 -59.23 -30.30 -11.62
CA SER E 92 -58.70 -30.08 -12.97
C SER E 92 -57.22 -30.49 -13.00
N LEU E 93 -57.01 -31.81 -13.01
CA LEU E 93 -55.65 -32.34 -13.05
C LEU E 93 -54.97 -32.06 -14.38
N LYS E 94 -55.74 -31.97 -15.47
CA LYS E 94 -55.17 -31.66 -16.76
C LYS E 94 -54.88 -30.17 -16.92
N GLY E 95 -55.59 -29.32 -16.18
CA GLY E 95 -55.35 -27.90 -16.22
C GLY E 95 -54.13 -27.43 -15.46
N VAL E 96 -53.46 -28.36 -14.75
CA VAL E 96 -52.24 -28.00 -14.04
C VAL E 96 -51.10 -27.71 -15.02
N VAL E 97 -51.17 -28.28 -16.22
CA VAL E 97 -50.18 -27.98 -17.26
C VAL E 97 -50.59 -26.73 -18.02
N ILE E 98 -51.67 -26.07 -17.57
CA ILE E 98 -52.17 -24.87 -18.21
C ILE E 98 -52.10 -23.67 -17.28
N TRP E 99 -52.68 -23.79 -16.08
CA TRP E 99 -52.70 -22.65 -15.16
C TRP E 99 -51.37 -22.48 -14.45
N THR E 100 -50.71 -23.58 -14.10
CA THR E 100 -49.41 -23.48 -13.44
C THR E 100 -48.28 -23.13 -14.40
N ILE E 101 -48.48 -23.37 -15.69
CA ILE E 101 -47.46 -23.01 -16.68
C ILE E 101 -47.61 -21.54 -17.07
N ILE E 102 -48.84 -21.06 -17.25
CA ILE E 102 -49.04 -19.65 -17.58
C ILE E 102 -48.57 -18.77 -16.44
N THR E 103 -48.89 -19.14 -15.20
CA THR E 103 -48.41 -18.39 -14.04
C THR E 103 -46.91 -18.53 -13.84
N LEU E 104 -46.27 -19.49 -14.50
CA LEU E 104 -44.83 -19.63 -14.39
C LEU E 104 -44.08 -18.59 -15.23
N LEU E 105 -44.68 -18.16 -16.34
CA LEU E 105 -44.05 -17.12 -17.16
C LEU E 105 -44.09 -15.77 -16.46
N LEU E 106 -45.10 -15.52 -15.63
CA LEU E 106 -45.15 -14.26 -14.89
C LEU E 106 -44.02 -14.16 -13.88
N GLY E 107 -43.52 -15.30 -13.40
CA GLY E 107 -42.34 -15.27 -12.54
C GLY E 107 -41.11 -14.80 -13.29
N ALA E 108 -41.00 -15.17 -14.56
CA ALA E 108 -39.91 -14.68 -15.40
C ALA E 108 -40.06 -13.20 -15.73
N GLY E 109 -41.28 -12.67 -15.64
CA GLY E 109 -41.47 -11.23 -15.86
C GLY E 109 -40.78 -10.41 -14.79
N PHE E 110 -40.82 -10.87 -13.54
CA PHE E 110 -40.09 -10.19 -12.48
C PHE E 110 -38.60 -10.47 -12.57
N VAL E 111 -38.22 -11.66 -13.03
CA VAL E 111 -36.81 -11.97 -13.20
C VAL E 111 -36.23 -11.18 -14.37
N GLY E 112 -36.91 -11.20 -15.51
CA GLY E 112 -36.41 -10.48 -16.68
C GLY E 112 -36.37 -8.99 -16.48
N CYS E 113 -37.34 -8.44 -15.74
CA CYS E 113 -37.36 -7.00 -15.49
C CYS E 113 -36.34 -6.59 -14.44
N GLU E 114 -36.10 -7.44 -13.44
CA GLU E 114 -35.12 -7.11 -12.40
C GLU E 114 -33.69 -7.30 -12.89
N ILE E 115 -33.46 -8.23 -13.81
CA ILE E 115 -32.14 -8.39 -14.40
C ILE E 115 -31.80 -7.17 -15.24
N ASN E 116 -32.71 -6.78 -16.15
CA ASN E 116 -32.53 -5.56 -16.91
C ASN E 116 -32.53 -4.34 -16.00
N GLU E 117 -33.14 -4.43 -14.82
CA GLU E 117 -33.03 -3.35 -13.86
C GLU E 117 -31.65 -3.30 -13.23
N PHE E 118 -31.06 -4.47 -12.97
CA PHE E 118 -29.71 -4.51 -12.41
C PHE E 118 -28.65 -4.23 -13.47
N VAL E 119 -28.86 -4.70 -14.70
CA VAL E 119 -27.92 -4.41 -15.77
C VAL E 119 -27.92 -2.92 -16.09
N HIS E 120 -29.11 -2.29 -16.08
CA HIS E 120 -29.18 -0.86 -16.27
C HIS E 120 -28.62 -0.09 -15.08
N TYR E 121 -28.59 -0.70 -13.89
CA TYR E 121 -27.98 -0.07 -12.73
C TYR E 121 -26.46 -0.13 -12.74
N VAL E 122 -25.86 -0.86 -13.68
CA VAL E 122 -24.41 -0.85 -13.82
C VAL E 122 -23.93 0.56 -14.19
N HIS E 123 -24.72 1.28 -14.96
CA HIS E 123 -24.44 2.67 -15.29
C HIS E 123 -24.61 3.54 -14.05
N GLU E 124 -23.52 3.76 -13.31
CA GLU E 124 -23.51 4.52 -12.06
C GLU E 124 -24.29 3.76 -10.98
N GLY E 125 -23.57 3.17 -10.03
CA GLY E 125 -24.23 2.41 -8.97
C GLY E 125 -24.19 0.91 -9.25
N ALA E 126 -23.05 0.43 -9.73
CA ALA E 126 -22.93 -0.97 -10.12
C ALA E 126 -22.61 -1.86 -8.92
N ALA E 127 -23.30 -2.99 -8.85
CA ALA E 127 -23.05 -4.06 -7.87
C ALA E 127 -23.23 -3.49 -6.45
N LEU E 128 -22.57 -4.11 -5.48
CA LEU E 128 -22.71 -3.76 -4.07
C LEU E 128 -21.46 -3.08 -3.50
N SER E 129 -20.55 -2.62 -4.36
CA SER E 129 -19.29 -2.04 -3.91
C SER E 129 -19.28 -0.51 -3.94
N THR E 130 -20.28 0.12 -4.55
CA THR E 130 -20.26 1.57 -4.68
C THR E 130 -20.56 2.26 -3.35
N SER E 131 -21.63 1.86 -2.69
CA SER E 131 -22.03 2.50 -1.44
C SER E 131 -22.67 1.48 -0.51
N ALA E 132 -22.87 1.89 0.74
CA ALA E 132 -23.49 1.01 1.72
C ALA E 132 -24.98 0.86 1.48
N PHE E 133 -25.64 1.91 0.97
CA PHE E 133 -27.07 1.82 0.69
C PHE E 133 -27.36 0.82 -0.42
N TRP E 134 -26.57 0.85 -1.50
CA TRP E 134 -26.76 -0.09 -2.59
C TRP E 134 -26.40 -1.52 -2.21
N SER E 135 -25.65 -1.70 -1.12
CA SER E 135 -25.40 -3.04 -0.62
C SER E 135 -26.69 -3.68 -0.11
N GLY E 136 -27.48 -2.92 0.65
CA GLY E 136 -28.75 -3.46 1.13
C GLY E 136 -29.76 -3.64 0.02
N PHE E 137 -29.84 -2.67 -0.90
CA PHE E 137 -30.81 -2.76 -1.99
C PHE E 137 -30.56 -3.98 -2.86
N PHE E 138 -29.29 -4.26 -3.16
CA PHE E 138 -28.94 -5.42 -3.97
C PHE E 138 -29.01 -6.73 -3.21
N VAL E 139 -29.23 -6.70 -1.89
CA VAL E 139 -29.38 -7.90 -1.09
C VAL E 139 -30.80 -8.06 -0.57
N LEU E 140 -31.43 -6.97 -0.14
CA LEU E 140 -32.86 -7.01 0.18
C LEU E 140 -33.68 -7.43 -1.03
N LEU E 141 -33.19 -7.15 -2.24
CA LEU E 141 -33.78 -7.66 -3.47
C LEU E 141 -32.97 -8.81 -4.05
N GLY E 142 -31.91 -9.25 -3.38
CA GLY E 142 -31.07 -10.31 -3.89
C GLY E 142 -31.65 -11.70 -3.66
N THR E 143 -31.58 -12.17 -2.42
CA THR E 143 -32.25 -13.43 -2.08
C THR E 143 -33.76 -13.33 -2.32
N HIS E 144 -34.31 -12.13 -2.25
CA HIS E 144 -35.64 -11.86 -2.75
C HIS E 144 -35.78 -12.35 -4.20
N GLY E 145 -34.88 -11.90 -5.07
CA GLY E 145 -34.88 -12.37 -6.44
C GLY E 145 -34.46 -13.83 -6.60
N THR E 146 -33.69 -14.36 -5.63
CA THR E 146 -33.24 -15.74 -5.71
C THR E 146 -34.37 -16.71 -5.35
N HIS E 147 -35.18 -16.36 -4.35
CA HIS E 147 -36.27 -17.25 -3.94
C HIS E 147 -37.29 -17.42 -5.06
N VAL E 148 -37.58 -16.36 -5.81
CA VAL E 148 -38.51 -16.48 -6.93
C VAL E 148 -37.86 -17.15 -8.13
N THR E 149 -36.54 -17.15 -8.21
CA THR E 149 -35.85 -17.81 -9.33
C THR E 149 -35.78 -19.32 -9.09
N ILE E 150 -35.40 -19.74 -7.88
CA ILE E 150 -35.37 -21.15 -7.57
C ILE E 150 -36.78 -21.73 -7.49
N GLY E 151 -37.78 -20.89 -7.22
CA GLY E 151 -39.15 -21.36 -7.23
C GLY E 151 -39.62 -21.78 -8.61
N ILE E 152 -39.13 -21.11 -9.66
CA ILE E 152 -39.45 -21.53 -11.02
C ILE E 152 -38.93 -22.94 -11.27
N PHE E 153 -37.68 -23.20 -10.85
CA PHE E 153 -37.14 -24.55 -10.94
C PHE E 153 -37.80 -25.50 -9.97
N TRP E 154 -38.50 -24.98 -8.97
CA TRP E 154 -39.27 -25.83 -8.05
C TRP E 154 -40.67 -26.11 -8.58
N ILE E 155 -41.28 -25.12 -9.24
CA ILE E 155 -42.58 -25.34 -9.85
C ILE E 155 -42.46 -26.24 -11.06
N THR E 156 -41.41 -26.07 -11.86
CA THR E 156 -41.17 -26.98 -12.97
C THR E 156 -40.48 -28.26 -12.53
N GLY E 157 -39.88 -28.28 -11.33
CA GLY E 157 -39.29 -29.50 -10.82
C GLY E 157 -40.34 -30.51 -10.43
N ILE E 158 -41.52 -30.06 -10.00
CA ILE E 158 -42.62 -30.96 -9.69
C ILE E 158 -43.45 -31.29 -10.92
N LEU E 159 -43.37 -30.47 -11.98
CA LEU E 159 -44.08 -30.71 -13.22
C LEU E 159 -43.61 -31.95 -13.98
N ILE E 160 -42.59 -32.65 -13.49
CA ILE E 160 -42.13 -33.86 -14.15
C ILE E 160 -42.92 -35.04 -13.60
N GLN E 161 -44.06 -34.75 -12.96
CA GLN E 161 -44.94 -35.78 -12.43
C GLN E 161 -46.20 -35.98 -13.25
N LEU E 162 -46.63 -34.98 -14.02
CA LEU E 162 -47.83 -35.09 -14.84
C LEU E 162 -47.51 -35.77 -16.16
N LYS E 163 -46.83 -36.91 -16.10
CA LYS E 163 -46.49 -37.68 -17.28
C LYS E 163 -46.83 -39.15 -17.05
N LYS E 164 -45.89 -39.91 -16.52
CA LYS E 164 -46.12 -41.30 -16.15
C LYS E 164 -46.64 -41.46 -14.73
N ARG E 165 -46.86 -40.37 -14.01
CA ARG E 165 -47.41 -40.44 -12.65
C ARG E 165 -48.77 -39.75 -12.59
N GLY E 166 -48.77 -38.43 -12.39
CA GLY E 166 -50.01 -37.67 -12.35
C GLY E 166 -50.93 -38.00 -11.19
N LEU E 167 -50.49 -37.74 -9.97
CA LEU E 167 -51.29 -38.05 -8.80
C LEU E 167 -52.44 -37.05 -8.64
N THR E 168 -53.39 -37.42 -7.78
CA THR E 168 -54.61 -36.68 -7.53
C THR E 168 -54.43 -35.67 -6.40
N PRO E 169 -55.33 -34.68 -6.30
CA PRO E 169 -55.27 -33.73 -5.18
C PRO E 169 -55.41 -34.44 -3.83
N GLN E 170 -55.01 -33.72 -2.79
CA GLN E 170 -54.95 -34.24 -1.41
C GLN E 170 -54.03 -35.45 -1.32
N THR E 171 -53.13 -35.62 -2.28
CA THR E 171 -52.18 -36.73 -2.29
C THR E 171 -50.86 -36.27 -2.91
N SER E 172 -50.94 -35.56 -4.04
CA SER E 172 -49.77 -34.97 -4.67
C SER E 172 -49.53 -33.60 -4.02
N SER E 173 -48.92 -33.64 -2.83
CA SER E 173 -48.69 -32.42 -2.07
C SER E 173 -47.61 -31.53 -2.68
N LYS E 174 -46.89 -32.00 -3.70
CA LYS E 174 -45.83 -31.19 -4.29
C LYS E 174 -46.37 -29.89 -4.87
N ILE E 175 -47.61 -29.88 -5.34
CA ILE E 175 -48.17 -28.67 -5.93
C ILE E 175 -48.54 -27.67 -4.85
N PHE E 176 -49.18 -28.12 -3.77
CA PHE E 176 -49.67 -27.18 -2.76
C PHE E 176 -48.54 -26.62 -1.91
N ILE E 177 -47.57 -27.46 -1.53
CA ILE E 177 -46.49 -26.98 -0.67
C ILE E 177 -45.61 -25.99 -1.42
N SER E 178 -45.51 -26.12 -2.75
CA SER E 178 -44.81 -25.14 -3.57
C SER E 178 -45.69 -23.97 -3.97
N SER E 179 -47.01 -24.13 -3.92
CA SER E 179 -47.90 -23.02 -4.23
C SER E 179 -47.92 -21.99 -3.11
N LEU E 180 -47.94 -22.46 -1.86
CA LEU E 180 -47.98 -21.53 -0.73
C LEU E 180 -46.64 -20.84 -0.53
N TYR E 181 -45.54 -21.53 -0.78
CA TYR E 181 -44.25 -20.87 -0.81
C TYR E 181 -44.19 -19.84 -1.93
N TRP E 182 -44.75 -20.18 -3.09
CA TRP E 182 -44.82 -19.23 -4.20
C TRP E 182 -45.74 -18.06 -3.87
N HIS E 183 -46.77 -18.29 -3.05
CA HIS E 183 -47.64 -17.20 -2.61
C HIS E 183 -47.00 -16.38 -1.51
N PHE E 184 -46.18 -17.00 -0.66
CA PHE E 184 -45.52 -16.28 0.42
C PHE E 184 -44.57 -15.21 -0.10
N LEU E 185 -44.10 -15.35 -1.35
CA LEU E 185 -43.21 -14.34 -1.92
C LEU E 185 -43.89 -12.98 -1.99
N ASP E 186 -45.05 -12.91 -2.65
CA ASP E 186 -45.75 -11.64 -2.84
C ASP E 186 -46.06 -10.92 -1.53
N VAL E 187 -45.91 -11.60 -0.39
CA VAL E 187 -46.08 -10.94 0.91
C VAL E 187 -45.04 -9.84 1.07
N VAL E 188 -43.77 -10.19 0.94
CA VAL E 188 -42.70 -9.20 1.07
C VAL E 188 -42.50 -8.36 -0.19
N TRP E 189 -42.96 -8.85 -1.36
CA TRP E 189 -42.86 -8.06 -2.57
C TRP E 189 -43.51 -6.68 -2.40
N ILE E 190 -44.66 -6.63 -1.74
CA ILE E 190 -45.30 -5.35 -1.47
C ILE E 190 -44.60 -4.63 -0.32
N PHE E 191 -44.11 -5.38 0.67
CA PHE E 191 -43.37 -4.74 1.77
C PHE E 191 -42.07 -4.11 1.27
N ILE E 192 -41.52 -4.60 0.16
CA ILE E 192 -40.40 -3.90 -0.46
C ILE E 192 -40.86 -2.62 -1.14
N PHE E 193 -42.05 -2.65 -1.75
CA PHE E 193 -42.58 -1.45 -2.40
C PHE E 193 -42.69 -0.28 -1.43
N THR E 194 -43.11 -0.56 -0.19
CA THR E 194 -43.15 0.47 0.83
C THR E 194 -41.82 0.66 1.54
N GLY E 195 -40.95 -0.35 1.52
CA GLY E 195 -39.68 -0.28 2.20
C GLY E 195 -38.66 0.56 1.46
N VAL E 196 -38.36 0.19 0.23
CA VAL E 196 -37.32 0.88 -0.53
C VAL E 196 -37.86 2.09 -1.29
N TYR E 197 -39.12 2.06 -1.72
CA TYR E 197 -39.70 3.18 -2.45
C TYR E 197 -40.53 4.06 -1.52
N UNK F 1 -62.86 -18.66 -8.74
CA UNK F 1 -64.09 -17.89 -8.65
C UNK F 1 -64.12 -17.05 -7.38
N UNK F 2 -63.81 -17.68 -6.26
CA UNK F 2 -63.84 -17.00 -4.96
C UNK F 2 -62.56 -16.21 -4.72
N UNK F 3 -61.49 -16.60 -5.40
CA UNK F 3 -60.18 -15.96 -5.22
C UNK F 3 -60.06 -14.68 -6.04
N UNK F 4 -60.99 -14.47 -6.98
CA UNK F 4 -60.96 -13.30 -7.83
C UNK F 4 -61.33 -12.03 -7.07
N UNK F 5 -62.00 -12.20 -5.93
CA UNK F 5 -62.41 -11.07 -5.11
C UNK F 5 -61.22 -10.44 -4.40
N UNK F 6 -60.24 -11.25 -4.03
CA UNK F 6 -59.06 -10.78 -3.32
C UNK F 6 -58.06 -10.12 -4.27
N UNK F 7 -57.96 -10.64 -5.49
CA UNK F 7 -57.03 -10.11 -6.48
C UNK F 7 -57.44 -8.71 -6.93
N UNK F 8 -58.74 -8.48 -7.05
CA UNK F 8 -59.25 -7.17 -7.46
C UNK F 8 -59.10 -6.16 -6.34
N UNK F 9 -59.24 -6.63 -5.10
CA UNK F 9 -59.11 -5.76 -3.94
C UNK F 9 -57.64 -5.46 -3.65
N UNK F 10 -56.77 -6.38 -4.02
CA UNK F 10 -55.33 -6.22 -3.82
C UNK F 10 -54.77 -5.20 -4.80
N UNK F 11 -55.31 -5.20 -6.01
CA UNK F 11 -54.85 -4.30 -7.06
C UNK F 11 -55.20 -2.85 -6.74
N UNK F 12 -56.31 -2.67 -6.03
CA UNK F 12 -56.76 -1.32 -5.67
C UNK F 12 -55.90 -0.73 -4.57
N UNK F 13 -55.35 -1.59 -3.72
CA UNK F 13 -54.51 -1.14 -2.61
C UNK F 13 -53.11 -0.75 -3.10
N UNK F 14 -52.64 -1.44 -4.14
CA UNK F 14 -51.34 -1.14 -4.71
C UNK F 14 -51.40 0.13 -5.56
N UNK F 15 -52.52 0.33 -6.25
CA UNK F 15 -52.71 1.52 -7.06
C UNK F 15 -52.87 2.76 -6.19
N UNK F 16 -53.51 2.58 -5.04
CA UNK F 16 -53.70 3.67 -4.09
C UNK F 16 -52.43 3.92 -3.30
N UNK F 17 -51.55 2.93 -3.27
CA UNK F 17 -50.27 3.04 -2.56
C UNK F 17 -49.35 4.04 -3.26
N UNK F 18 -49.37 4.03 -4.59
CA UNK F 18 -48.57 4.97 -5.37
C UNK F 18 -49.15 6.37 -5.27
N UNK F 19 -50.46 6.45 -5.07
CA UNK F 19 -51.13 7.75 -4.95
C UNK F 19 -50.89 8.37 -3.58
N UNK F 20 -50.50 7.53 -2.62
CA UNK F 20 -50.21 7.99 -1.27
C UNK F 20 -48.91 8.80 -1.24
N UNK F 21 -47.97 8.45 -2.11
CA UNK F 21 -46.69 9.16 -2.21
C UNK F 21 -46.70 10.16 -3.36
N UNK F 22 -47.04 9.68 -4.56
CA UNK F 22 -47.11 10.55 -5.73
C UNK F 22 -48.50 11.17 -5.86
N PHE F 47 -47.53 4.67 9.25
CA PHE F 47 -48.92 4.56 9.67
C PHE F 47 -49.87 4.52 8.48
N GLY F 48 -50.07 5.68 7.84
CA GLY F 48 -50.96 5.75 6.70
C GLY F 48 -50.49 4.93 5.52
N PHE F 49 -49.17 4.70 5.42
CA PHE F 49 -48.60 3.91 4.35
C PHE F 49 -47.98 2.60 4.84
N ALA F 50 -48.09 2.31 6.14
CA ALA F 50 -47.56 1.07 6.70
C ALA F 50 -48.64 0.02 6.95
N PHE F 51 -49.92 0.40 6.92
CA PHE F 51 -51.00 -0.55 7.14
C PHE F 51 -51.60 -1.10 5.86
N ILE F 52 -51.62 -0.31 4.78
CA ILE F 52 -52.14 -0.81 3.51
C ILE F 52 -51.30 -1.98 3.00
N GLN F 53 -50.01 -2.01 3.38
CA GLN F 53 -49.14 -3.09 2.93
C GLN F 53 -49.45 -4.39 3.67
N ALA F 54 -49.63 -4.30 4.99
CA ALA F 54 -49.96 -5.50 5.75
C ALA F 54 -51.38 -5.95 5.46
N ALA F 55 -52.31 -5.02 5.25
CA ALA F 55 -53.68 -5.38 4.91
C ALA F 55 -53.77 -6.01 3.53
N LEU F 56 -52.87 -5.60 2.62
CA LEU F 56 -52.84 -6.22 1.29
C LEU F 56 -52.41 -7.67 1.39
N GLN F 57 -51.47 -7.98 2.27
CA GLN F 57 -50.98 -9.35 2.43
C GLN F 57 -51.79 -10.16 3.43
N LEU F 58 -52.51 -9.50 4.33
CA LEU F 58 -53.41 -10.23 5.22
C LEU F 58 -54.51 -10.90 4.41
N LEU F 59 -55.17 -10.13 3.54
CA LEU F 59 -56.19 -10.71 2.66
C LEU F 59 -55.58 -11.65 1.63
N MET F 60 -54.31 -11.43 1.27
CA MET F 60 -53.68 -12.26 0.26
C MET F 60 -53.39 -13.66 0.81
N PHE F 61 -53.03 -13.75 2.08
CA PHE F 61 -52.62 -15.02 2.67
C PHE F 61 -53.70 -15.67 3.54
N MET F 62 -54.82 -14.99 3.77
CA MET F 62 -55.88 -15.54 4.61
C MET F 62 -56.76 -16.54 3.90
N HIS F 63 -56.58 -16.73 2.59
CA HIS F 63 -57.39 -17.64 1.79
C HIS F 63 -56.75 -19.01 1.62
N MET F 64 -55.80 -19.37 2.50
CA MET F 64 -55.08 -20.63 2.31
C MET F 64 -54.41 -21.13 3.59
N THR F 65 -54.89 -20.75 4.77
CA THR F 65 -54.32 -21.20 6.04
C THR F 65 -55.27 -22.17 6.74
N GLU F 66 -56.37 -21.67 7.29
CA GLU F 66 -57.33 -22.51 7.99
C GLU F 66 -57.97 -23.52 7.04
N SER F 67 -58.33 -24.68 7.58
CA SER F 67 -58.20 -24.98 9.00
C SER F 67 -57.52 -26.32 9.27
N GLU F 68 -58.20 -27.16 10.05
CA GLU F 68 -57.67 -28.43 10.53
C GLU F 68 -56.34 -28.20 11.23
N ASN F 69 -55.28 -28.01 10.46
CA ASN F 69 -53.98 -27.64 10.98
C ASN F 69 -53.87 -26.16 11.31
N GLY F 70 -54.98 -25.42 11.27
CA GLY F 70 -54.98 -24.00 11.54
C GLY F 70 -54.64 -23.63 12.96
N THR F 71 -54.94 -22.39 13.36
CA THR F 71 -54.59 -21.85 14.66
C THR F 71 -53.08 -21.88 14.89
N ILE F 72 -52.48 -23.07 14.84
CA ILE F 72 -51.03 -23.18 14.92
C ILE F 72 -50.38 -22.62 13.66
N GLN F 73 -50.97 -22.89 12.50
CA GLN F 73 -50.42 -22.38 11.24
C GLN F 73 -50.42 -20.86 11.22
N VAL F 74 -51.59 -20.24 11.36
CA VAL F 74 -51.67 -18.79 11.37
C VAL F 74 -51.01 -18.22 12.63
N GLY F 75 -50.86 -19.03 13.67
CA GLY F 75 -50.18 -18.57 14.87
C GLY F 75 -48.67 -18.64 14.76
N ASN F 76 -48.15 -19.59 13.99
CA ASN F 76 -46.71 -19.67 13.79
C ASN F 76 -46.19 -18.42 13.07
N THR F 77 -46.91 -17.97 12.03
CA THR F 77 -46.56 -16.74 11.35
C THR F 77 -46.96 -15.50 12.14
N LEU F 78 -47.81 -15.67 13.17
CA LEU F 78 -48.18 -14.54 14.01
C LEU F 78 -47.02 -14.10 14.88
N PHE F 79 -46.43 -15.04 15.61
CA PHE F 79 -45.24 -14.75 16.40
C PHE F 79 -44.00 -14.56 15.52
N GLY F 80 -44.07 -14.93 14.25
CA GLY F 80 -43.01 -14.58 13.32
C GLY F 80 -43.00 -13.11 12.97
N PHE F 81 -44.17 -12.53 12.72
CA PHE F 81 -44.29 -11.10 12.50
C PHE F 81 -43.98 -10.28 13.75
N PHE F 82 -44.13 -10.88 14.94
CA PHE F 82 -43.72 -10.20 16.15
C PHE F 82 -42.23 -9.88 16.10
N GLY F 83 -41.41 -10.87 15.76
CA GLY F 83 -39.99 -10.63 15.57
C GLY F 83 -39.72 -9.65 14.44
N ALA F 84 -40.53 -9.69 13.40
CA ALA F 84 -40.36 -8.74 12.29
C ALA F 84 -40.56 -7.30 12.76
N ILE F 85 -41.54 -7.08 13.64
CA ILE F 85 -41.71 -5.74 14.19
C ILE F 85 -40.60 -5.42 15.19
N VAL F 86 -40.16 -6.41 15.95
CA VAL F 86 -39.13 -6.18 16.95
C VAL F 86 -37.78 -5.91 16.29
N ILE F 87 -37.47 -6.64 15.22
CA ILE F 87 -36.17 -6.48 14.57
C ILE F 87 -36.13 -5.18 13.77
N VAL F 88 -37.14 -4.95 12.94
CA VAL F 88 -37.13 -3.76 12.09
C VAL F 88 -37.28 -2.49 12.93
N LEU F 89 -38.43 -2.34 13.60
CA LEU F 89 -38.67 -1.15 14.40
C LEU F 89 -37.70 -1.02 15.57
N GLY F 90 -37.11 -2.13 16.02
CA GLY F 90 -36.15 -2.09 17.11
C GLY F 90 -34.78 -1.62 16.69
N SER F 91 -34.37 -1.99 15.48
CA SER F 91 -33.07 -1.53 14.97
C SER F 91 -33.07 -0.03 14.73
N ILE F 92 -34.17 0.52 14.18
CA ILE F 92 -34.27 1.95 14.00
C ILE F 92 -34.32 2.67 15.34
N TRP F 93 -34.76 1.99 16.40
CA TRP F 93 -34.84 2.57 17.74
C TRP F 93 -33.47 2.79 18.37
N ILE F 94 -32.39 2.45 17.68
CA ILE F 94 -31.05 2.69 18.19
C ILE F 94 -30.27 3.56 17.22
N GLN G 16 -17.43 6.67 40.79
CA GLN G 16 -17.76 5.69 41.82
C GLN G 16 -19.17 5.93 42.38
N GLN G 17 -19.99 6.66 41.60
CA GLN G 17 -21.36 6.93 42.03
C GLN G 17 -22.21 5.67 41.99
N SER G 18 -22.01 4.83 40.98
CA SER G 18 -22.77 3.59 40.85
C SER G 18 -22.21 2.46 41.71
N ASP G 19 -21.16 2.71 42.48
CA ASP G 19 -20.61 1.67 43.35
C ASP G 19 -21.58 1.34 44.48
N LEU G 20 -22.34 2.32 44.97
CA LEU G 20 -23.36 2.04 45.97
C LEU G 20 -24.43 1.10 45.42
N ILE G 21 -24.70 1.18 44.11
CA ILE G 21 -25.60 0.22 43.49
C ILE G 21 -24.99 -1.18 43.50
N LEU G 22 -23.70 -1.29 43.17
CA LEU G 22 -23.05 -2.60 43.11
C LEU G 22 -22.95 -3.24 44.50
N LEU G 23 -22.55 -2.46 45.51
CA LEU G 23 -22.36 -3.02 46.84
C LEU G 23 -23.69 -3.38 47.49
N SER G 24 -24.71 -2.52 47.37
CA SER G 24 -26.00 -2.81 47.97
C SER G 24 -26.69 -3.99 47.29
N ILE G 25 -26.44 -4.18 45.99
CA ILE G 25 -27.06 -5.30 45.28
C ILE G 25 -26.38 -6.61 45.63
N GLY G 26 -25.09 -6.59 45.96
CA GLY G 26 -24.40 -7.82 46.31
C GLY G 26 -25.02 -8.51 47.51
N PHE G 27 -25.39 -7.75 48.53
CA PHE G 27 -26.07 -8.31 49.69
C PHE G 27 -27.53 -8.61 49.42
N MET G 28 -28.15 -7.93 48.45
CA MET G 28 -29.55 -8.20 48.13
C MET G 28 -29.73 -9.59 47.56
N LEU G 29 -28.77 -10.06 46.77
CA LEU G 29 -28.81 -11.42 46.24
C LEU G 29 -28.07 -12.42 47.12
N PHE G 30 -27.18 -11.94 48.00
CA PHE G 30 -26.58 -12.83 48.98
C PHE G 30 -27.62 -13.41 49.93
N ILE G 31 -28.71 -12.65 50.18
CA ILE G 31 -29.82 -13.20 50.96
C ILE G 31 -30.42 -14.39 50.22
N VAL G 32 -30.59 -14.27 48.91
CA VAL G 32 -31.06 -15.39 48.10
C VAL G 32 -30.05 -16.53 48.14
N GLY G 33 -28.75 -16.19 48.22
CA GLY G 33 -27.73 -17.22 48.33
C GLY G 33 -27.79 -17.99 49.64
N VAL G 34 -28.17 -17.32 50.73
CA VAL G 34 -28.35 -18.01 52.00
C VAL G 34 -29.70 -18.72 52.05
N VAL G 35 -30.67 -18.26 51.27
CA VAL G 35 -31.94 -18.97 51.16
C VAL G 35 -31.72 -20.39 50.65
N PHE G 36 -30.85 -20.53 49.65
CA PHE G 36 -30.51 -21.86 49.16
C PHE G 36 -29.59 -22.62 50.10
N VAL G 37 -28.97 -21.94 51.07
CA VAL G 37 -28.28 -22.65 52.14
C VAL G 37 -29.29 -23.26 53.10
N LEU G 38 -30.37 -22.53 53.38
CA LEU G 38 -31.44 -23.07 54.22
C LEU G 38 -32.31 -24.05 53.45
N PHE G 39 -32.36 -23.93 52.13
CA PHE G 39 -33.17 -24.81 51.30
C PHE G 39 -32.41 -26.04 50.83
N THR G 40 -31.14 -26.21 51.21
CA THR G 40 -30.39 -27.39 50.80
C THR G 40 -29.62 -28.00 51.97
N ILE G 41 -28.81 -27.19 52.64
CA ILE G 41 -27.95 -27.72 53.70
C ILE G 41 -28.77 -28.10 54.93
N ILE G 42 -29.87 -27.39 55.19
CA ILE G 42 -30.69 -27.70 56.37
C ILE G 42 -31.37 -29.04 56.22
N LEU G 43 -31.90 -29.32 55.02
CA LEU G 43 -32.62 -30.56 54.74
C LEU G 43 -31.76 -31.42 53.82
N VAL G 44 -32.33 -32.04 52.76
CA VAL G 44 -31.62 -32.94 51.84
C VAL G 44 -31.04 -34.15 52.61
N LYS G 45 -30.08 -33.90 53.49
CA LYS G 45 -29.52 -34.98 54.31
C LYS G 45 -30.59 -35.62 55.20
N TYR G 46 -31.47 -34.80 55.79
CA TYR G 46 -32.51 -35.33 56.66
C TYR G 46 -33.55 -36.15 55.92
N ARG G 47 -33.73 -35.92 54.63
CA ARG G 47 -34.79 -36.56 53.85
C ARG G 47 -34.17 -37.56 52.88
N ASP G 48 -33.63 -38.64 53.44
CA ASP G 48 -33.08 -39.75 52.69
C ASP G 48 -33.78 -41.04 53.11
N ARG G 49 -33.63 -42.08 52.28
CA ARG G 49 -34.25 -43.36 52.60
C ARG G 49 -33.63 -44.00 53.84
N LYS G 50 -32.35 -43.79 54.06
CA LYS G 50 -31.67 -44.36 55.22
C LYS G 50 -31.52 -43.32 56.33
N THR G 65 -49.90 -25.38 45.20
CA THR G 65 -50.58 -24.61 44.17
C THR G 65 -50.63 -23.13 44.55
N PHE G 66 -50.87 -22.86 45.84
CA PHE G 66 -50.91 -21.50 46.34
C PHE G 66 -49.55 -21.01 46.81
N LEU G 67 -48.63 -21.91 47.15
CA LEU G 67 -47.32 -21.49 47.63
C LEU G 67 -46.41 -21.07 46.48
N GLU G 68 -46.59 -21.65 45.29
CA GLU G 68 -45.77 -21.25 44.15
C GLU G 68 -46.18 -19.87 43.65
N VAL G 69 -47.49 -19.62 43.56
CA VAL G 69 -47.97 -18.32 43.09
C VAL G 69 -47.72 -17.24 44.12
N VAL G 70 -47.65 -17.60 45.42
CA VAL G 70 -47.40 -16.61 46.45
C VAL G 70 -45.93 -16.20 46.51
N TRP G 71 -45.04 -16.96 45.88
CA TRP G 71 -43.65 -16.55 45.81
C TRP G 71 -43.43 -15.44 44.78
N THR G 72 -44.36 -15.28 43.83
CA THR G 72 -44.29 -14.26 42.79
C THR G 72 -44.68 -12.87 43.29
N VAL G 73 -44.68 -12.66 44.61
CA VAL G 73 -45.01 -11.37 45.19
C VAL G 73 -43.74 -10.68 45.66
N ILE G 74 -42.74 -11.47 46.03
CA ILE G 74 -41.47 -10.95 46.54
C ILE G 74 -40.44 -10.66 45.44
N PRO G 75 -40.38 -11.37 44.30
CA PRO G 75 -39.25 -11.14 43.40
C PRO G 75 -39.35 -9.83 42.64
N ILE G 76 -40.56 -9.36 42.34
CA ILE G 76 -40.70 -8.02 41.79
C ILE G 76 -40.32 -6.99 42.83
N LEU G 77 -40.65 -7.25 44.10
CA LEU G 77 -40.22 -6.36 45.18
C LEU G 77 -38.70 -6.28 45.26
N ILE G 78 -38.01 -7.35 44.86
CA ILE G 78 -36.54 -7.34 44.82
C ILE G 78 -36.05 -6.58 43.59
N VAL G 79 -36.76 -6.64 42.47
CA VAL G 79 -36.28 -5.98 41.26
C VAL G 79 -36.85 -4.58 41.10
N ILE G 80 -38.04 -4.31 41.63
CA ILE G 80 -38.58 -2.95 41.55
C ILE G 80 -37.84 -2.04 42.51
N ALA G 81 -37.22 -2.59 43.56
CA ALA G 81 -36.27 -1.85 44.37
C ALA G 81 -34.95 -1.65 43.66
N LEU G 82 -34.75 -2.31 42.51
CA LEU G 82 -33.58 -2.12 41.67
C LEU G 82 -33.92 -1.47 40.33
N SER G 83 -35.16 -1.57 39.87
CA SER G 83 -35.61 -0.92 38.65
C SER G 83 -35.86 0.58 38.82
N VAL G 84 -35.47 1.15 39.97
CA VAL G 84 -35.59 2.58 40.21
C VAL G 84 -34.22 3.22 40.36
N PRO G 85 -33.32 2.70 41.22
CA PRO G 85 -31.99 3.34 41.31
C PRO G 85 -31.17 3.16 40.05
N THR G 86 -31.41 2.10 39.28
CA THR G 86 -30.70 1.95 38.00
C THR G 86 -31.20 2.98 36.99
N VAL G 87 -32.51 3.19 36.90
CA VAL G 87 -33.04 4.19 35.99
C VAL G 87 -32.74 5.60 36.49
N GLN G 88 -32.74 5.80 37.82
CA GLN G 88 -32.33 7.09 38.37
C GLN G 88 -30.84 7.35 38.22
N THR G 89 -30.07 6.37 37.76
CA THR G 89 -28.65 6.54 37.49
C THR G 89 -28.33 6.60 36.00
N ILE G 90 -29.09 5.88 35.17
CA ILE G 90 -28.91 5.98 33.72
C ILE G 90 -29.16 7.40 33.25
N TYR G 91 -30.26 8.00 33.72
CA TYR G 91 -30.53 9.40 33.41
C TYR G 91 -29.65 10.35 34.19
N SER G 92 -28.94 9.88 35.22
CA SER G 92 -28.07 10.75 36.00
C SER G 92 -26.71 10.92 35.33
N LEU G 93 -26.19 9.86 34.72
CA LEU G 93 -24.90 9.93 34.05
C LEU G 93 -24.97 10.63 32.69
N GLU G 94 -26.17 10.89 32.18
CA GLU G 94 -26.31 11.60 30.92
C GLU G 94 -25.90 13.06 31.10
N LYS G 95 -26.72 13.83 31.81
CA LYS G 95 -26.35 15.19 32.12
C LYS G 95 -25.17 15.21 33.11
N ALA G 96 -24.58 16.40 33.28
CA ALA G 96 -23.40 16.67 34.12
C ALA G 96 -23.46 15.94 35.44
N PRO G 97 -22.70 14.88 35.62
CA PRO G 97 -22.76 14.13 36.88
C PRO G 97 -21.93 14.72 38.02
N GLU G 98 -20.79 14.10 38.25
CA GLU G 98 -20.01 14.34 39.44
C GLU G 98 -19.27 15.69 39.41
N ALA G 99 -20.03 16.77 39.32
CA ALA G 99 -19.48 18.12 39.36
C ALA G 99 -20.63 19.11 39.43
N THR G 100 -20.33 20.31 39.95
CA THR G 100 -21.39 21.21 40.40
C THR G 100 -22.09 21.90 39.22
N LYS G 101 -23.28 22.43 39.53
CA LYS G 101 -24.36 22.80 38.62
C LYS G 101 -24.07 22.66 37.12
N ASP G 102 -24.09 23.79 36.42
CA ASP G 102 -24.04 23.85 34.96
C ASP G 102 -22.85 24.66 34.50
N LYS G 103 -21.72 24.56 35.21
CA LYS G 103 -20.55 25.36 34.89
C LYS G 103 -19.35 24.48 34.57
N GLU G 104 -18.21 25.15 34.35
CA GLU G 104 -16.91 24.58 34.04
C GLU G 104 -17.00 23.53 32.93
N PRO G 105 -17.35 23.91 31.70
CA PRO G 105 -17.44 22.91 30.62
C PRO G 105 -16.12 22.71 29.90
N LEU G 106 -15.35 21.68 30.30
CA LEU G 106 -14.09 21.35 29.67
C LEU G 106 -14.29 20.19 28.69
N VAL G 107 -13.75 20.33 27.49
CA VAL G 107 -13.84 19.32 26.45
C VAL G 107 -12.46 18.73 26.23
N VAL G 108 -12.40 17.40 26.07
CA VAL G 108 -11.16 16.69 25.82
C VAL G 108 -11.46 15.63 24.75
N TYR G 109 -10.96 15.85 23.54
CA TYR G 109 -11.18 14.90 22.45
C TYR G 109 -10.32 13.65 22.66
N ALA G 110 -10.97 12.50 22.72
CA ALA G 110 -10.29 11.21 22.88
C ALA G 110 -10.48 10.40 21.61
N THR G 111 -9.37 10.06 20.95
CA THR G 111 -9.37 9.28 19.73
C THR G 111 -8.62 7.98 19.94
N SER G 112 -9.08 6.92 19.27
CA SER G 112 -8.51 5.59 19.43
C SER G 112 -8.08 5.07 18.07
N VAL G 113 -6.76 5.00 17.86
CA VAL G 113 -6.19 4.28 16.73
C VAL G 113 -5.91 2.86 17.22
N ASP G 114 -5.27 2.04 16.39
CA ASP G 114 -4.95 0.69 16.82
C ASP G 114 -3.92 0.74 17.95
N TRP G 115 -4.18 -0.03 19.00
CA TRP G 115 -3.30 -0.16 20.16
C TRP G 115 -3.09 1.16 20.91
N LYS G 116 -2.95 2.26 20.20
CA LYS G 116 -2.47 3.52 20.77
C LYS G 116 -3.63 4.47 21.07
N TRP G 117 -3.49 5.24 22.15
CA TRP G 117 -4.50 6.19 22.58
C TRP G 117 -4.03 7.61 22.32
N VAL G 118 -4.94 8.44 21.81
CA VAL G 118 -4.65 9.83 21.48
C VAL G 118 -5.64 10.72 22.20
N PHE G 119 -5.16 11.81 22.79
CA PHE G 119 -6.00 12.75 23.51
C PHE G 119 -5.57 14.17 23.14
N SER G 120 -6.49 14.92 22.56
CA SER G 120 -6.22 16.29 22.11
C SER G 120 -7.13 17.26 22.86
N TYR G 121 -6.55 18.37 23.29
CA TYR G 121 -7.30 19.38 24.02
C TYR G 121 -7.72 20.48 23.07
N PRO G 122 -9.02 20.71 22.85
CA PRO G 122 -9.45 21.80 21.96
C PRO G 122 -9.36 23.17 22.58
N GLU G 123 -9.16 23.28 23.90
CA GLU G 123 -9.06 24.59 24.54
C GLU G 123 -7.79 25.32 24.08
N GLN G 124 -6.64 24.66 24.19
CA GLN G 124 -5.38 25.19 23.69
C GLN G 124 -4.70 24.12 22.85
N ASP G 125 -4.02 24.54 21.79
CA ASP G 125 -3.41 23.61 20.85
C ASP G 125 -2.47 22.62 21.53
N ILE G 126 -3.04 21.60 22.17
CA ILE G 126 -2.30 20.55 22.84
C ILE G 126 -2.96 19.21 22.52
N GLU G 127 -2.11 18.20 22.31
CA GLU G 127 -2.47 16.83 21.97
C GLU G 127 -1.51 15.87 22.64
N THR G 128 -2.03 14.96 23.45
CA THR G 128 -1.18 14.03 24.15
C THR G 128 -1.54 12.61 23.75
N VAL G 129 -0.58 11.70 23.83
CA VAL G 129 -0.74 10.33 23.38
C VAL G 129 -0.33 9.41 24.52
N ASN G 130 -1.18 8.41 24.79
CA ASN G 130 -0.91 7.40 25.82
C ASN G 130 -0.70 8.03 27.19
N TYR G 131 -1.16 9.26 27.37
CA TYR G 131 -1.02 9.97 28.63
C TYR G 131 -2.03 11.12 28.62
N LEU G 132 -2.53 11.45 29.81
CA LEU G 132 -3.54 12.50 29.90
C LEU G 132 -3.50 13.10 31.31
N ASN G 133 -3.58 14.42 31.37
CA ASN G 133 -3.60 15.13 32.65
C ASN G 133 -4.85 16.00 32.70
N ILE G 134 -5.57 15.93 33.81
CA ILE G 134 -6.82 16.68 33.96
C ILE G 134 -6.89 17.24 35.36
N PRO G 135 -7.51 18.41 35.52
CA PRO G 135 -7.65 19.00 36.85
C PRO G 135 -8.80 18.37 37.63
N VAL G 136 -8.53 18.09 38.91
CA VAL G 136 -9.51 17.43 39.76
C VAL G 136 -10.70 18.34 40.00
N ASP G 137 -11.88 17.72 40.17
CA ASP G 137 -13.13 18.42 40.46
C ASP G 137 -13.51 19.41 39.36
N ARG G 138 -13.32 18.99 38.10
CA ARG G 138 -13.75 19.75 36.94
C ARG G 138 -14.44 18.82 35.94
N PRO G 139 -15.60 19.22 35.40
CA PRO G 139 -16.26 18.35 34.41
C PRO G 139 -15.43 18.30 33.14
N ILE G 140 -15.34 17.10 32.56
CA ILE G 140 -14.58 16.86 31.35
C ILE G 140 -15.50 16.16 30.36
N LEU G 141 -15.84 16.85 29.28
CA LEU G 141 -16.71 16.28 28.25
C LEU G 141 -15.81 15.50 27.31
N PHE G 142 -15.55 14.24 27.66
CA PHE G 142 -14.74 13.39 26.79
C PHE G 142 -15.50 13.12 25.51
N LYS G 143 -14.91 13.50 24.39
CA LYS G 143 -15.46 13.21 23.07
C LYS G 143 -14.77 11.94 22.60
N ILE G 144 -15.53 10.85 22.49
CA ILE G 144 -14.97 9.54 22.25
C ILE G 144 -15.15 9.20 20.78
N SER G 145 -14.06 8.77 20.15
CA SER G 145 -14.08 8.35 18.75
C SER G 145 -12.91 7.40 18.51
N SER G 146 -12.91 6.78 17.33
CA SER G 146 -11.92 5.78 16.99
C SER G 146 -11.53 5.91 15.53
N ALA G 147 -10.30 5.47 15.23
CA ALA G 147 -9.78 5.62 13.87
C ALA G 147 -10.08 4.39 13.03
N ASP G 148 -9.63 3.21 13.46
CA ASP G 148 -9.70 1.99 12.66
C ASP G 148 -10.51 0.87 13.31
N SER G 149 -10.39 0.68 14.62
CA SER G 149 -11.06 -0.41 15.31
C SER G 149 -11.76 0.10 16.56
N MET G 150 -12.83 -0.60 16.93
CA MET G 150 -13.63 -0.22 18.08
C MET G 150 -12.84 -0.42 19.38
N ALA G 151 -13.01 0.51 20.32
CA ALA G 151 -12.28 0.48 21.58
C ALA G 151 -13.09 1.28 22.61
N SER G 152 -12.60 1.31 23.84
CA SER G 152 -13.27 2.07 24.90
C SER G 152 -12.26 2.38 25.99
N LEU G 153 -12.29 3.62 26.49
CA LEU G 153 -11.37 4.03 27.55
C LEU G 153 -11.95 3.59 28.89
N TRP G 154 -11.44 2.47 29.41
CA TRP G 154 -11.96 1.93 30.66
C TRP G 154 -11.57 2.80 31.85
N ILE G 155 -10.27 2.88 32.14
CA ILE G 155 -9.74 3.58 33.32
C ILE G 155 -10.49 3.12 34.56
N PRO G 156 -10.10 2.00 35.17
CA PRO G 156 -10.93 1.41 36.24
C PRO G 156 -11.21 2.35 37.39
N GLN G 157 -10.35 3.32 37.66
CA GLN G 157 -10.59 4.22 38.79
C GLN G 157 -11.63 5.30 38.48
N LEU G 158 -11.75 5.71 37.22
CA LEU G 158 -12.76 6.72 36.90
C LEU G 158 -14.15 6.11 36.78
N GLY G 159 -14.26 4.83 36.42
CA GLY G 159 -15.56 4.20 36.40
C GLY G 159 -16.10 3.85 35.04
N GLY G 160 -17.08 4.63 34.59
CA GLY G 160 -17.77 4.33 33.36
C GLY G 160 -16.85 4.43 32.15
N GLN G 161 -17.07 3.52 31.20
CA GLN G 161 -16.31 3.44 29.96
C GLN G 161 -17.26 3.57 28.78
N LYS G 162 -16.81 4.25 27.72
CA LYS G 162 -17.63 4.46 26.56
C LYS G 162 -16.94 3.90 25.33
N TYR G 163 -17.70 3.21 24.49
CA TYR G 163 -17.12 2.64 23.28
C TYR G 163 -16.67 3.75 22.35
N ALA G 164 -15.53 3.55 21.71
CA ALA G 164 -15.05 4.47 20.69
C ALA G 164 -15.53 3.97 19.34
N MET G 165 -16.53 4.62 18.77
CA MET G 165 -17.14 4.17 17.54
C MET G 165 -16.52 4.96 16.40
N ALA G 166 -15.91 4.24 15.46
CA ALA G 166 -15.32 4.87 14.29
C ALA G 166 -16.43 5.37 13.38
N GLY G 167 -16.59 6.68 13.29
CA GLY G 167 -17.65 7.26 12.49
C GLY G 167 -18.53 8.25 13.20
N MET G 168 -18.47 8.31 14.53
CA MET G 168 -19.27 9.28 15.27
C MET G 168 -18.63 9.50 16.63
N LEU G 169 -18.94 10.64 17.25
CA LEU G 169 -18.38 11.03 18.53
C LEU G 169 -19.42 10.79 19.63
N MET G 170 -19.00 10.10 20.69
CA MET G 170 -19.87 9.80 21.83
C MET G 170 -19.44 10.68 23.00
N ASP G 171 -20.40 11.41 23.56
CA ASP G 171 -20.11 12.31 24.67
C ASP G 171 -20.20 11.56 26.00
N GLN G 172 -19.21 11.79 26.87
CA GLN G 172 -19.17 11.18 28.19
C GLN G 172 -18.49 12.15 29.14
N TYR G 173 -19.06 12.30 30.34
CA TYR G 173 -18.52 13.20 31.35
C TYR G 173 -17.85 12.38 32.44
N LEU G 174 -16.71 12.87 32.93
CA LEU G 174 -15.96 12.18 33.99
C LEU G 174 -15.48 13.20 35.00
N GLN G 175 -14.84 12.71 36.06
CA GLN G 175 -14.24 13.56 37.09
C GLN G 175 -13.15 12.75 37.80
N ALA G 176 -12.34 13.46 38.59
CA ALA G 176 -11.29 12.84 39.40
C ALA G 176 -11.63 12.96 40.88
N ASP G 177 -11.77 11.82 41.56
CA ASP G 177 -12.14 11.83 42.98
C ASP G 177 -11.04 12.46 43.83
N LYS G 178 -9.87 11.83 43.87
CA LYS G 178 -8.74 12.33 44.65
C LYS G 178 -7.48 12.25 43.80
N VAL G 179 -6.46 12.98 44.23
CA VAL G 179 -5.18 12.99 43.53
C VAL G 179 -4.52 11.62 43.65
N GLY G 180 -4.03 11.11 42.52
CA GLY G 180 -3.34 9.84 42.52
C GLY G 180 -3.03 9.41 41.09
N THR G 181 -2.56 8.16 40.99
CA THR G 181 -2.21 7.57 39.70
C THR G 181 -3.33 6.63 39.25
N TYR G 182 -4.08 7.06 38.23
CA TYR G 182 -5.22 6.32 37.74
C TYR G 182 -4.76 5.41 36.60
N GLU G 183 -4.84 4.10 36.81
CA GLU G 183 -4.54 3.16 35.75
C GLU G 183 -5.61 3.25 34.66
N GLY G 184 -5.19 3.08 33.41
CA GLY G 184 -6.12 3.16 32.29
C GLY G 184 -5.84 2.05 31.30
N ARG G 185 -6.91 1.60 30.63
CA ARG G 185 -6.81 0.51 29.68
C ARG G 185 -7.92 0.63 28.64
N ASN G 186 -8.01 -0.38 27.78
CA ASN G 186 -9.01 -0.46 26.72
C ASN G 186 -9.91 -1.66 26.96
N ALA G 187 -11.09 -1.63 26.34
CA ALA G 187 -11.99 -2.78 26.37
C ALA G 187 -11.32 -4.03 25.81
N ASN G 188 -10.21 -3.86 25.09
CA ASN G 188 -9.35 -4.96 24.66
C ASN G 188 -10.09 -5.91 23.72
N PHE G 189 -10.63 -5.35 22.63
CA PHE G 189 -11.05 -6.17 21.50
C PHE G 189 -9.79 -6.69 20.84
N THR G 190 -9.40 -7.91 21.20
CA THR G 190 -8.04 -8.37 21.00
C THR G 190 -7.67 -8.39 19.53
N GLY G 191 -6.41 -8.01 19.25
CA GLY G 191 -5.89 -8.00 17.91
C GLY G 191 -4.38 -7.85 17.91
N GLU G 192 -3.67 -8.92 18.26
CA GLU G 192 -2.21 -8.88 18.40
C GLU G 192 -1.81 -7.88 19.48
N HIS G 193 -1.56 -6.64 19.05
CA HIS G 193 -1.15 -5.57 19.97
C HIS G 193 -2.39 -4.92 20.56
N PHE G 194 -2.95 -5.56 21.58
CA PHE G 194 -4.05 -4.98 22.33
C PHE G 194 -3.90 -5.08 23.83
N ALA G 195 -3.12 -6.02 24.35
CA ALA G 195 -2.97 -6.17 25.79
C ALA G 195 -2.21 -5.00 26.39
N ASP G 196 -1.22 -4.48 25.67
CA ASP G 196 -0.40 -3.36 26.13
C ASP G 196 -0.99 -2.01 25.76
N GLN G 197 -2.30 -1.84 25.94
CA GLN G 197 -2.95 -0.56 25.71
C GLN G 197 -3.02 0.28 26.99
N GLU G 198 -2.28 -0.11 28.03
CA GLU G 198 -2.38 0.54 29.33
C GLU G 198 -1.72 1.93 29.26
N PHE G 199 -2.54 2.97 29.34
CA PHE G 199 -2.08 4.35 29.31
C PHE G 199 -2.33 4.96 30.69
N ASP G 200 -1.26 5.40 31.34
CA ASP G 200 -1.36 5.99 32.67
C ASP G 200 -1.87 7.42 32.58
N VAL G 201 -2.88 7.74 33.38
CA VAL G 201 -3.46 9.08 33.46
C VAL G 201 -3.31 9.62 34.88
N ASN G 202 -2.99 10.90 34.99
CA ASN G 202 -2.80 11.57 36.28
C ASN G 202 -3.77 12.73 36.43
N ALA G 203 -4.21 12.96 37.67
CA ALA G 203 -5.13 14.04 38.01
C ALA G 203 -4.52 14.88 39.12
N VAL G 204 -4.35 16.19 38.85
CA VAL G 204 -3.71 17.10 39.79
C VAL G 204 -4.64 18.29 40.03
N THR G 205 -4.19 19.19 40.92
CA THR G 205 -4.95 20.37 41.31
C THR G 205 -5.04 21.35 40.14
N GLU G 206 -5.96 22.30 40.27
CA GLU G 206 -6.14 23.31 39.22
C GLU G 206 -4.90 24.16 39.05
N LYS G 207 -4.25 24.55 40.15
CA LYS G 207 -3.05 25.37 40.04
C LYS G 207 -1.92 24.59 39.39
N ASP G 208 -1.77 23.31 39.77
CA ASP G 208 -0.77 22.45 39.13
C ASP G 208 -1.15 22.12 37.70
N PHE G 209 -2.45 22.05 37.39
CA PHE G 209 -2.83 21.81 36.02
C PHE G 209 -2.43 23.02 35.18
N ASN G 210 -2.70 24.23 35.67
CA ASN G 210 -2.41 25.45 34.92
C ASN G 210 -0.92 25.61 34.64
N SER G 211 -0.07 25.08 35.51
CA SER G 211 1.36 25.04 35.21
C SER G 211 1.66 23.96 34.17
N TRP G 212 0.92 22.85 34.20
CA TRP G 212 1.08 21.86 33.15
C TRP G 212 0.39 22.31 31.86
N VAL G 213 -0.74 23.02 31.96
CA VAL G 213 -1.24 23.65 30.75
C VAL G 213 -0.30 24.74 30.28
N LYS G 214 0.54 25.30 31.17
CA LYS G 214 1.42 26.41 30.77
C LYS G 214 2.81 25.96 30.33
N LYS G 215 3.29 24.79 30.73
CA LYS G 215 4.63 24.41 30.29
C LYS G 215 4.67 24.16 28.79
N THR G 216 3.77 23.32 28.29
CA THR G 216 3.72 22.93 26.89
C THR G 216 3.62 24.06 25.87
N GLN G 217 2.41 24.57 25.64
CA GLN G 217 2.15 25.61 24.65
C GLN G 217 3.10 26.80 24.69
N PRO G 221 7.04 20.18 20.83
CA PRO G 221 6.93 19.97 19.39
C PRO G 221 5.72 20.66 18.78
N LYS G 222 5.29 20.20 17.62
CA LYS G 222 4.14 20.78 16.92
C LYS G 222 3.44 19.68 16.13
N LEU G 223 2.38 20.06 15.43
CA LEU G 223 1.64 19.14 14.57
C LEU G 223 2.45 19.02 13.28
N THR G 224 3.29 17.99 13.20
CA THR G 224 4.20 17.83 12.08
C THR G 224 3.51 17.31 10.82
N LYS G 225 2.17 17.31 10.80
CA LYS G 225 1.38 16.95 9.61
C LYS G 225 1.59 15.50 9.20
N GLU G 226 2.84 15.08 9.04
CA GLU G 226 3.16 13.72 8.64
C GLU G 226 3.22 12.76 9.81
N LYS G 227 3.60 13.24 11.01
CA LYS G 227 3.65 12.36 12.17
C LYS G 227 2.27 11.88 12.58
N TYR G 228 1.21 12.63 12.27
CA TYR G 228 -0.14 12.15 12.51
C TYR G 228 -0.41 10.89 11.70
N ASP G 229 -0.04 10.90 10.41
CA ASP G 229 -0.14 9.70 9.60
C ASP G 229 0.83 8.62 10.06
N GLU G 230 1.88 8.99 10.79
CA GLU G 230 2.83 8.04 11.33
C GLU G 230 2.35 7.38 12.62
N LEU G 231 1.12 7.67 13.06
CA LEU G 231 0.59 7.10 14.29
C LEU G 231 -0.34 5.91 14.05
N MET G 232 -1.04 5.88 12.92
CA MET G 232 -2.01 4.83 12.64
C MET G 232 -1.38 3.45 12.46
N LEU G 233 -0.07 3.33 12.50
CA LEU G 233 0.55 2.03 12.41
C LEU G 233 0.59 1.38 13.79
N PRO G 234 0.15 0.13 13.94
CA PRO G 234 0.08 -0.50 15.26
C PRO G 234 1.42 -1.06 15.74
N GLU G 235 2.11 -0.33 16.61
CA GLU G 235 3.36 -0.81 17.20
C GLU G 235 3.42 -0.48 18.68
N ASN G 236 4.51 0.16 19.11
CA ASN G 236 4.66 0.61 20.48
C ASN G 236 5.23 2.02 20.48
N VAL G 237 4.74 2.85 21.41
CA VAL G 237 5.08 4.26 21.47
C VAL G 237 5.09 4.68 22.93
N ASP G 238 5.62 5.87 23.20
CA ASP G 238 5.73 6.40 24.55
C ASP G 238 4.71 7.52 24.71
N GLU G 239 5.06 8.67 25.29
CA GLU G 239 4.08 9.72 25.57
C GLU G 239 3.86 10.64 24.37
N LEU G 240 4.93 11.26 23.87
CA LEU G 240 4.85 12.23 22.78
C LEU G 240 4.03 13.44 23.22
N THR G 241 4.71 14.51 23.63
CA THR G 241 4.03 15.67 24.19
C THR G 241 3.13 16.33 23.15
N PHE G 242 3.73 16.82 22.04
CA PHE G 242 3.00 17.47 20.95
C PHE G 242 2.24 18.70 21.41
N SER G 243 2.74 19.88 21.07
CA SER G 243 2.12 21.14 21.50
C SER G 243 1.29 21.75 20.38
N SER G 244 0.42 20.95 19.78
CA SER G 244 -0.48 21.42 18.74
C SER G 244 -1.59 20.39 18.58
N THR G 245 -2.81 20.88 18.37
CA THR G 245 -3.95 20.00 18.19
C THR G 245 -4.02 19.51 16.74
N HIS G 246 -4.39 18.25 16.58
CA HIS G 246 -4.38 17.59 15.29
C HIS G 246 -5.77 17.45 14.65
N LEU G 247 -6.83 18.01 15.26
CA LEU G 247 -8.17 17.81 14.73
C LEU G 247 -8.40 18.54 13.39
N LYS G 248 -7.41 19.23 12.87
CA LYS G 248 -7.54 19.93 11.58
C LYS G 248 -7.51 18.99 10.37
N TYR G 249 -7.52 17.67 10.57
CA TYR G 249 -7.46 16.70 9.47
C TYR G 249 -8.76 15.91 9.48
N VAL G 250 -9.66 16.25 8.54
CA VAL G 250 -10.95 15.62 8.29
C VAL G 250 -11.68 15.27 9.60
N ASP G 251 -11.45 16.08 10.64
CA ASP G 251 -12.13 15.95 11.93
C ASP G 251 -11.76 14.65 12.65
N HIS G 252 -11.57 13.57 11.89
CA HIS G 252 -11.26 12.23 12.39
C HIS G 252 -12.45 11.62 13.13
N GLY G 253 -13.12 12.42 13.98
CA GLY G 253 -14.38 11.99 14.52
C GLY G 253 -15.43 11.79 13.44
N GLN G 254 -15.37 12.59 12.39
CA GLN G 254 -16.15 12.38 11.17
C GLN G 254 -15.23 11.87 10.08
N ASP G 255 -15.83 11.25 9.06
CA ASP G 255 -15.09 10.66 7.94
C ASP G 255 -14.02 9.68 8.46
N ALA G 256 -14.52 8.53 8.91
CA ALA G 256 -13.66 7.48 9.45
C ALA G 256 -12.92 6.72 8.36
N GLU G 257 -13.01 7.17 7.11
CA GLU G 257 -12.28 6.58 5.99
C GLU G 257 -10.78 6.92 6.02
N TYR G 258 -10.29 7.47 7.14
CA TYR G 258 -8.89 7.86 7.26
C TYR G 258 -8.03 6.67 7.66
N ALA G 259 -8.44 5.46 7.27
CA ALA G 259 -7.65 4.27 7.45
C ALA G 259 -6.92 3.83 6.18
N MET G 260 -7.51 4.12 5.01
CA MET G 260 -6.81 3.86 3.76
C MET G 260 -5.75 4.93 3.50
N GLU G 261 -6.08 6.20 3.72
CA GLU G 261 -5.11 7.28 3.60
C GLU G 261 -4.03 7.22 4.67
N ALA G 262 -4.14 6.33 5.66
CA ALA G 262 -3.18 6.25 6.73
C ALA G 262 -2.18 5.12 6.52
N ARG G 263 -2.60 3.88 6.71
CA ARG G 263 -1.66 2.77 6.63
C ARG G 263 -1.17 2.53 5.22
N LYS G 264 -1.99 2.82 4.20
CA LYS G 264 -1.62 2.50 2.83
C LYS G 264 -0.77 3.59 2.18
N ARG G 265 -0.97 4.86 2.55
CA ARG G 265 -0.13 5.91 1.97
C ARG G 265 1.32 5.76 2.41
N LEU G 266 1.55 5.14 3.57
CA LEU G 266 2.89 4.83 4.03
C LEU G 266 3.31 3.41 3.69
N GLY G 267 2.53 2.72 2.87
CA GLY G 267 2.87 1.37 2.43
C GLY G 267 2.91 0.32 3.52
N TYR G 268 1.74 -0.17 3.93
CA TYR G 268 1.66 -1.20 4.96
C TYR G 268 0.31 -1.89 4.87
N GLN G 269 0.32 -3.21 4.68
CA GLN G 269 -0.89 -4.02 4.79
C GLN G 269 -0.50 -5.38 5.33
N ALA G 270 -1.13 -5.78 6.43
CA ALA G 270 -0.73 -7.01 7.10
C ALA G 270 -1.29 -8.23 6.39
N VAL G 271 -0.74 -9.40 6.73
CA VAL G 271 -1.23 -10.69 6.28
C VAL G 271 -1.16 -11.66 7.44
N SER G 272 -1.32 -12.95 7.15
CA SER G 272 -1.22 -13.96 8.20
C SER G 272 0.13 -14.68 8.15
N PRO G 273 0.63 -15.12 6.97
CA PRO G 273 1.96 -15.75 6.94
C PRO G 273 3.02 -14.92 6.22
N HIS G 274 4.19 -14.76 6.86
CA HIS G 274 5.39 -14.23 6.24
C HIS G 274 5.29 -12.75 5.87
N SER G 275 6.45 -12.14 5.60
CA SER G 275 6.54 -10.77 5.08
C SER G 275 5.84 -9.77 6.00
N LYS G 276 6.01 -9.92 7.31
CA LYS G 276 5.42 -8.95 8.22
C LYS G 276 6.49 -7.91 8.57
N THR G 277 6.87 -7.83 9.84
CA THR G 277 7.86 -6.86 10.32
C THR G 277 7.49 -5.45 9.84
N ASP G 278 6.18 -5.16 9.82
CA ASP G 278 5.61 -4.01 9.16
C ASP G 278 6.00 -4.08 7.68
N PRO G 279 5.17 -4.71 6.84
CA PRO G 279 5.57 -5.03 5.46
C PRO G 279 6.26 -3.90 4.70
N PHE G 280 7.58 -3.77 4.93
CA PHE G 280 8.43 -2.82 4.22
C PHE G 280 7.99 -1.37 4.42
N GLU G 281 8.63 -0.44 3.71
CA GLU G 281 8.40 1.00 3.83
C GLU G 281 8.70 1.50 5.23
N ASN G 282 9.79 2.27 5.37
CA ASN G 282 10.29 2.63 6.70
C ASN G 282 9.58 3.83 7.28
N VAL G 283 10.33 4.67 7.99
CA VAL G 283 9.86 5.85 8.72
C VAL G 283 8.85 5.46 9.80
N LYS G 284 9.20 5.72 11.06
CA LYS G 284 8.36 5.40 12.21
C LYS G 284 9.02 5.84 13.51
N LYS G 285 8.43 5.45 14.64
CA LYS G 285 9.01 5.66 15.98
C LYS G 285 8.56 4.47 16.83
N ASN G 286 9.45 3.51 17.02
CA ASN G 286 9.10 2.22 17.60
C ASN G 286 9.53 2.17 19.07
N GLU G 287 9.70 0.95 19.59
CA GLU G 287 10.09 0.73 20.96
C GLU G 287 11.62 0.65 21.08
N PHE G 288 12.11 0.52 22.31
CA PHE G 288 13.53 0.41 22.60
C PHE G 288 14.32 1.60 22.06
N PRO H 14 4.30 -21.16 15.13
CA PRO H 14 4.51 -21.95 13.91
C PRO H 14 5.15 -23.30 14.18
N LEU H 15 5.91 -23.39 15.28
CA LEU H 15 6.55 -24.66 15.62
C LEU H 15 5.54 -25.66 16.17
N ILE H 16 4.56 -25.20 16.95
CA ILE H 16 3.57 -26.09 17.53
C ILE H 16 2.63 -26.61 16.45
N LEU H 17 2.19 -25.73 15.55
CA LEU H 17 1.24 -26.10 14.50
C LEU H 17 1.85 -27.03 13.45
N GLY H 18 3.14 -27.34 13.53
CA GLY H 18 3.76 -28.23 12.57
C GLY H 18 3.63 -29.70 12.94
N ALA H 19 3.36 -29.97 14.21
CA ALA H 19 3.23 -31.34 14.69
C ALA H 19 1.82 -31.89 14.49
N GLN H 20 0.80 -31.07 14.75
CA GLN H 20 -0.57 -31.56 14.67
C GLN H 20 -1.01 -31.80 13.24
N VAL H 21 -0.47 -31.05 12.27
CA VAL H 21 -0.81 -31.30 10.87
C VAL H 21 -0.35 -32.69 10.45
N SER H 22 0.70 -33.20 11.09
CA SER H 22 1.11 -34.59 10.87
C SER H 22 0.21 -35.55 11.63
N ILE H 23 -0.23 -35.17 12.83
CA ILE H 23 -1.15 -36.00 13.60
C ILE H 23 -2.52 -36.02 12.94
N ALA H 24 -2.93 -34.89 12.35
CA ALA H 24 -4.20 -34.87 11.62
C ALA H 24 -4.15 -35.78 10.40
N LEU H 25 -3.01 -35.82 9.69
CA LEU H 25 -2.86 -36.74 8.58
C LEU H 25 -2.69 -38.17 9.06
N SER H 26 -2.20 -38.37 10.28
CA SER H 26 -2.05 -39.72 10.81
C SER H 26 -3.41 -40.32 11.16
N THR H 27 -4.28 -39.54 11.81
CA THR H 27 -5.60 -40.05 12.16
C THR H 27 -6.40 -40.44 10.92
N ILE H 28 -6.26 -39.66 9.84
CA ILE H 28 -6.93 -40.03 8.59
C ILE H 28 -6.31 -41.29 8.01
N ALA H 29 -4.99 -41.45 8.14
CA ALA H 29 -4.34 -42.66 7.64
C ALA H 29 -4.68 -43.89 8.47
N ILE H 30 -4.99 -43.70 9.76
CA ILE H 30 -5.36 -44.82 10.60
C ILE H 30 -6.71 -45.39 10.19
N ILE H 31 -7.63 -44.53 9.74
CA ILE H 31 -8.97 -44.99 9.37
C ILE H 31 -8.90 -45.91 8.16
N PHE H 32 -7.97 -45.64 7.23
CA PHE H 32 -7.89 -46.45 6.01
C PHE H 32 -7.42 -47.87 6.31
N VAL H 33 -6.40 -48.02 7.16
CA VAL H 33 -5.80 -49.33 7.38
C VAL H 33 -6.64 -50.16 8.36
N LEU H 34 -6.89 -49.60 9.55
CA LEU H 34 -7.54 -50.39 10.59
C LEU H 34 -9.03 -50.56 10.33
N THR H 35 -9.71 -49.51 9.87
CA THR H 35 -11.16 -49.52 9.74
C THR H 35 -11.63 -49.83 8.32
N TYR H 36 -10.96 -49.29 7.30
CA TYR H 36 -11.45 -49.40 5.93
C TYR H 36 -10.97 -50.68 5.25
N PHE H 37 -11.13 -51.82 5.92
CA PHE H 37 -10.95 -53.10 5.24
C PHE H 37 -12.09 -53.35 4.26
N LYS H 38 -13.30 -53.01 4.66
CA LYS H 38 -14.49 -53.05 3.81
C LYS H 38 -15.65 -52.38 4.54
N LYS H 39 -15.88 -51.09 4.27
CA LYS H 39 -16.86 -50.31 5.01
C LYS H 39 -18.08 -49.95 4.20
N TRP H 40 -18.15 -50.33 2.92
CA TRP H 40 -19.35 -50.13 2.14
C TRP H 40 -20.32 -51.27 2.42
N LYS H 41 -20.62 -51.49 3.69
CA LYS H 41 -21.54 -52.54 4.11
C LYS H 41 -22.04 -52.27 5.53
N TRP H 42 -21.21 -51.61 6.33
CA TRP H 42 -21.59 -51.21 7.68
C TRP H 42 -21.53 -49.71 7.90
N LEU H 43 -20.46 -49.06 7.44
CA LEU H 43 -20.35 -47.61 7.65
C LEU H 43 -21.26 -46.85 6.70
N TRP H 44 -21.23 -47.18 5.41
CA TRP H 44 -22.08 -46.50 4.44
C TRP H 44 -23.53 -46.99 4.50
N SER H 45 -23.78 -48.15 5.09
CA SER H 45 -25.13 -48.72 5.13
C SER H 45 -25.83 -48.33 6.43
N GLU H 46 -25.43 -48.94 7.55
CA GLU H 46 -26.08 -48.70 8.83
C GLU H 46 -25.62 -47.41 9.52
N TRP H 47 -24.78 -46.62 8.87
CA TRP H 47 -24.29 -45.37 9.46
C TRP H 47 -24.15 -44.35 8.33
N ILE H 48 -23.41 -43.28 8.61
CA ILE H 48 -23.19 -42.17 7.68
C ILE H 48 -24.54 -41.63 7.20
N THR H 49 -25.18 -42.34 6.28
CA THR H 49 -26.46 -41.94 5.73
C THR H 49 -27.63 -42.69 6.35
N THR H 50 -27.48 -43.13 7.60
CA THR H 50 -28.54 -43.86 8.28
C THR H 50 -29.69 -42.91 8.60
N VAL H 51 -30.87 -43.50 8.85
CA VAL H 51 -32.08 -42.74 9.06
C VAL H 51 -32.59 -42.82 10.49
N ASP H 52 -32.32 -43.93 11.20
CA ASP H 52 -32.78 -44.08 12.57
C ASP H 52 -32.28 -42.94 13.44
N HIS H 53 -33.21 -42.31 14.17
CA HIS H 53 -32.85 -41.17 15.01
C HIS H 53 -31.91 -41.57 16.14
N LYS H 54 -31.96 -42.84 16.56
CA LYS H 54 -31.08 -43.29 17.65
C LYS H 54 -29.62 -43.23 17.24
N LYS H 55 -29.31 -43.61 16.00
CA LYS H 55 -27.93 -43.60 15.55
C LYS H 55 -27.43 -42.21 15.24
N LEU H 56 -28.32 -41.29 14.86
CA LEU H 56 -27.90 -39.93 14.57
C LEU H 56 -27.52 -39.20 15.85
N GLY H 57 -28.33 -39.34 16.91
CA GLY H 57 -28.01 -38.68 18.16
C GLY H 57 -26.73 -39.18 18.78
N ILE H 58 -26.35 -40.43 18.47
CA ILE H 58 -25.06 -40.95 18.94
C ILE H 58 -23.93 -40.21 18.24
N MET H 59 -24.03 -40.05 16.92
CA MET H 59 -23.01 -39.31 16.18
C MET H 59 -22.98 -37.84 16.55
N TYR H 60 -24.07 -37.31 17.14
CA TYR H 60 -24.07 -35.93 17.60
C TYR H 60 -23.24 -35.78 18.87
N ILE H 61 -23.50 -36.61 19.87
CA ILE H 61 -22.82 -36.45 21.14
C ILE H 61 -21.39 -36.98 21.08
N ILE H 62 -21.13 -37.99 20.26
CA ILE H 62 -19.76 -38.49 20.13
C ILE H 62 -18.90 -37.47 19.39
N SER H 63 -19.53 -36.57 18.62
CA SER H 63 -18.79 -35.47 18.04
C SER H 63 -18.54 -34.36 19.05
N ALA H 64 -19.51 -34.12 19.93
CA ALA H 64 -19.35 -33.10 20.96
C ALA H 64 -18.26 -33.52 21.95
N VAL H 65 -18.15 -34.81 22.25
CA VAL H 65 -17.06 -35.29 23.08
C VAL H 65 -15.74 -35.13 22.35
N ILE H 66 -15.74 -35.31 21.03
CA ILE H 66 -14.55 -35.05 20.23
C ILE H 66 -14.20 -33.56 20.27
N MET H 67 -15.21 -32.70 20.09
CA MET H 67 -14.99 -31.26 20.23
C MET H 67 -14.69 -30.86 21.66
N LEU H 68 -15.03 -31.71 22.64
CA LEU H 68 -14.68 -31.42 24.02
C LEU H 68 -13.17 -31.53 24.25
N PHE H 69 -12.50 -32.44 23.54
CA PHE H 69 -11.05 -32.55 23.66
C PHE H 69 -10.33 -31.48 22.85
N ARG H 70 -10.87 -31.14 21.67
CA ARG H 70 -10.32 -30.03 20.90
C ARG H 70 -10.48 -28.72 21.67
N GLY H 71 -11.68 -28.47 22.18
CA GLY H 71 -11.89 -27.34 23.07
C GLY H 71 -11.24 -27.48 24.42
N GLY H 72 -10.83 -28.68 24.79
CA GLY H 72 -10.17 -28.90 26.07
C GLY H 72 -8.72 -28.47 26.08
N VAL H 73 -7.97 -28.90 25.06
CA VAL H 73 -6.58 -28.48 24.95
C VAL H 73 -6.49 -26.97 24.69
N ASP H 74 -7.55 -26.38 24.11
CA ASP H 74 -7.55 -24.93 23.93
C ASP H 74 -7.64 -24.20 25.27
N GLY H 75 -8.65 -24.54 26.07
CA GLY H 75 -8.86 -23.85 27.34
C GLY H 75 -7.73 -24.05 28.34
N LEU H 76 -7.01 -25.17 28.25
CA LEU H 76 -5.94 -25.44 29.19
C LEU H 76 -4.69 -24.61 28.87
N MET H 77 -4.23 -24.64 27.62
CA MET H 77 -3.05 -23.88 27.25
C MET H 77 -3.30 -22.38 27.30
N MET H 78 -4.56 -21.94 27.25
CA MET H 78 -4.88 -20.54 27.44
C MET H 78 -4.52 -20.11 28.86
N ARG H 79 -5.10 -20.79 29.86
CA ARG H 79 -4.81 -20.44 31.24
C ARG H 79 -3.40 -20.85 31.64
N ALA H 80 -2.83 -21.85 30.99
CA ALA H 80 -1.43 -22.19 31.21
C ALA H 80 -0.53 -21.03 30.76
N GLN H 81 -0.88 -20.39 29.65
CA GLN H 81 -0.20 -19.17 29.26
C GLN H 81 -0.46 -18.05 30.26
N LEU H 82 -1.67 -18.00 30.81
CA LEU H 82 -2.05 -17.01 31.81
C LEU H 82 -1.77 -17.49 33.23
N ALA H 83 -0.69 -18.24 33.44
CA ALA H 83 -0.36 -18.68 34.80
C ALA H 83 0.19 -17.54 35.63
N LEU H 84 1.08 -16.73 35.06
CA LEU H 84 1.69 -15.61 35.75
C LEU H 84 2.12 -14.59 34.72
N PRO H 85 2.35 -13.34 35.12
CA PRO H 85 2.83 -12.34 34.17
C PRO H 85 4.15 -12.73 33.54
N ASN H 86 4.54 -11.94 32.53
CA ASN H 86 5.75 -12.15 31.72
C ASN H 86 5.96 -13.62 31.37
N ASN H 87 4.88 -14.33 31.06
CA ASN H 87 4.96 -15.73 30.66
C ASN H 87 5.07 -15.84 29.15
N SER H 88 5.98 -16.69 28.69
CA SER H 88 6.25 -16.80 27.26
C SER H 88 5.83 -18.17 26.73
N PHE H 89 4.58 -18.56 26.97
CA PHE H 89 4.03 -19.78 26.40
C PHE H 89 3.41 -19.50 25.03
N LEU H 90 2.44 -18.59 24.99
CA LEU H 90 1.76 -18.22 23.75
C LEU H 90 1.97 -16.73 23.49
N ASP H 91 2.21 -16.39 22.23
CA ASP H 91 2.40 -14.99 21.86
C ASP H 91 1.06 -14.33 21.60
N SER H 92 1.07 -13.17 20.93
CA SER H 92 -0.17 -12.43 20.71
C SER H 92 -1.06 -13.13 19.69
N ASN H 93 -0.54 -13.36 18.49
CA ASN H 93 -1.33 -13.95 17.42
C ASN H 93 -1.66 -15.42 17.64
N HIS H 94 -1.25 -16.00 18.77
CA HIS H 94 -1.59 -17.37 19.12
C HIS H 94 -2.72 -17.41 20.14
N TYR H 95 -2.54 -16.73 21.27
CA TYR H 95 -3.60 -16.61 22.27
C TYR H 95 -4.85 -15.98 21.68
N ASN H 96 -4.69 -15.17 20.63
CA ASN H 96 -5.85 -14.58 19.97
C ASN H 96 -6.61 -15.62 19.14
N GLU H 97 -5.90 -16.53 18.50
CA GLU H 97 -6.57 -17.55 17.69
C GLU H 97 -7.06 -18.73 18.53
N ILE H 98 -6.39 -19.02 19.65
CA ILE H 98 -6.78 -20.17 20.46
C ILE H 98 -8.10 -19.90 21.17
N PHE H 99 -8.22 -18.74 21.82
CA PHE H 99 -9.43 -18.43 22.56
C PHE H 99 -10.62 -18.20 21.64
N THR H 100 -10.38 -17.80 20.39
CA THR H 100 -11.47 -17.68 19.44
C THR H 100 -11.99 -19.04 18.99
N THR H 101 -11.08 -19.97 18.70
CA THR H 101 -11.49 -21.32 18.35
C THR H 101 -12.17 -22.03 19.51
N HIS H 102 -11.73 -21.75 20.73
CA HIS H 102 -12.30 -22.40 21.91
C HIS H 102 -13.78 -22.04 22.08
N GLY H 103 -14.10 -20.76 21.96
CA GLY H 103 -15.48 -20.33 22.16
C GLY H 103 -16.41 -20.81 21.05
N THR H 104 -15.91 -20.87 19.82
CA THR H 104 -16.75 -21.31 18.71
C THR H 104 -16.93 -22.82 18.70
N ILE H 105 -15.94 -23.57 19.18
CA ILE H 105 -16.11 -25.03 19.29
C ILE H 105 -17.20 -25.35 20.31
N MET H 106 -17.22 -24.62 21.42
CA MET H 106 -18.34 -24.72 22.35
C MET H 106 -19.54 -23.99 21.78
N ILE H 107 -20.68 -24.15 22.45
CA ILE H 107 -21.94 -23.51 22.06
C ILE H 107 -22.38 -23.99 20.68
N ILE H 108 -21.55 -23.77 19.67
CA ILE H 108 -21.91 -24.10 18.29
C ILE H 108 -21.60 -25.55 17.95
N PHE H 109 -20.37 -25.99 18.17
CA PHE H 109 -19.93 -27.32 17.76
C PHE H 109 -19.81 -28.30 18.91
N MET H 110 -20.08 -27.88 20.15
CA MET H 110 -20.07 -28.79 21.30
C MET H 110 -21.41 -28.83 22.01
N ALA H 111 -21.87 -27.70 22.56
CA ALA H 111 -23.12 -27.71 23.30
C ALA H 111 -24.32 -27.93 22.39
N MET H 112 -24.26 -27.42 21.15
CA MET H 112 -25.37 -27.64 20.23
C MET H 112 -25.49 -29.11 19.83
N PRO H 113 -24.43 -29.81 19.40
CA PRO H 113 -24.60 -31.24 19.08
C PRO H 113 -24.82 -32.12 20.29
N PHE H 114 -24.30 -31.72 21.46
CA PHE H 114 -24.50 -32.53 22.66
C PHE H 114 -25.94 -32.42 23.16
N LEU H 115 -26.53 -31.23 23.08
CA LEU H 115 -27.91 -31.05 23.50
C LEU H 115 -28.88 -31.64 22.48
N ILE H 116 -28.70 -31.30 21.20
CA ILE H 116 -29.54 -31.88 20.15
C ILE H 116 -29.36 -33.39 20.10
N GLY H 117 -28.14 -33.87 20.35
CA GLY H 117 -27.92 -35.30 20.42
C GLY H 117 -28.70 -35.94 21.54
N LEU H 118 -28.73 -35.31 22.72
CA LEU H 118 -29.59 -35.77 23.79
C LEU H 118 -31.07 -35.52 23.48
N ILE H 119 -31.36 -34.67 22.52
CA ILE H 119 -32.74 -34.45 22.08
C ILE H 119 -33.12 -35.42 20.96
N ASN H 120 -32.21 -35.63 20.00
CA ASN H 120 -32.47 -36.53 18.88
C ASN H 120 -32.51 -38.00 19.28
N VAL H 121 -32.50 -38.31 20.58
CA VAL H 121 -32.48 -39.69 21.05
C VAL H 121 -33.55 -39.87 22.13
N VAL H 122 -33.58 -38.95 23.09
CA VAL H 122 -34.48 -39.11 24.24
C VAL H 122 -35.87 -38.57 23.91
N VAL H 123 -35.94 -37.46 23.18
CA VAL H 123 -37.25 -36.86 22.89
C VAL H 123 -38.14 -37.77 22.05
N PRO H 124 -37.68 -38.35 20.93
CA PRO H 124 -38.57 -39.21 20.14
C PRO H 124 -38.98 -40.49 20.86
N LEU H 125 -38.28 -40.90 21.91
CA LEU H 125 -38.69 -42.07 22.68
C LEU H 125 -39.70 -41.73 23.77
N GLN H 126 -39.52 -40.58 24.45
CA GLN H 126 -40.46 -40.20 25.50
C GLN H 126 -41.81 -39.77 24.95
N ILE H 127 -41.95 -39.62 23.62
CA ILE H 127 -43.24 -39.30 23.02
C ILE H 127 -43.93 -40.52 22.43
N GLY H 128 -43.23 -41.65 22.32
CA GLY H 128 -43.80 -42.88 21.80
C GLY H 128 -43.77 -43.00 20.29
N ALA H 129 -43.35 -41.97 19.57
CA ALA H 129 -43.33 -42.02 18.12
C ALA H 129 -42.16 -42.87 17.63
N ARG H 130 -42.20 -43.22 16.34
CA ARG H 130 -41.12 -43.96 15.70
C ARG H 130 -39.87 -43.11 15.60
N ASP H 131 -39.77 -42.32 14.52
CA ASP H 131 -38.65 -41.40 14.34
C ASP H 131 -39.10 -39.96 14.52
N VAL H 132 -38.60 -39.06 13.66
CA VAL H 132 -38.99 -37.66 13.73
C VAL H 132 -39.91 -37.34 12.56
N ALA H 133 -40.21 -36.05 12.37
CA ALA H 133 -41.12 -35.64 11.31
C ALA H 133 -40.56 -35.94 9.93
N PHE H 134 -39.34 -35.48 9.66
CA PHE H 134 -38.67 -35.69 8.38
C PHE H 134 -37.31 -36.34 8.64
N PRO H 135 -37.29 -37.66 8.89
CA PRO H 135 -36.00 -38.33 9.15
C PRO H 135 -35.05 -38.28 7.97
N TYR H 136 -35.50 -37.84 6.79
CA TYR H 136 -34.60 -37.65 5.66
C TYR H 136 -33.87 -36.31 5.76
N LEU H 137 -34.59 -35.23 6.08
CA LEU H 137 -33.95 -33.95 6.27
C LEU H 137 -33.13 -33.92 7.56
N ASN H 138 -33.51 -34.74 8.55
CA ASN H 138 -32.73 -34.84 9.77
C ASN H 138 -31.41 -35.57 9.55
N ASN H 139 -31.31 -36.37 8.49
CA ASN H 139 -30.04 -37.03 8.17
C ASN H 139 -28.99 -36.02 7.75
N LEU H 140 -29.31 -35.17 6.78
CA LEU H 140 -28.36 -34.14 6.36
C LEU H 140 -28.14 -33.11 7.46
N SER H 141 -29.11 -32.95 8.37
CA SER H 141 -28.96 -32.00 9.47
C SER H 141 -27.74 -32.32 10.34
N PHE H 142 -27.30 -33.57 10.36
CA PHE H 142 -26.06 -33.91 11.06
C PHE H 142 -24.83 -33.58 10.21
N TRP H 143 -24.82 -34.06 8.97
CA TRP H 143 -23.67 -33.80 8.10
C TRP H 143 -23.55 -32.32 7.74
N THR H 144 -24.66 -31.60 7.67
CA THR H 144 -24.59 -30.16 7.43
C THR H 144 -23.85 -29.45 8.55
N PHE H 145 -23.95 -29.96 9.78
CA PHE H 145 -23.12 -29.44 10.86
C PHE H 145 -21.71 -30.02 10.81
N PHE H 146 -21.59 -31.29 10.41
CA PHE H 146 -20.28 -31.94 10.45
C PHE H 146 -19.33 -31.35 9.42
N VAL H 147 -19.83 -31.05 8.21
CA VAL H 147 -18.98 -30.38 7.23
C VAL H 147 -18.69 -28.95 7.67
N GLY H 148 -19.59 -28.34 8.45
CA GLY H 148 -19.30 -27.06 9.05
C GLY H 148 -18.34 -27.18 10.21
N ALA H 149 -18.30 -28.35 10.85
CA ALA H 149 -17.32 -28.59 11.91
C ALA H 149 -15.96 -28.93 11.32
N MET H 150 -15.92 -29.77 10.29
CA MET H 150 -14.66 -30.05 9.61
C MET H 150 -14.10 -28.81 8.94
N LEU H 151 -14.97 -27.92 8.45
CA LEU H 151 -14.51 -26.65 7.91
C LEU H 151 -13.82 -25.82 8.99
N PHE H 152 -14.48 -25.66 10.14
CA PHE H 152 -13.90 -24.87 11.21
C PHE H 152 -12.71 -25.56 11.87
N ASN H 153 -12.61 -26.88 11.75
CA ASN H 153 -11.46 -27.59 12.32
C ASN H 153 -10.28 -27.63 11.36
N ILE H 154 -10.52 -27.59 10.05
CA ILE H 154 -9.43 -27.58 9.09
C ILE H 154 -8.72 -26.23 9.02
N SER H 155 -9.26 -25.21 9.70
CA SER H 155 -8.58 -23.93 9.86
C SER H 155 -7.32 -24.01 10.72
N PHE H 156 -6.94 -25.22 11.13
CA PHE H 156 -5.84 -25.40 12.06
C PHE H 156 -4.50 -25.09 11.39
N VAL H 157 -4.12 -25.88 10.39
CA VAL H 157 -2.87 -25.65 9.69
C VAL H 157 -3.07 -25.39 8.20
N ILE H 158 -4.19 -25.81 7.61
CA ILE H 158 -4.41 -25.57 6.19
C ILE H 158 -4.52 -24.07 5.90
N GLY H 159 -5.23 -23.35 6.76
CA GLY H 159 -5.37 -21.92 6.60
C GLY H 159 -4.93 -21.15 7.83
N GLY H 160 -5.90 -20.68 8.61
CA GLY H 160 -5.60 -19.95 9.82
C GLY H 160 -6.83 -19.76 10.69
N SER H 161 -6.74 -20.11 11.96
CA SER H 161 -7.87 -19.95 12.85
C SER H 161 -8.18 -18.47 13.05
N PRO H 162 -9.45 -18.10 13.17
CA PRO H 162 -9.79 -16.69 13.39
C PRO H 162 -9.28 -16.20 14.73
N ASN H 163 -9.03 -14.91 14.82
CA ASN H 163 -8.50 -14.27 16.02
C ASN H 163 -9.28 -13.02 16.36
N ALA H 164 -10.61 -13.09 16.27
CA ALA H 164 -11.47 -11.97 16.60
C ALA H 164 -12.50 -12.32 17.68
N GLY H 165 -12.37 -13.49 18.30
CA GLY H 165 -13.32 -13.94 19.29
C GLY H 165 -14.53 -14.62 18.67
N TRP H 166 -15.29 -15.30 19.53
CA TRP H 166 -16.50 -15.97 19.06
C TRP H 166 -17.54 -14.96 18.57
N THR H 167 -17.51 -13.74 19.12
CA THR H 167 -18.34 -12.66 18.60
C THR H 167 -17.84 -12.19 17.25
N SER H 168 -16.57 -11.80 17.17
CA SER H 168 -15.90 -11.37 15.95
C SER H 168 -16.62 -10.16 15.35
N TYR H 169 -16.42 -9.02 16.00
CA TYR H 169 -16.97 -7.76 15.51
C TYR H 169 -16.37 -7.41 14.15
N MET H 170 -17.11 -6.60 13.39
CA MET H 170 -16.69 -6.28 12.03
C MET H 170 -15.47 -5.37 11.97
N PRO H 171 -15.40 -4.25 12.71
CA PRO H 171 -14.24 -3.35 12.55
C PRO H 171 -12.89 -4.01 12.78
N LEU H 172 -12.86 -5.24 13.30
CA LEU H 172 -11.64 -6.02 13.45
C LEU H 172 -11.85 -7.41 12.85
N ALA H 173 -12.30 -7.46 11.59
CA ALA H 173 -12.61 -8.74 10.96
C ALA H 173 -12.31 -8.77 9.47
N SER H 174 -12.33 -7.60 8.81
CA SER H 174 -12.12 -7.57 7.37
C SER H 174 -10.66 -7.28 7.03
N ASN H 175 -10.36 -6.02 6.68
CA ASN H 175 -9.00 -5.63 6.35
C ASN H 175 -8.20 -5.24 7.58
N ASP H 176 -8.87 -4.72 8.62
CA ASP H 176 -8.19 -4.42 9.87
C ASP H 176 -7.70 -5.70 10.55
N MET H 177 -8.40 -6.81 10.36
CA MET H 177 -7.94 -8.10 10.85
C MET H 177 -6.69 -8.52 10.09
N SER H 178 -6.88 -8.87 8.80
CA SER H 178 -5.92 -9.10 7.71
C SER H 178 -5.81 -10.55 7.24
N PRO H 179 -5.82 -11.56 8.11
CA PRO H 179 -5.76 -12.95 7.60
C PRO H 179 -6.95 -13.26 6.72
N GLY H 180 -6.65 -13.68 5.49
CA GLY H 180 -7.67 -14.05 4.53
C GLY H 180 -8.45 -15.27 4.98
N PRO H 181 -7.79 -16.43 5.03
CA PRO H 181 -8.48 -17.64 5.48
C PRO H 181 -8.64 -17.70 6.98
N GLY H 182 -9.00 -16.59 7.61
CA GLY H 182 -9.20 -16.56 9.05
C GLY H 182 -10.66 -16.45 9.43
N GLU H 183 -11.24 -15.28 9.22
CA GLU H 183 -12.67 -15.07 9.49
C GLU H 183 -13.56 -15.84 8.51
N ASN H 184 -13.03 -16.20 7.34
CA ASN H 184 -13.84 -16.92 6.36
C ASN H 184 -14.27 -18.28 6.90
N TYR H 185 -13.39 -18.95 7.65
CA TYR H 185 -13.77 -20.21 8.28
C TYR H 185 -14.89 -20.01 9.30
N TYR H 186 -14.82 -18.93 10.08
CA TYR H 186 -15.89 -18.63 11.01
C TYR H 186 -17.19 -18.30 10.29
N LEU H 187 -17.11 -17.71 9.10
CA LEU H 187 -18.31 -17.35 8.35
C LEU H 187 -18.91 -18.56 7.67
N LEU H 188 -18.12 -19.27 6.88
CA LEU H 188 -18.63 -20.44 6.17
C LEU H 188 -18.78 -21.66 7.07
N GLY H 189 -18.09 -21.70 8.20
CA GLY H 189 -18.23 -22.83 9.11
C GLY H 189 -19.57 -22.82 9.82
N LEU H 190 -19.98 -21.66 10.33
CA LEU H 190 -21.27 -21.57 11.02
C LEU H 190 -22.43 -21.40 10.05
N GLN H 191 -22.18 -20.86 8.85
CA GLN H 191 -23.25 -20.68 7.89
C GLN H 191 -23.83 -22.03 7.44
N ILE H 192 -22.97 -23.03 7.27
CA ILE H 192 -23.45 -24.36 6.92
C ILE H 192 -24.13 -24.99 8.11
N ALA H 193 -23.47 -24.95 9.28
CA ALA H 193 -24.08 -25.51 10.49
C ALA H 193 -25.37 -24.79 10.86
N GLY H 194 -25.53 -23.54 10.45
CA GLY H 194 -26.78 -22.84 10.69
C GLY H 194 -27.95 -23.41 9.92
N ILE H 195 -27.69 -23.95 8.73
CA ILE H 195 -28.75 -24.61 7.97
C ILE H 195 -29.14 -25.93 8.62
N GLY H 196 -28.15 -26.70 9.06
CA GLY H 196 -28.45 -27.96 9.72
C GLY H 196 -29.18 -27.77 11.04
N THR H 197 -28.80 -26.74 11.80
CA THR H 197 -29.48 -26.48 13.07
C THR H 197 -30.89 -25.94 12.86
N LEU H 198 -31.09 -25.13 11.81
CA LEU H 198 -32.43 -24.61 11.54
C LEU H 198 -33.40 -25.74 11.19
N MET H 199 -32.95 -26.72 10.39
CA MET H 199 -33.80 -27.85 10.06
C MET H 199 -34.02 -28.77 11.25
N THR H 200 -33.07 -28.81 12.19
CA THR H 200 -33.26 -29.57 13.41
C THR H 200 -34.41 -29.01 14.25
N GLY H 201 -34.56 -27.69 14.24
CA GLY H 201 -35.69 -27.07 14.94
C GLY H 201 -37.00 -27.19 14.22
N ILE H 202 -36.99 -27.38 12.90
CA ILE H 202 -38.23 -27.55 12.15
C ILE H 202 -38.71 -29.00 12.24
N ASN H 203 -37.77 -29.95 12.25
CA ASN H 203 -38.14 -31.36 12.35
C ASN H 203 -38.84 -31.65 13.67
N PHE H 204 -38.24 -31.21 14.78
CA PHE H 204 -38.80 -31.52 16.09
C PHE H 204 -40.00 -30.63 16.45
N MET H 205 -40.16 -29.48 15.78
CA MET H 205 -41.34 -28.67 16.01
C MET H 205 -42.58 -29.34 15.44
N VAL H 206 -42.42 -30.16 14.41
CA VAL H 206 -43.54 -30.91 13.87
C VAL H 206 -43.60 -32.32 14.46
N THR H 207 -42.45 -32.87 14.86
CA THR H 207 -42.43 -34.19 15.49
C THR H 207 -43.20 -34.18 16.81
N ILE H 208 -43.08 -33.09 17.57
CA ILE H 208 -43.75 -32.99 18.86
C ILE H 208 -45.15 -32.42 18.77
N LEU H 209 -45.58 -31.98 17.58
CA LEU H 209 -46.91 -31.38 17.42
C LEU H 209 -47.90 -32.27 16.69
N LYS H 210 -47.44 -33.13 15.77
CA LYS H 210 -48.36 -33.94 14.97
C LYS H 210 -48.00 -35.43 15.00
N MET H 211 -47.03 -35.83 15.82
CA MET H 211 -46.59 -37.23 15.85
C MET H 211 -46.67 -37.83 17.24
N ARG H 212 -47.38 -37.19 18.17
CA ARG H 212 -47.54 -37.76 19.50
C ARG H 212 -48.47 -38.97 19.44
N THR H 213 -48.35 -39.83 20.46
CA THR H 213 -49.18 -41.01 20.56
C THR H 213 -50.54 -40.66 21.14
N LYS H 214 -51.49 -41.59 21.00
CA LYS H 214 -52.82 -41.39 21.55
C LYS H 214 -52.76 -41.33 23.08
N GLY H 215 -53.44 -40.36 23.66
CA GLY H 215 -53.49 -40.17 25.09
C GLY H 215 -52.50 -39.15 25.62
N MET H 216 -51.39 -38.93 24.91
CA MET H 216 -50.40 -37.96 25.32
C MET H 216 -50.95 -36.55 25.18
N THR H 217 -51.50 -36.00 26.26
CA THR H 217 -52.06 -34.67 26.24
C THR H 217 -50.97 -33.62 26.04
N LEU H 218 -51.38 -32.43 25.60
CA LEU H 218 -50.41 -31.39 25.28
C LEU H 218 -49.80 -30.79 26.53
N MET H 219 -50.62 -30.58 27.58
CA MET H 219 -50.12 -29.95 28.78
C MET H 219 -49.20 -30.85 29.60
N ARG H 220 -49.22 -32.16 29.34
CA ARG H 220 -48.45 -33.13 30.13
C ARG H 220 -47.78 -34.10 29.15
N MET H 221 -46.47 -33.93 28.93
CA MET H 221 -45.80 -34.80 27.97
C MET H 221 -44.31 -35.06 28.20
N PRO H 222 -43.71 -34.79 29.38
CA PRO H 222 -44.06 -34.12 30.63
C PRO H 222 -43.57 -32.66 30.70
N MET H 223 -42.25 -32.46 30.77
CA MET H 223 -41.70 -31.10 30.86
C MET H 223 -40.39 -31.00 30.09
N PHE H 224 -39.56 -32.05 30.12
CA PHE H 224 -38.34 -32.04 29.33
C PHE H 224 -38.65 -31.93 27.85
N THR H 225 -39.64 -32.70 27.38
CA THR H 225 -40.09 -32.56 25.99
C THR H 225 -40.74 -31.21 25.74
N TRP H 226 -41.24 -30.55 26.80
CA TRP H 226 -41.75 -29.19 26.64
C TRP H 226 -40.61 -28.20 26.42
N THR H 227 -39.50 -28.38 27.14
CA THR H 227 -38.33 -27.53 26.91
C THR H 227 -37.78 -27.72 25.51
N THR H 228 -37.78 -28.97 25.03
CA THR H 228 -37.37 -29.24 23.65
C THR H 228 -38.31 -28.53 22.66
N LEU H 229 -39.60 -28.50 22.97
CA LEU H 229 -40.54 -27.76 22.13
C LEU H 229 -40.18 -26.28 22.09
N ILE H 230 -39.87 -25.70 23.25
CA ILE H 230 -39.46 -24.29 23.29
C ILE H 230 -38.07 -24.14 22.69
N THR H 231 -37.23 -25.16 22.80
CA THR H 231 -35.90 -25.12 22.20
C THR H 231 -36.00 -24.99 20.69
N MET H 232 -36.86 -25.79 20.07
CA MET H 232 -36.98 -25.78 18.61
C MET H 232 -37.87 -24.65 18.09
N VAL H 233 -38.54 -23.91 18.97
CA VAL H 233 -39.30 -22.76 18.53
C VAL H 233 -38.38 -21.56 18.33
N ILE H 234 -37.41 -21.38 19.23
CA ILE H 234 -36.48 -20.26 19.09
C ILE H 234 -35.54 -20.48 17.91
N ILE H 235 -35.19 -21.73 17.62
CA ILE H 235 -34.31 -22.02 16.49
C ILE H 235 -34.95 -21.56 15.18
N VAL H 236 -36.26 -21.79 15.04
CA VAL H 236 -36.94 -21.41 13.80
C VAL H 236 -36.94 -19.90 13.61
N PHE H 237 -37.05 -19.13 14.70
CA PHE H 237 -37.15 -17.69 14.64
C PHE H 237 -35.89 -16.95 15.05
N ALA H 238 -34.87 -17.66 15.57
CA ALA H 238 -33.60 -17.04 15.95
C ALA H 238 -32.46 -17.88 15.40
N PHE H 239 -32.36 -17.94 14.08
CA PHE H 239 -31.30 -18.61 13.33
C PHE H 239 -31.32 -18.14 11.88
N PRO H 240 -32.49 -17.88 11.27
CA PRO H 240 -32.48 -17.11 10.03
C PRO H 240 -31.80 -15.77 10.16
N VAL H 241 -31.82 -15.16 11.36
CA VAL H 241 -31.04 -13.96 11.60
C VAL H 241 -29.56 -14.24 11.43
N LEU H 242 -29.07 -15.30 12.10
CA LEU H 242 -27.67 -15.68 11.94
C LEU H 242 -27.37 -16.11 10.51
N THR H 243 -28.37 -16.63 9.80
CA THR H 243 -28.15 -17.06 8.42
C THR H 243 -27.81 -15.88 7.53
N VAL H 244 -28.42 -14.72 7.77
CA VAL H 244 -28.09 -13.53 6.97
C VAL H 244 -27.03 -12.68 7.65
N ALA H 245 -26.93 -12.72 8.98
CA ALA H 245 -25.89 -11.95 9.67
C ALA H 245 -24.51 -12.38 9.21
N LEU H 246 -24.31 -13.68 8.98
CA LEU H 246 -23.06 -14.15 8.39
C LEU H 246 -23.02 -13.95 6.88
N ALA H 247 -24.17 -14.07 6.21
CA ALA H 247 -24.21 -13.85 4.77
C ALA H 247 -23.86 -12.41 4.42
N LEU H 248 -24.33 -11.46 5.22
CA LEU H 248 -23.91 -10.07 5.03
C LEU H 248 -22.41 -9.91 5.28
N LEU H 249 -21.91 -10.53 6.36
CA LEU H 249 -20.48 -10.45 6.65
C LEU H 249 -19.66 -11.22 5.62
N SER H 250 -20.18 -12.31 5.09
CA SER H 250 -19.47 -13.06 4.04
C SER H 250 -19.38 -12.27 2.75
N PHE H 251 -20.35 -11.37 2.49
CA PHE H 251 -20.28 -10.54 1.31
C PHE H 251 -19.25 -9.43 1.46
N ASP H 252 -19.07 -8.91 2.68
CA ASP H 252 -18.06 -7.87 2.91
C ASP H 252 -16.66 -8.39 2.69
N ARG H 253 -16.37 -9.61 3.17
CA ARG H 253 -15.03 -10.15 3.06
C ARG H 253 -14.68 -10.52 1.62
N LEU H 254 -15.56 -11.27 0.96
CA LEU H 254 -15.22 -11.82 -0.36
C LEU H 254 -15.74 -10.97 -1.50
N PHE H 255 -17.05 -10.94 -1.67
CA PHE H 255 -17.67 -10.28 -2.82
C PHE H 255 -17.62 -8.75 -2.76
N GLY H 256 -16.93 -8.15 -1.80
CA GLY H 256 -16.77 -6.70 -1.77
C GLY H 256 -18.04 -5.94 -1.46
N ALA H 257 -18.66 -6.23 -0.32
CA ALA H 257 -19.82 -5.50 0.15
C ALA H 257 -19.40 -4.51 1.23
N HIS H 258 -20.25 -3.51 1.46
CA HIS H 258 -19.97 -2.45 2.41
C HIS H 258 -21.13 -2.30 3.39
N PHE H 259 -21.55 -3.43 3.98
CA PHE H 259 -22.60 -3.36 5.00
C PHE H 259 -22.08 -2.74 6.29
N PHE H 260 -20.89 -3.16 6.72
CA PHE H 260 -20.32 -2.65 7.96
C PHE H 260 -18.85 -2.27 7.80
N THR H 261 -18.39 -2.08 6.56
CA THR H 261 -17.00 -1.69 6.33
C THR H 261 -16.79 -0.24 6.74
N LEU H 262 -15.61 0.02 7.32
CA LEU H 262 -15.32 1.37 7.80
C LEU H 262 -15.07 2.33 6.64
N GLU H 263 -14.60 1.82 5.51
CA GLU H 263 -14.19 2.66 4.39
C GLU H 263 -15.38 3.39 3.76
N ALA H 264 -16.30 2.63 3.15
CA ALA H 264 -17.41 3.23 2.43
C ALA H 264 -18.43 3.91 3.35
N GLY H 265 -18.21 3.91 4.66
CA GLY H 265 -19.11 4.59 5.58
C GLY H 265 -20.15 3.71 6.23
N GLY H 266 -20.21 2.42 5.87
CA GLY H 266 -21.21 1.55 6.46
C GLY H 266 -21.11 1.50 7.98
N MET H 267 -22.25 1.25 8.62
CA MET H 267 -22.36 1.19 10.07
C MET H 267 -21.54 0.03 10.62
N PRO H 268 -20.48 0.30 11.40
CA PRO H 268 -19.73 -0.81 12.00
C PRO H 268 -20.51 -1.55 13.08
N MET H 269 -21.43 -0.87 13.77
CA MET H 269 -22.22 -1.46 14.83
C MET H 269 -23.47 -2.18 14.33
N LEU H 270 -23.78 -2.07 13.03
CA LEU H 270 -24.98 -2.71 12.52
C LEU H 270 -24.86 -4.24 12.57
N TRP H 271 -23.65 -4.77 12.39
CA TRP H 271 -23.47 -6.22 12.50
C TRP H 271 -23.58 -6.70 13.94
N ALA H 272 -23.41 -5.80 14.92
CA ALA H 272 -23.46 -6.22 16.31
C ALA H 272 -24.88 -6.60 16.73
N ASN H 273 -25.87 -5.81 16.35
CA ASN H 273 -27.24 -6.12 16.76
C ASN H 273 -27.79 -7.33 16.03
N LEU H 274 -27.37 -7.55 14.79
CA LEU H 274 -27.83 -8.74 14.06
C LEU H 274 -27.29 -10.01 14.69
N PHE H 275 -26.04 -9.97 15.18
CA PHE H 275 -25.48 -11.15 15.82
C PHE H 275 -26.13 -11.42 17.18
N TRP H 276 -26.51 -10.37 17.91
CA TRP H 276 -27.10 -10.55 19.22
C TRP H 276 -28.61 -10.75 19.18
N ILE H 277 -29.28 -10.27 18.13
CA ILE H 277 -30.67 -10.69 17.91
C ILE H 277 -30.75 -12.20 17.80
N TRP H 278 -29.72 -12.82 17.23
CA TRP H 278 -29.57 -14.27 17.27
C TRP H 278 -28.86 -14.76 18.52
N GLY H 279 -27.97 -13.96 19.08
CA GLY H 279 -27.11 -14.39 20.17
C GLY H 279 -27.84 -14.84 21.42
N HIS H 280 -28.55 -13.92 22.07
CA HIS H 280 -29.19 -14.23 23.34
C HIS H 280 -30.36 -15.20 23.19
N PRO H 281 -31.19 -15.10 22.14
CA PRO H 281 -32.18 -16.16 21.92
C PRO H 281 -31.57 -17.53 21.73
N GLU H 282 -30.44 -17.63 21.01
CA GLU H 282 -29.75 -18.90 20.93
C GLU H 282 -29.12 -19.26 22.27
N VAL H 283 -28.81 -18.26 23.09
CA VAL H 283 -28.24 -18.53 24.42
C VAL H 283 -29.22 -19.32 25.28
N TYR H 284 -30.53 -19.14 25.07
CA TYR H 284 -31.53 -19.94 25.75
C TYR H 284 -31.73 -21.31 25.10
N ILE H 285 -31.43 -21.43 23.81
CA ILE H 285 -31.48 -22.73 23.15
C ILE H 285 -30.43 -23.67 23.74
N VAL H 286 -29.38 -23.13 24.36
CA VAL H 286 -28.39 -23.97 25.03
C VAL H 286 -28.76 -24.25 26.49
N ILE H 287 -29.69 -23.50 27.06
CA ILE H 287 -30.10 -23.71 28.44
C ILE H 287 -31.50 -24.32 28.55
N LEU H 288 -32.31 -24.28 27.49
CA LEU H 288 -33.65 -24.84 27.57
C LEU H 288 -33.62 -26.37 27.71
N PRO H 289 -32.95 -27.13 26.85
CA PRO H 289 -32.88 -28.58 27.09
C PRO H 289 -32.06 -28.92 28.31
N ALA H 290 -31.09 -28.07 28.68
CA ALA H 290 -30.36 -28.26 29.92
C ALA H 290 -31.30 -28.22 31.11
N PHE H 291 -32.31 -27.34 31.07
CA PHE H 291 -33.34 -27.34 32.09
C PHE H 291 -34.22 -28.57 31.98
N GLY H 292 -34.52 -29.01 30.75
CA GLY H 292 -35.36 -30.18 30.58
C GLY H 292 -34.69 -31.47 31.02
N ILE H 293 -33.43 -31.66 30.60
CA ILE H 293 -32.70 -32.86 31.01
C ILE H 293 -32.57 -32.90 32.53
N PHE H 294 -32.33 -31.74 33.14
CA PHE H 294 -32.30 -31.67 34.60
C PHE H 294 -33.68 -31.70 35.22
N SER H 295 -34.73 -31.42 34.45
CA SER H 295 -36.08 -31.49 34.99
C SER H 295 -36.50 -32.93 35.24
N GLU H 296 -36.09 -33.84 34.34
CA GLU H 296 -36.45 -35.25 34.52
C GLU H 296 -35.58 -35.91 35.57
N ILE H 297 -34.25 -35.73 35.48
CA ILE H 297 -33.34 -36.44 36.38
C ILE H 297 -33.58 -36.04 37.83
N ILE H 298 -33.88 -34.75 38.07
CA ILE H 298 -34.20 -34.30 39.42
C ILE H 298 -35.57 -34.75 39.84
N SER H 299 -36.41 -35.22 38.91
CA SER H 299 -37.75 -35.69 39.21
C SER H 299 -37.92 -37.18 38.90
N SER H 300 -36.90 -37.86 38.41
CA SER H 300 -36.98 -39.30 38.12
C SER H 300 -36.39 -40.13 39.25
N PHE H 301 -35.14 -39.85 39.64
CA PHE H 301 -34.53 -40.53 40.77
C PHE H 301 -35.05 -40.01 42.11
N ALA H 302 -35.75 -38.87 42.12
CA ALA H 302 -36.39 -38.39 43.34
C ALA H 302 -37.76 -39.00 43.55
N ARG H 303 -38.34 -39.62 42.51
CA ARG H 303 -39.61 -40.34 42.60
C ARG H 303 -40.74 -39.43 43.07
N LYS H 304 -40.81 -38.23 42.49
CA LYS H 304 -41.85 -37.27 42.79
C LYS H 304 -42.38 -36.68 41.49
N GLN H 305 -43.37 -35.80 41.60
CA GLN H 305 -43.97 -35.14 40.45
C GLN H 305 -43.50 -33.69 40.40
N LEU H 306 -43.21 -33.22 39.19
CA LEU H 306 -42.83 -31.83 38.99
C LEU H 306 -43.95 -30.90 39.40
N PHE H 307 -44.01 -30.55 40.69
CA PHE H 307 -45.09 -29.72 41.21
C PHE H 307 -45.00 -28.33 40.61
N GLY H 308 -45.94 -28.01 39.72
CA GLY H 308 -45.94 -26.74 39.03
C GLY H 308 -45.93 -26.88 37.52
N TYR H 309 -47.05 -26.60 36.90
CA TYR H 309 -47.19 -26.61 35.45
C TYR H 309 -47.87 -25.37 34.92
N LYS H 310 -48.88 -24.86 35.61
CA LYS H 310 -49.48 -23.58 35.25
C LYS H 310 -48.55 -22.41 35.51
N ALA H 311 -47.45 -22.64 36.24
CA ALA H 311 -46.46 -21.60 36.49
C ALA H 311 -45.04 -22.01 36.12
N MET H 312 -44.85 -23.23 35.62
CA MET H 312 -43.55 -23.67 35.12
C MET H 312 -43.54 -23.81 33.60
N VAL H 313 -44.53 -24.52 33.03
CA VAL H 313 -44.69 -24.51 31.59
C VAL H 313 -45.22 -23.15 31.14
N GLY H 314 -46.05 -22.52 31.96
CA GLY H 314 -46.41 -21.13 31.69
C GLY H 314 -45.23 -20.21 31.78
N SER H 315 -44.21 -20.59 32.55
CA SER H 315 -42.97 -19.85 32.62
C SER H 315 -42.00 -20.21 31.49
N ILE H 316 -42.16 -21.39 30.90
CA ILE H 316 -41.31 -21.77 29.77
C ILE H 316 -41.74 -21.07 28.48
N ILE H 317 -42.97 -20.55 28.43
CA ILE H 317 -43.40 -19.75 27.30
C ILE H 317 -43.03 -18.28 27.47
N ALA H 318 -42.85 -17.81 28.70
CA ALA H 318 -42.47 -16.42 28.93
C ALA H 318 -41.10 -16.12 28.33
N ILE H 319 -40.09 -16.88 28.72
CA ILE H 319 -38.74 -16.68 28.17
C ILE H 319 -38.67 -17.04 26.68
N SER H 320 -39.70 -17.67 26.12
CA SER H 320 -39.71 -17.98 24.71
C SER H 320 -40.03 -16.76 23.86
N VAL H 321 -40.86 -15.86 24.36
CA VAL H 321 -41.24 -14.65 23.62
C VAL H 321 -40.44 -13.48 24.14
N LEU H 322 -40.10 -13.50 25.43
CA LEU H 322 -39.33 -12.42 26.06
C LEU H 322 -37.83 -12.55 25.81
N SER H 323 -37.41 -13.48 24.95
CA SER H 323 -36.00 -13.60 24.59
C SER H 323 -35.60 -12.67 23.45
N PHE H 324 -36.57 -12.09 22.74
CA PHE H 324 -36.30 -11.16 21.66
C PHE H 324 -36.53 -9.72 22.06
N LEU H 325 -36.83 -9.46 23.34
CA LEU H 325 -37.00 -8.11 23.86
C LEU H 325 -35.92 -7.78 24.88
N VAL H 326 -34.75 -8.41 24.76
CA VAL H 326 -33.74 -8.36 25.79
C VAL H 326 -32.35 -8.42 25.16
N TRP H 327 -32.29 -8.79 23.88
CA TRP H 327 -31.02 -9.00 23.20
C TRP H 327 -30.12 -7.76 23.19
N THR H 328 -30.68 -6.58 23.45
CA THR H 328 -29.89 -5.35 23.48
C THR H 328 -29.23 -5.11 24.84
N HIS H 329 -28.97 -6.17 25.61
CA HIS H 329 -28.27 -6.04 26.88
C HIS H 329 -26.78 -6.30 26.77
N HIS H 330 -26.34 -6.94 25.68
CA HIS H 330 -24.91 -7.11 25.43
C HIS H 330 -24.24 -5.82 24.98
N PHE H 331 -25.00 -4.78 24.66
CA PHE H 331 -24.44 -3.50 24.24
C PHE H 331 -24.21 -2.61 25.46
N PHE H 332 -25.13 -1.67 25.70
CA PHE H 332 -25.10 -0.77 26.84
C PHE H 332 -23.90 0.16 26.86
N THR H 333 -22.70 -0.37 26.55
CA THR H 333 -21.47 0.40 26.70
C THR H 333 -21.23 1.33 25.52
N MET H 334 -22.01 1.21 24.45
CA MET H 334 -21.75 1.98 23.25
C MET H 334 -22.62 3.24 23.19
N GLY H 335 -23.12 3.71 24.33
CA GLY H 335 -23.82 4.97 24.27
C GLY H 335 -25.10 4.99 23.46
N ASN H 336 -26.12 4.34 23.98
CA ASN H 336 -27.38 4.33 23.27
C ASN H 336 -28.24 5.52 23.72
N SER H 337 -29.55 5.46 23.47
CA SER H 337 -30.43 6.59 23.71
C SER H 337 -30.93 6.65 25.15
N ALA H 338 -30.12 6.18 26.10
CA ALA H 338 -30.43 6.23 27.52
C ALA H 338 -31.73 5.51 27.86
N SER H 339 -32.86 6.04 27.37
CA SER H 339 -34.14 5.39 27.62
C SER H 339 -34.17 3.97 27.07
N VAL H 340 -33.54 3.74 25.92
CA VAL H 340 -33.47 2.39 25.36
C VAL H 340 -32.46 1.54 26.12
N ASN H 341 -31.55 2.15 26.86
CA ASN H 341 -30.65 1.40 27.73
C ASN H 341 -31.29 1.04 29.06
N SER H 342 -32.40 1.71 29.41
CA SER H 342 -33.19 1.34 30.58
C SER H 342 -34.35 0.43 30.23
N PHE H 343 -34.84 0.50 28.99
CA PHE H 343 -35.90 -0.40 28.54
C PHE H 343 -35.42 -1.86 28.61
N PHE H 344 -34.29 -2.16 27.97
CA PHE H 344 -33.74 -3.50 28.01
C PHE H 344 -33.05 -3.83 29.32
N SER H 345 -32.84 -2.85 30.19
CA SER H 345 -32.33 -3.15 31.53
C SER H 345 -33.45 -3.59 32.45
N ILE H 346 -34.60 -2.91 32.40
CA ILE H 346 -35.76 -3.35 33.14
C ILE H 346 -36.30 -4.66 32.56
N THR H 347 -36.28 -4.78 31.23
CA THR H 347 -36.82 -5.98 30.59
C THR H 347 -36.00 -7.21 30.94
N THR H 348 -34.67 -7.06 31.03
CA THR H 348 -33.83 -8.20 31.39
C THR H 348 -34.13 -8.69 32.80
N MET H 349 -34.54 -7.78 33.69
CA MET H 349 -34.97 -8.20 35.03
C MET H 349 -36.26 -9.01 34.96
N ALA H 350 -37.09 -8.78 33.95
CA ALA H 350 -38.32 -9.55 33.74
C ALA H 350 -38.07 -10.90 33.09
N ILE H 351 -36.81 -11.29 32.91
CA ILE H 351 -36.50 -12.62 32.40
C ILE H 351 -35.96 -13.54 33.49
N SER H 352 -35.32 -13.01 34.52
CA SER H 352 -34.84 -13.82 35.64
C SER H 352 -35.94 -14.22 36.60
N ILE H 353 -37.19 -13.82 36.33
CA ILE H 353 -38.32 -14.21 37.16
C ILE H 353 -38.97 -15.47 36.56
N PRO H 354 -39.24 -15.53 35.25
CA PRO H 354 -39.71 -16.81 34.69
C PRO H 354 -38.66 -17.91 34.78
N THR H 355 -37.37 -17.55 34.74
CA THR H 355 -36.33 -18.55 34.96
C THR H 355 -36.11 -18.81 36.44
N GLY H 356 -36.29 -17.79 37.29
CA GLY H 356 -36.04 -17.96 38.70
C GLY H 356 -37.02 -18.90 39.38
N VAL H 357 -38.28 -18.90 38.93
CA VAL H 357 -39.26 -19.80 39.51
C VAL H 357 -38.96 -21.25 39.14
N LYS H 358 -38.21 -21.48 38.08
CA LYS H 358 -37.89 -22.84 37.66
C LYS H 358 -36.81 -23.48 38.52
N ILE H 359 -36.08 -22.69 39.31
CA ILE H 359 -35.15 -23.28 40.28
C ILE H 359 -35.89 -23.66 41.55
N PHE H 360 -36.89 -22.87 41.94
CA PHE H 360 -37.73 -23.22 43.08
C PHE H 360 -38.67 -24.38 42.79
N ASN H 361 -38.69 -24.88 41.55
CA ASN H 361 -39.50 -26.02 41.22
C ASN H 361 -38.74 -27.34 41.31
N TRP H 362 -37.40 -27.29 41.37
CA TRP H 362 -36.61 -28.50 41.53
C TRP H 362 -36.32 -28.83 42.99
N LEU H 363 -36.33 -27.82 43.87
CA LEU H 363 -36.02 -28.06 45.28
C LEU H 363 -37.24 -28.56 46.05
N PHE H 364 -38.44 -28.18 45.61
CA PHE H 364 -39.66 -28.72 46.21
C PHE H 364 -40.16 -29.96 45.48
N THR H 365 -39.60 -30.26 44.31
CA THR H 365 -39.78 -31.58 43.70
C THR H 365 -38.77 -32.58 44.26
N MET H 366 -37.71 -32.09 44.90
CA MET H 366 -36.73 -32.95 45.54
C MET H 366 -37.00 -33.15 47.03
N TYR H 367 -37.83 -32.31 47.64
CA TYR H 367 -38.14 -32.40 49.05
C TYR H 367 -39.39 -33.25 49.29
N LYS H 368 -39.58 -33.62 50.57
CA LYS H 368 -40.65 -34.51 51.01
C LYS H 368 -40.49 -35.91 50.45
N GLY H 369 -40.12 -36.03 49.17
CA GLY H 369 -39.89 -37.31 48.58
C GLY H 369 -38.50 -37.85 48.87
N ARG H 370 -38.34 -39.15 48.64
CA ARG H 370 -37.07 -39.82 48.89
C ARG H 370 -36.09 -39.46 47.76
N ILE H 371 -34.84 -39.89 47.94
CA ILE H 371 -33.79 -39.56 46.98
C ILE H 371 -32.64 -40.55 47.17
N SER H 372 -31.87 -40.76 46.10
CA SER H 372 -30.69 -41.60 46.13
C SER H 372 -29.63 -40.95 45.27
N PHE H 373 -28.52 -40.55 45.88
CA PHE H 373 -27.48 -39.79 45.20
C PHE H 373 -26.67 -40.72 44.31
N THR H 374 -27.01 -40.75 43.03
CA THR H 374 -26.27 -41.49 42.02
C THR H 374 -25.47 -40.50 41.16
N THR H 375 -24.86 -41.01 40.09
CA THR H 375 -24.07 -40.14 39.23
C THR H 375 -24.94 -39.12 38.50
N PRO H 376 -26.04 -39.48 37.84
CA PRO H 376 -26.89 -38.44 37.23
C PRO H 376 -27.50 -37.50 38.24
N MET H 377 -27.68 -37.93 39.49
CA MET H 377 -28.19 -37.03 40.51
C MET H 377 -27.14 -36.00 40.92
N LEU H 378 -25.87 -36.41 41.00
CA LEU H 378 -24.83 -35.48 41.38
C LEU H 378 -24.70 -34.35 40.37
N TRP H 379 -24.87 -34.65 39.07
CA TRP H 379 -24.89 -33.60 38.07
C TRP H 379 -26.10 -32.69 38.27
N ALA H 380 -27.22 -33.25 38.75
CA ALA H 380 -28.38 -32.42 39.09
C ALA H 380 -28.25 -31.81 40.48
N LEU H 381 -27.52 -32.46 41.39
CA LEU H 381 -27.30 -31.88 42.70
C LEU H 381 -26.43 -30.63 42.60
N ALA H 382 -25.35 -30.69 41.83
CA ALA H 382 -24.48 -29.54 41.65
C ALA H 382 -25.07 -28.51 40.70
N PHE H 383 -26.07 -28.89 39.90
CA PHE H 383 -26.69 -27.94 38.97
C PHE H 383 -27.52 -26.90 39.71
N ILE H 384 -28.08 -27.25 40.85
CA ILE H 384 -28.95 -26.33 41.59
C ILE H 384 -28.16 -25.15 42.13
N PRO H 385 -27.04 -25.34 42.87
CA PRO H 385 -26.34 -24.17 43.41
C PRO H 385 -25.50 -23.45 42.38
N ASN H 386 -24.72 -24.22 41.62
CA ASN H 386 -23.74 -23.62 40.70
C ASN H 386 -24.42 -22.74 39.66
N PHE H 387 -25.60 -23.14 39.18
CA PHE H 387 -26.32 -22.29 38.23
C PHE H 387 -26.85 -21.03 38.90
N VAL H 388 -27.19 -21.12 40.19
CA VAL H 388 -27.68 -19.94 40.90
C VAL H 388 -26.52 -19.00 41.24
N ILE H 389 -25.39 -19.56 41.66
CA ILE H 389 -24.22 -18.74 41.96
C ILE H 389 -23.79 -17.95 40.73
N GLY H 390 -23.98 -18.51 39.53
CA GLY H 390 -23.77 -17.75 38.31
C GLY H 390 -24.94 -16.86 37.95
N GLY H 391 -26.15 -17.24 38.38
CA GLY H 391 -27.31 -16.40 38.14
C GLY H 391 -27.43 -15.19 39.04
N VAL H 392 -26.80 -15.23 40.21
CA VAL H 392 -26.82 -14.10 41.13
C VAL H 392 -25.75 -13.09 40.74
N THR H 393 -25.10 -13.32 39.60
CA THR H 393 -24.14 -12.37 39.05
C THR H 393 -24.62 -11.73 37.75
N GLY H 394 -25.30 -12.50 36.90
CA GLY H 394 -25.85 -11.93 35.68
C GLY H 394 -26.96 -10.93 35.92
N VAL H 395 -27.64 -11.06 37.05
CA VAL H 395 -28.63 -10.04 37.44
C VAL H 395 -27.95 -8.69 37.56
N MET H 396 -26.71 -8.66 38.09
CA MET H 396 -25.96 -7.42 38.13
C MET H 396 -25.58 -6.93 36.73
N LEU H 397 -25.31 -7.87 35.81
CA LEU H 397 -25.02 -7.49 34.43
C LEU H 397 -26.22 -6.84 33.77
N ALA H 398 -27.43 -7.21 34.18
CA ALA H 398 -28.63 -6.60 33.59
C ALA H 398 -28.76 -5.14 33.96
N MET H 399 -28.22 -4.74 35.12
CA MET H 399 -28.27 -3.35 35.57
C MET H 399 -27.37 -2.53 34.68
N ALA H 400 -27.96 -1.82 33.71
CA ALA H 400 -27.19 -1.05 32.75
C ALA H 400 -26.43 0.08 33.43
N ALA H 401 -26.91 0.58 34.57
CA ALA H 401 -26.21 1.65 35.27
C ALA H 401 -24.87 1.16 35.83
N ALA H 402 -24.77 -0.12 36.16
CA ALA H 402 -23.53 -0.70 36.67
C ALA H 402 -22.81 -1.58 35.67
N ASP H 403 -23.40 -1.84 34.50
CA ASP H 403 -22.74 -2.67 33.49
C ASP H 403 -21.50 -2.00 32.91
N TYR H 404 -21.41 -0.68 32.99
CA TYR H 404 -20.27 0.03 32.41
C TYR H 404 -18.97 -0.28 33.16
N GLN H 405 -19.06 -0.64 34.44
CA GLN H 405 -17.86 -0.88 35.23
C GLN H 405 -17.27 -2.27 34.96
N TYR H 406 -18.10 -3.30 34.96
CA TYR H 406 -17.64 -4.68 34.78
C TYR H 406 -18.00 -5.22 33.39
N HIS H 407 -17.96 -4.36 32.37
CA HIS H 407 -18.07 -4.85 31.00
C HIS H 407 -16.75 -5.49 30.60
N ASN H 408 -16.84 -6.70 30.02
CA ASN H 408 -15.68 -7.54 29.72
C ASN H 408 -14.97 -7.82 31.04
N THR H 409 -13.70 -7.45 31.21
CA THR H 409 -12.89 -7.67 32.42
C THR H 409 -13.28 -8.91 33.21
N TYR H 410 -13.14 -10.09 32.60
CA TYR H 410 -13.19 -11.38 33.30
C TYR H 410 -14.46 -11.62 34.11
N PHE H 411 -14.91 -10.62 34.87
CA PHE H 411 -16.16 -10.74 35.60
C PHE H 411 -17.31 -11.11 34.69
N LEU H 412 -17.28 -10.65 33.43
CA LEU H 412 -18.22 -11.12 32.42
C LEU H 412 -17.98 -12.59 32.10
N VAL H 413 -16.71 -12.97 31.91
CA VAL H 413 -16.38 -14.37 31.62
C VAL H 413 -16.71 -15.26 32.81
N SER H 414 -16.44 -14.78 34.03
CA SER H 414 -16.69 -15.59 35.22
C SER H 414 -18.18 -15.81 35.46
N HIS H 415 -19.03 -14.86 35.08
CA HIS H 415 -20.47 -15.03 35.26
C HIS H 415 -20.99 -16.17 34.41
N PHE H 416 -20.74 -16.13 33.11
CA PHE H 416 -21.39 -17.05 32.19
C PHE H 416 -20.83 -18.46 32.29
N HIS H 417 -19.54 -18.61 32.59
CA HIS H 417 -18.97 -19.94 32.77
C HIS H 417 -19.64 -20.68 33.92
N TYR H 418 -20.10 -19.95 34.96
CA TYR H 418 -20.91 -20.57 35.99
C TYR H 418 -22.31 -20.93 35.51
N VAL H 419 -22.81 -20.25 34.48
CA VAL H 419 -24.17 -20.44 34.01
C VAL H 419 -24.26 -21.60 33.03
N LEU H 420 -23.37 -21.65 32.04
CA LEU H 420 -23.50 -22.64 30.98
C LEU H 420 -22.87 -23.99 31.34
N ILE H 421 -21.68 -23.98 31.94
CA ILE H 421 -21.04 -25.25 32.29
C ILE H 421 -21.85 -25.99 33.35
N ALA H 422 -22.37 -25.27 34.34
CA ALA H 422 -23.26 -25.89 35.31
C ALA H 422 -24.61 -26.24 34.70
N GLY H 423 -25.09 -25.43 33.76
CA GLY H 423 -26.37 -25.67 33.13
C GLY H 423 -26.33 -26.75 32.06
N THR H 424 -25.59 -26.49 30.98
CA THR H 424 -25.60 -27.36 29.82
C THR H 424 -24.56 -28.48 29.91
N VAL H 425 -23.31 -28.13 30.24
CA VAL H 425 -22.25 -29.13 30.26
C VAL H 425 -22.55 -30.21 31.30
N PHE H 426 -23.11 -29.81 32.44
CA PHE H 426 -23.56 -30.81 33.40
C PHE H 426 -24.74 -31.61 32.87
N ALA H 427 -25.69 -30.95 32.21
CA ALA H 427 -26.77 -31.68 31.56
C ALA H 427 -26.26 -32.53 30.42
N CYS H 428 -25.23 -32.05 29.71
CA CYS H 428 -24.58 -32.89 28.70
C CYS H 428 -23.86 -34.08 29.34
N PHE H 429 -23.39 -33.92 30.57
CA PHE H 429 -22.85 -35.05 31.31
C PHE H 429 -23.95 -35.83 32.02
N ALA H 430 -25.02 -35.15 32.45
CA ALA H 430 -26.14 -35.84 33.06
C ALA H 430 -26.84 -36.74 32.04
N GLY H 431 -27.25 -36.17 30.90
CA GLY H 431 -27.83 -36.96 29.84
C GLY H 431 -26.88 -37.97 29.23
N PHE H 432 -25.57 -37.77 29.41
CA PHE H 432 -24.59 -38.73 28.91
C PHE H 432 -24.68 -40.05 29.69
N ILE H 433 -24.76 -39.95 31.01
CA ILE H 433 -24.77 -41.14 31.85
C ILE H 433 -26.19 -41.63 32.11
N PHE H 434 -27.12 -40.71 32.37
CA PHE H 434 -28.49 -41.11 32.70
C PHE H 434 -29.16 -41.83 31.54
N TRP H 435 -28.80 -41.50 30.30
CA TRP H 435 -29.34 -42.17 29.13
C TRP H 435 -28.27 -42.93 28.36
N TYR H 436 -27.29 -43.48 29.08
CA TYR H 436 -26.24 -44.29 28.46
C TYR H 436 -26.72 -45.71 28.21
N PRO H 437 -27.46 -46.35 29.13
CA PRO H 437 -28.04 -47.67 28.80
C PRO H 437 -28.90 -47.67 27.55
N LYS H 438 -29.45 -46.51 27.18
CA LYS H 438 -30.14 -46.41 25.90
C LYS H 438 -29.19 -46.63 24.73
N MET H 439 -27.93 -46.22 24.87
CA MET H 439 -27.00 -46.23 23.76
C MET H 439 -26.37 -47.60 23.56
N PHE H 440 -26.04 -48.29 24.64
CA PHE H 440 -25.45 -49.63 24.54
C PHE H 440 -25.75 -50.37 25.83
N GLY H 441 -25.22 -51.59 25.93
CA GLY H 441 -25.48 -52.41 27.10
C GLY H 441 -24.83 -51.87 28.35
N HIS H 442 -25.42 -52.20 29.49
CA HIS H 442 -24.96 -51.75 30.80
C HIS H 442 -24.87 -50.23 30.87
N LYS H 443 -24.06 -49.71 31.77
CA LYS H 443 -23.91 -48.27 31.93
C LYS H 443 -22.51 -47.99 32.47
N LEU H 444 -22.30 -46.78 32.96
CA LEU H 444 -20.99 -46.37 33.48
C LEU H 444 -20.81 -46.85 34.91
N ASN H 445 -19.57 -47.12 35.28
CA ASN H 445 -19.26 -47.50 36.65
C ASN H 445 -19.51 -46.33 37.58
N GLU H 446 -20.30 -46.57 38.63
CA GLU H 446 -20.80 -45.49 39.47
C GLU H 446 -19.74 -45.00 40.45
N ARG H 447 -19.06 -45.92 41.14
CA ARG H 447 -18.15 -45.51 42.21
C ARG H 447 -16.99 -44.67 41.69
N ILE H 448 -16.32 -45.15 40.63
CA ILE H 448 -15.26 -44.34 40.03
C ILE H 448 -15.84 -43.19 39.23
N GLY H 449 -17.14 -43.25 38.88
CA GLY H 449 -17.79 -42.11 38.28
C GLY H 449 -17.98 -40.96 39.25
N LYS H 450 -18.07 -41.27 40.55
CA LYS H 450 -18.11 -40.21 41.56
C LYS H 450 -16.79 -39.45 41.62
N TRP H 451 -15.67 -40.14 41.36
CA TRP H 451 -14.38 -39.45 41.34
C TRP H 451 -14.33 -38.40 40.24
N PHE H 452 -14.96 -38.68 39.10
CA PHE H 452 -15.01 -37.68 38.03
C PHE H 452 -15.89 -36.51 38.40
N PHE H 453 -16.96 -36.74 39.16
CA PHE H 453 -17.85 -35.65 39.54
C PHE H 453 -17.19 -34.69 40.52
N TRP H 454 -16.60 -35.24 41.58
CA TRP H 454 -16.07 -34.39 42.65
C TRP H 454 -14.92 -33.53 42.16
N ILE H 455 -13.97 -34.12 41.44
CA ILE H 455 -12.82 -33.36 40.96
C ILE H 455 -13.25 -32.31 39.95
N PHE H 456 -14.17 -32.66 39.05
CA PHE H 456 -14.69 -31.69 38.10
C PHE H 456 -15.55 -30.63 38.77
N MET H 457 -16.09 -30.93 39.95
CA MET H 457 -16.93 -29.96 40.66
C MET H 457 -16.09 -29.00 41.49
N ILE H 458 -15.12 -29.52 42.25
CA ILE H 458 -14.32 -28.65 43.10
C ILE H 458 -13.38 -27.80 42.27
N GLY H 459 -12.87 -28.34 41.16
CA GLY H 459 -12.03 -27.55 40.26
C GLY H 459 -12.81 -26.52 39.46
N PHE H 460 -14.14 -26.68 39.38
CA PHE H 460 -14.96 -25.73 38.64
C PHE H 460 -15.13 -24.42 39.41
N ASN H 461 -15.10 -24.47 40.73
CA ASN H 461 -15.30 -23.26 41.53
C ASN H 461 -14.00 -22.47 41.68
N ILE H 462 -12.88 -23.15 41.92
CA ILE H 462 -11.60 -22.48 42.12
C ILE H 462 -11.00 -22.05 40.79
N CYS H 463 -11.78 -22.18 39.71
CA CYS H 463 -11.35 -21.75 38.38
C CYS H 463 -11.95 -20.42 37.96
N PHE H 464 -13.22 -20.17 38.30
CA PHE H 464 -13.90 -18.97 37.85
C PHE H 464 -14.35 -18.04 38.98
N PHE H 465 -14.30 -18.49 40.22
CA PHE H 465 -14.65 -17.61 41.34
C PHE H 465 -13.50 -16.65 41.65
N PRO H 466 -12.24 -17.07 41.58
CA PRO H 466 -11.16 -16.06 41.58
C PRO H 466 -11.20 -15.12 40.41
N GLN H 467 -11.82 -15.51 39.29
CA GLN H 467 -11.99 -14.59 38.17
C GLN H 467 -12.97 -13.47 38.53
N TYR H 468 -13.91 -13.74 39.43
CA TYR H 468 -14.76 -12.67 39.97
C TYR H 468 -13.91 -11.61 40.67
N PHE H 469 -12.85 -12.04 41.35
CA PHE H 469 -11.91 -11.09 41.94
C PHE H 469 -10.90 -10.58 40.93
N LEU H 470 -10.49 -11.43 39.98
CA LEU H 470 -9.61 -10.97 38.91
C LEU H 470 -10.24 -9.84 38.12
N GLY H 471 -11.53 -9.96 37.80
CA GLY H 471 -12.19 -8.95 37.01
C GLY H 471 -12.53 -7.69 37.78
N LEU H 472 -12.91 -7.83 39.04
CA LEU H 472 -13.25 -6.66 39.84
C LEU H 472 -12.01 -5.86 40.23
N GLN H 473 -10.87 -6.54 40.39
CA GLN H 473 -9.65 -5.82 40.75
C GLN H 473 -9.10 -5.04 39.55
N GLY H 474 -9.16 -5.60 38.36
CA GLY H 474 -8.76 -4.87 37.17
C GLY H 474 -7.99 -5.69 36.15
N MET H 475 -8.50 -6.87 35.80
CA MET H 475 -7.89 -7.71 34.77
C MET H 475 -8.87 -7.84 33.60
N PRO H 476 -8.65 -7.13 32.51
CA PRO H 476 -9.56 -7.24 31.36
C PRO H 476 -9.45 -8.61 30.70
N ARG H 477 -10.38 -8.87 29.79
CA ARG H 477 -10.41 -10.12 29.06
C ARG H 477 -9.60 -10.01 27.77
N ARG H 478 -9.31 -11.17 27.18
CA ARG H 478 -8.57 -11.25 25.92
C ARG H 478 -7.19 -10.60 26.05
N ILE H 479 -6.43 -11.04 27.05
CA ILE H 479 -5.12 -10.50 27.36
C ILE H 479 -4.19 -11.66 27.67
N TYR H 480 -2.98 -11.62 27.10
CA TYR H 480 -2.03 -12.70 27.24
C TYR H 480 -1.02 -12.49 28.37
N THR H 481 -0.95 -11.29 28.95
CA THR H 481 -0.06 -11.05 30.08
C THR H 481 -0.66 -9.95 30.94
N TYR H 482 -0.73 -10.19 32.25
CA TYR H 482 -1.35 -9.26 33.17
C TYR H 482 -0.36 -8.21 33.69
N GLY H 483 0.76 -8.65 34.25
CA GLY H 483 1.74 -7.76 34.82
C GLY H 483 1.56 -7.63 36.32
N PRO H 484 2.67 -7.37 37.03
CA PRO H 484 2.59 -7.22 38.50
C PRO H 484 1.78 -6.00 38.91
N ASN H 485 0.46 -6.16 38.97
CA ASN H 485 -0.47 -5.09 39.32
C ASN H 485 -1.07 -5.39 40.69
N ASP H 486 -0.56 -4.71 41.72
CA ASP H 486 -1.09 -4.81 43.09
C ASP H 486 -1.07 -6.24 43.61
N GLY H 487 -0.09 -7.03 43.18
CA GLY H 487 0.01 -8.41 43.64
C GLY H 487 -1.13 -9.29 43.20
N TRP H 488 -1.77 -8.96 42.08
CA TRP H 488 -2.88 -9.75 41.53
C TRP H 488 -2.41 -10.86 40.61
N THR H 489 -1.27 -11.47 40.92
CA THR H 489 -0.74 -12.59 40.16
C THR H 489 -1.31 -13.92 40.64
N THR H 490 -1.42 -14.11 41.95
CA THR H 490 -1.90 -15.38 42.49
C THR H 490 -3.35 -15.63 42.11
N LEU H 491 -4.18 -14.57 42.07
CA LEU H 491 -5.57 -14.74 41.66
C LEU H 491 -5.66 -15.23 40.22
N ASN H 492 -4.71 -14.82 39.37
CA ASN H 492 -4.64 -15.34 38.01
C ASN H 492 -4.04 -16.73 37.98
N PHE H 493 -3.13 -17.05 38.91
CA PHE H 493 -2.55 -18.38 38.97
C PHE H 493 -3.51 -19.38 39.61
N ILE H 494 -4.26 -18.96 40.63
CA ILE H 494 -5.26 -19.83 41.23
C ILE H 494 -6.33 -20.20 40.20
N SER H 495 -6.73 -19.24 39.37
CA SER H 495 -7.68 -19.52 38.30
C SER H 495 -7.12 -20.55 37.33
N THR H 496 -5.80 -20.56 37.13
CA THR H 496 -5.17 -21.56 36.28
C THR H 496 -5.09 -22.92 36.98
N VAL H 497 -4.81 -22.92 38.28
CA VAL H 497 -4.77 -24.17 39.03
C VAL H 497 -6.13 -24.85 39.01
N GLY H 498 -7.19 -24.07 39.27
CA GLY H 498 -8.53 -24.60 39.14
C GLY H 498 -8.88 -24.99 37.71
N ALA H 499 -8.28 -24.30 36.73
CA ALA H 499 -8.51 -24.65 35.34
C ALA H 499 -7.92 -26.03 35.02
N PHE H 500 -6.70 -26.30 35.49
CA PHE H 500 -6.08 -27.60 35.23
C PHE H 500 -6.70 -28.71 36.06
N MET H 501 -7.41 -28.37 37.15
CA MET H 501 -8.07 -29.41 37.93
C MET H 501 -9.26 -29.99 37.20
N MET H 502 -9.99 -29.16 36.45
CA MET H 502 -11.07 -29.67 35.61
C MET H 502 -10.55 -30.53 34.47
N GLY H 503 -9.35 -30.24 33.99
CA GLY H 503 -8.73 -31.09 32.98
C GLY H 503 -8.52 -32.51 33.49
N VAL H 504 -8.05 -32.64 34.73
CA VAL H 504 -7.97 -33.94 35.38
C VAL H 504 -9.39 -34.45 35.59
N GLY H 505 -9.79 -35.45 34.80
CA GLY H 505 -11.15 -35.94 34.83
C GLY H 505 -11.63 -36.36 33.46
N PHE H 506 -11.30 -35.57 32.43
CA PHE H 506 -11.63 -35.97 31.07
C PHE H 506 -10.93 -37.26 30.69
N LEU H 507 -9.73 -37.51 31.25
CA LEU H 507 -9.11 -38.81 31.12
C LEU H 507 -9.94 -39.88 31.82
N ILE H 508 -10.47 -39.55 33.00
CA ILE H 508 -11.34 -40.48 33.71
C ILE H 508 -12.64 -40.68 32.93
N LEU H 509 -13.18 -39.59 32.37
CA LEU H 509 -14.40 -39.72 31.57
C LEU H 509 -14.18 -40.64 30.38
N CYS H 510 -13.03 -40.54 29.73
CA CYS H 510 -12.72 -41.44 28.62
C CYS H 510 -12.33 -42.83 29.11
N TYR H 511 -11.74 -42.92 30.31
CA TYR H 511 -11.45 -44.23 30.90
C TYR H 511 -12.73 -44.96 31.23
N ASN H 512 -13.78 -44.22 31.63
CA ASN H 512 -15.07 -44.85 31.90
C ASN H 512 -15.71 -45.38 30.62
N ILE H 513 -15.50 -44.69 29.49
CA ILE H 513 -16.02 -45.18 28.21
C ILE H 513 -15.21 -46.38 27.71
N TYR H 514 -13.99 -46.56 28.23
CA TYR H 514 -13.18 -47.70 27.82
C TYR H 514 -13.82 -49.02 28.21
N TYR H 515 -14.73 -49.02 29.18
CA TYR H 515 -15.46 -50.23 29.58
C TYR H 515 -16.46 -50.59 28.49
N SER H 516 -15.94 -51.22 27.44
CA SER H 516 -16.77 -51.60 26.30
C SER H 516 -16.17 -52.79 25.56
N GLY H 530 -32.34 -48.68 37.71
CA GLY H 530 -32.91 -47.42 37.28
C GLY H 530 -34.36 -47.23 37.70
N VAL H 531 -34.71 -45.99 38.03
CA VAL H 531 -36.07 -45.66 38.46
C VAL H 531 -36.72 -44.78 37.40
N GLY H 532 -37.00 -45.36 36.24
CA GLY H 532 -37.58 -44.59 35.16
C GLY H 532 -39.02 -44.19 35.47
N ARG H 533 -39.41 -43.04 34.93
CA ARG H 533 -40.76 -42.53 35.10
C ARG H 533 -41.41 -42.11 33.78
N THR H 534 -40.72 -42.24 32.65
CA THR H 534 -41.27 -41.94 31.35
C THR H 534 -40.99 -43.14 30.44
N LEU H 535 -41.01 -42.90 29.13
CA LEU H 535 -40.81 -43.98 28.17
C LEU H 535 -39.33 -44.27 27.96
N ASP H 536 -38.51 -44.02 28.98
CA ASP H 536 -37.08 -44.30 28.90
C ASP H 536 -36.82 -45.80 28.91
N TRP H 537 -37.04 -46.44 30.06
CA TRP H 537 -36.88 -47.88 30.20
C TRP H 537 -38.14 -48.65 29.87
N ALA H 538 -39.17 -47.99 29.32
CA ALA H 538 -40.37 -48.68 28.89
C ALA H 538 -40.16 -49.52 27.63
N THR H 539 -38.93 -49.54 27.11
CA THR H 539 -38.63 -50.32 25.92
C THR H 539 -38.67 -51.82 26.25
N SER H 540 -38.62 -52.63 25.18
CA SER H 540 -38.69 -54.07 25.35
C SER H 540 -37.51 -54.61 26.15
N SER H 541 -36.35 -53.96 26.03
CA SER H 541 -35.13 -54.37 26.74
C SER H 541 -34.12 -53.24 26.60
N ALA H 542 -32.89 -53.49 27.04
CA ALA H 542 -31.80 -52.56 26.81
C ALA H 542 -31.52 -52.45 25.31
N ILE H 543 -30.76 -51.41 24.95
CA ILE H 543 -30.54 -50.95 23.58
C ILE H 543 -31.79 -51.20 22.74
N PRO H 544 -32.74 -50.25 22.75
CA PRO H 544 -34.02 -50.50 22.11
C PRO H 544 -33.86 -50.76 20.62
N PRO H 545 -34.76 -51.52 20.02
CA PRO H 545 -34.59 -51.89 18.60
C PRO H 545 -34.83 -50.72 17.67
N HIS H 546 -34.81 -50.99 16.36
CA HIS H 546 -34.97 -49.93 15.38
C HIS H 546 -36.38 -49.37 15.38
N TYR H 547 -37.39 -50.25 15.41
CA TYR H 547 -38.77 -49.79 15.34
C TYR H 547 -39.23 -49.13 16.64
N ASN H 548 -38.50 -49.30 17.73
CA ASN H 548 -38.79 -48.75 19.07
C ASN H 548 -40.25 -48.81 19.47
N PHE H 549 -40.57 -49.69 20.43
CA PHE H 549 -41.93 -49.95 20.92
C PHE H 549 -42.76 -50.67 19.87
N ALA H 550 -43.13 -51.91 20.15
CA ALA H 550 -43.93 -52.68 19.19
C ALA H 550 -45.34 -52.12 19.09
N VAL H 551 -45.94 -51.77 20.23
CA VAL H 551 -47.27 -51.15 20.27
C VAL H 551 -47.14 -49.78 20.92
N LEU H 552 -48.02 -48.87 20.53
CA LEU H 552 -47.98 -47.52 21.08
C LEU H 552 -48.68 -47.48 22.44
N PRO H 553 -48.06 -46.90 23.46
CA PRO H 553 -48.70 -46.85 24.77
C PRO H 553 -49.88 -45.87 24.77
N GLU H 554 -50.92 -46.23 25.51
CA GLU H 554 -52.08 -45.34 25.65
C GLU H 554 -51.80 -44.18 26.61
N VAL H 555 -50.94 -44.40 27.60
CA VAL H 555 -50.57 -43.38 28.59
C VAL H 555 -51.82 -42.85 29.30
N LYS H 556 -52.45 -41.83 28.72
CA LYS H 556 -53.63 -41.19 29.30
C LYS H 556 -53.37 -40.70 30.71
N SER H 557 -52.14 -40.26 30.98
CA SER H 557 -51.74 -39.75 32.29
C SER H 557 -50.51 -38.87 32.10
N GLN H 558 -50.05 -38.27 33.19
CA GLN H 558 -48.90 -37.38 33.11
C GLN H 558 -47.60 -38.17 33.04
N ASP H 559 -47.46 -39.21 33.85
CA ASP H 559 -46.28 -40.07 33.85
C ASP H 559 -46.71 -41.48 33.45
N ALA H 560 -46.14 -41.99 32.36
CA ALA H 560 -46.60 -43.26 31.81
C ALA H 560 -46.01 -44.46 32.53
N PHE H 561 -44.70 -44.44 32.79
CA PHE H 561 -44.02 -45.65 33.27
C PHE H 561 -44.50 -46.05 34.66
N LEU H 562 -44.70 -45.08 35.56
CA LEU H 562 -45.15 -45.42 36.91
C LEU H 562 -46.57 -45.96 36.89
N HIS H 563 -47.44 -45.38 36.07
CA HIS H 563 -48.79 -45.91 35.91
C HIS H 563 -48.82 -47.20 35.10
N MET H 564 -47.70 -47.59 34.49
CA MET H 564 -47.59 -48.84 33.75
C MET H 564 -46.64 -49.82 34.43
N LYS H 565 -46.54 -49.75 35.76
CA LYS H 565 -45.70 -50.70 36.50
C LYS H 565 -46.44 -51.20 37.72
N GLU H 566 -46.56 -50.36 38.75
CA GLU H 566 -47.31 -50.74 39.94
C GLU H 566 -48.80 -50.79 39.63
N GLU H 567 -49.32 -49.77 38.95
CA GLU H 567 -50.72 -49.75 38.54
C GLU H 567 -50.87 -50.64 37.31
N LYS H 568 -51.54 -51.77 37.47
CA LYS H 568 -51.74 -52.75 36.40
C LYS H 568 -50.35 -53.22 35.93
N THR H 569 -50.21 -53.53 34.64
CA THR H 569 -48.92 -53.95 34.11
C THR H 569 -48.67 -53.30 32.75
N GLU H 570 -49.44 -53.70 31.74
CA GLU H 570 -49.36 -53.16 30.38
C GLU H 570 -48.00 -53.43 29.75
N LEU H 571 -47.95 -54.36 28.80
CA LEU H 571 -46.70 -54.75 28.15
C LEU H 571 -46.91 -54.68 26.64
N TYR H 572 -46.10 -55.45 25.90
CA TYR H 572 -46.23 -55.58 24.46
C TYR H 572 -46.74 -56.97 24.10
N PRO H 573 -48.05 -57.19 24.13
CA PRO H 573 -48.57 -58.54 23.90
C PRO H 573 -48.46 -58.95 22.43
N GLU H 574 -48.14 -60.21 22.21
CA GLU H 574 -48.06 -60.75 20.86
C GLU H 574 -49.46 -60.83 20.24
N SER H 575 -49.50 -61.09 18.93
CA SER H 575 -50.70 -61.14 18.10
C SER H 575 -51.37 -59.79 17.96
N LYS H 576 -50.84 -58.74 18.59
CA LYS H 576 -51.34 -57.38 18.43
C LYS H 576 -50.37 -56.52 17.62
N PHE H 577 -49.36 -57.14 17.01
CA PHE H 577 -48.38 -56.42 16.21
C PHE H 577 -48.95 -56.07 14.85
N LYS H 578 -48.17 -55.34 14.05
CA LYS H 578 -48.60 -54.94 12.71
C LYS H 578 -47.40 -54.74 11.79
N LYS H 579 -47.55 -53.91 10.76
CA LYS H 579 -46.54 -53.79 9.73
C LYS H 579 -45.40 -52.89 10.21
N ILE H 580 -44.47 -52.57 9.30
CA ILE H 580 -43.29 -51.77 9.61
C ILE H 580 -43.43 -50.37 9.03
N HIS H 581 -42.40 -49.54 9.21
CA HIS H 581 -42.39 -48.15 8.73
C HIS H 581 -41.70 -47.98 7.39
N MET H 582 -40.55 -48.62 7.18
CA MET H 582 -39.75 -48.56 5.96
C MET H 582 -39.36 -47.13 5.56
N PRO H 583 -38.54 -46.42 6.37
CA PRO H 583 -37.89 -45.21 5.85
C PRO H 583 -36.41 -45.43 5.59
N SER H 584 -36.09 -46.09 4.47
CA SER H 584 -34.72 -46.56 4.25
C SER H 584 -33.78 -45.39 4.00
N ASN H 585 -32.51 -45.72 3.80
CA ASN H 585 -31.44 -44.73 3.69
C ASN H 585 -31.32 -44.21 2.27
N SER H 586 -30.79 -42.98 2.16
CA SER H 586 -30.49 -42.37 0.87
C SER H 586 -29.14 -41.70 0.96
N GLY H 587 -28.28 -41.96 -0.04
CA GLY H 587 -26.93 -41.45 -0.04
C GLY H 587 -26.76 -40.01 -0.44
N ARG H 588 -27.86 -39.27 -0.62
CA ARG H 588 -27.80 -37.88 -1.07
C ARG H 588 -27.39 -36.92 0.04
N PRO H 589 -27.93 -37.02 1.26
CA PRO H 589 -27.51 -36.10 2.33
C PRO H 589 -26.00 -36.04 2.53
N PHE H 590 -25.29 -37.17 2.37
CA PHE H 590 -23.83 -37.13 2.48
C PHE H 590 -23.22 -36.40 1.29
N PHE H 591 -23.68 -36.72 0.09
CA PHE H 591 -23.17 -36.01 -1.10
C PHE H 591 -23.61 -34.56 -1.12
N MET H 592 -24.76 -34.24 -0.51
CA MET H 592 -25.20 -32.86 -0.47
C MET H 592 -24.35 -32.03 0.49
N SER H 593 -24.02 -32.59 1.65
CA SER H 593 -23.20 -31.85 2.61
C SER H 593 -21.75 -31.75 2.16
N VAL H 594 -21.28 -32.74 1.37
CA VAL H 594 -19.95 -32.62 0.78
C VAL H 594 -19.91 -31.45 -0.19
N ALA H 595 -20.99 -31.25 -0.95
CA ALA H 595 -21.08 -30.10 -1.84
C ALA H 595 -21.04 -28.79 -1.07
N PHE H 596 -21.72 -28.74 0.08
CA PHE H 596 -21.64 -27.56 0.93
C PHE H 596 -20.25 -27.41 1.53
N GLY H 597 -19.64 -28.51 1.97
CA GLY H 597 -18.28 -28.44 2.47
C GLY H 597 -17.27 -28.12 1.39
N LEU H 598 -17.50 -28.61 0.17
CA LEU H 598 -16.59 -28.31 -0.93
C LEU H 598 -16.70 -26.84 -1.35
N ALA H 599 -17.92 -26.33 -1.45
CA ALA H 599 -18.11 -24.92 -1.81
C ALA H 599 -17.61 -24.01 -0.70
N GLY H 600 -17.80 -24.41 0.56
CA GLY H 600 -17.33 -23.58 1.66
C GLY H 600 -15.81 -23.50 1.72
N PHE H 601 -15.14 -24.65 1.62
CA PHE H 601 -13.69 -24.66 1.67
C PHE H 601 -13.09 -23.93 0.48
N GLY H 602 -13.73 -23.99 -0.68
CA GLY H 602 -13.20 -23.31 -1.85
C GLY H 602 -13.24 -21.80 -1.71
N LEU H 603 -14.30 -21.27 -1.10
CA LEU H 603 -14.41 -19.83 -0.90
C LEU H 603 -13.53 -19.32 0.23
N VAL H 604 -13.19 -20.18 1.20
CA VAL H 604 -12.39 -19.76 2.35
C VAL H 604 -10.92 -19.77 1.99
N PHE H 605 -10.37 -20.97 1.75
CA PHE H 605 -8.95 -21.12 1.42
C PHE H 605 -8.62 -20.40 0.13
N GLU H 606 -8.06 -19.20 0.25
CA GLU H 606 -7.76 -18.33 -0.88
C GLU H 606 -9.06 -18.05 -1.63
N TRP H 607 -8.98 -17.79 -2.94
CA TRP H 607 -10.13 -17.44 -3.77
C TRP H 607 -10.91 -16.27 -3.17
N TYR H 608 -10.25 -15.12 -3.17
CA TYR H 608 -10.79 -13.93 -2.51
C TYR H 608 -11.99 -13.39 -3.26
N TRP H 609 -11.78 -12.96 -4.51
CA TRP H 609 -12.84 -12.29 -5.26
C TRP H 609 -13.95 -13.26 -5.65
N MET H 610 -13.59 -14.35 -6.33
CA MET H 610 -14.57 -15.35 -6.75
C MET H 610 -13.97 -16.73 -6.52
N GLY H 611 -14.84 -17.75 -6.57
CA GLY H 611 -14.42 -19.11 -6.34
C GLY H 611 -14.60 -20.02 -7.53
N VAL H 612 -13.51 -20.67 -7.95
CA VAL H 612 -13.60 -21.61 -9.07
C VAL H 612 -14.36 -22.87 -8.66
N VAL H 613 -13.99 -23.45 -7.51
CA VAL H 613 -14.66 -24.63 -7.00
C VAL H 613 -15.83 -24.29 -6.09
N GLY H 614 -15.96 -23.03 -5.65
CA GLY H 614 -17.07 -22.65 -4.81
C GLY H 614 -18.41 -22.68 -5.55
N LEU H 615 -18.39 -22.39 -6.85
CA LEU H 615 -19.61 -22.43 -7.65
C LEU H 615 -20.05 -23.87 -7.95
N ILE H 616 -19.12 -24.83 -7.92
CA ILE H 616 -19.49 -26.22 -8.20
C ILE H 616 -20.34 -26.79 -7.06
N GLY H 617 -20.03 -26.40 -5.82
CA GLY H 617 -20.83 -26.89 -4.69
C GLY H 617 -22.29 -26.49 -4.79
N VAL H 618 -22.57 -25.25 -5.22
CA VAL H 618 -23.94 -24.83 -5.45
C VAL H 618 -24.53 -25.60 -6.63
N LEU H 619 -23.71 -25.89 -7.65
CA LEU H 619 -24.19 -26.67 -8.78
C LEU H 619 -24.57 -28.08 -8.36
N LEU H 620 -23.75 -28.71 -7.52
CA LEU H 620 -24.07 -30.04 -7.05
C LEU H 620 -25.27 -30.03 -6.10
N CYS H 621 -25.43 -28.94 -5.34
CA CYS H 621 -26.57 -28.86 -4.43
C CYS H 621 -27.88 -28.71 -5.21
N MET H 622 -27.91 -27.81 -6.19
CA MET H 622 -29.13 -27.60 -6.96
C MET H 622 -29.47 -28.82 -7.81
N VAL H 623 -28.46 -29.56 -8.26
CA VAL H 623 -28.72 -30.83 -8.94
C VAL H 623 -29.33 -31.83 -7.96
N LEU H 624 -28.82 -31.86 -6.73
CA LEU H 624 -29.38 -32.75 -5.72
C LEU H 624 -30.71 -32.23 -5.19
N ARG H 625 -30.92 -30.92 -5.20
CA ARG H 625 -32.24 -30.39 -4.83
C ARG H 625 -33.30 -30.69 -5.87
N SER H 626 -32.90 -30.91 -7.13
CA SER H 626 -33.85 -31.46 -8.09
C SER H 626 -34.11 -32.92 -7.82
N PHE H 627 -33.08 -33.66 -7.38
CA PHE H 627 -33.24 -35.04 -6.96
C PHE H 627 -34.11 -35.15 -5.71
N GLU H 628 -34.26 -34.05 -4.95
CA GLU H 628 -35.10 -34.07 -3.76
C GLU H 628 -36.55 -34.41 -4.10
N TYR H 629 -37.11 -33.73 -5.10
CA TYR H 629 -38.48 -33.97 -5.54
C TYR H 629 -38.53 -34.72 -6.87
N ASP H 630 -37.55 -35.58 -7.12
CA ASP H 630 -37.56 -36.47 -8.27
C ASP H 630 -37.41 -37.93 -7.85
N ASN H 631 -37.42 -38.21 -6.54
CA ASN H 631 -37.28 -39.55 -6.01
C ASN H 631 -38.57 -39.92 -5.28
N GLY H 632 -39.25 -40.94 -5.78
CA GLY H 632 -40.50 -41.39 -5.18
C GLY H 632 -40.24 -42.48 -4.15
N TYR H 633 -40.77 -42.30 -2.95
CA TYR H 633 -40.58 -43.26 -1.87
C TYR H 633 -41.80 -43.34 -0.96
#